data_6PZK
#
_entry.id   6PZK
#
_cell.length_a   1.00
_cell.length_b   1.00
_cell.length_c   1.00
_cell.angle_alpha   90.00
_cell.angle_beta   90.00
_cell.angle_gamma   90.00
#
_symmetry.space_group_name_H-M   'P 1'
#
loop_
_entity.id
_entity.type
_entity.pdbx_description
1 polymer 'RNA-directed RNA polymerase L'
2 polymer Phosphoprotein
#
loop_
_entity_poly.entity_id
_entity_poly.type
_entity_poly.pdbx_seq_one_letter_code
_entity_poly.pdbx_strand_id
1 'polypeptide(L)'
;MGSWSHPQFEKGSGSGSSWSHPQFEKGSGSLVPRGSMDPIINGNSANVYLTDSYLKGVISFSECNALGSYIFNGPYLKND
YTNLISRQNPLIEHMNLKKLNITQSLISKYHKGEIKLEEPTYFQSLLMTYKSMTSSEQIATTNLLKKIIRRAIEISDVKV
YAILNKLGLKEKDKIKSNNGQDEDNSVITTIIKDDILSAVKDNQSHLKADKNHSTKQKDTIKTTLLKKLMCSMQHPPSWL
IHWFNLYTKLNNILTQYRSNEVKNHGFTLIDNQTLSGFQFILNQYGCIVYHKELKRITVTTYNQFLTWKDISLSRLNVCL
ITWISNCLNTLNKSLGLRCGFNNVILTQLFLYGDCILKLFHNEGFYIIKEVEGFIMSLILNITEEDQFRKRFYNSMLNNI
TDAANKAQKNLLSRVCHTLLDKTVSDNIINGRWIILLSKFLKLIKLAGDNNLNNLSELYFLFRIFGHPMVDERQAMDAVK
INCNETKFYLLSSLSMLRGAFIYRIIKGFVNNYNRWPTLRNAIVLPLRWLTYYKLNTYPSLLELTERDLIVLSGLRFYRE
FRLPKKVDLEMIINDKAISPPKNLIWTSFPRNYMPSHIQNYIEHEKLKFSESDKSRRVLEYYLRDNKFNECDLYNCVVNQ
SYLNNPNHVVSLTGKERELSVGRMFAMQPGMFRQVQILAEKMIAENILQFFPESLTRYGDLELQKILELKAGISNKSNRY
NDNYNNYISKCSIITDLSKFNQAFRYETSCICSDVLDELHGVQSLFSWLHLTIPHVTIICTYRHAPPYIGDHIVDLNNVD
EQSGLYRYHMGGIEGWCQKLWTIEAISLLDLISLKGKFSITALINGDNQSIDISKPIRLMEGQTHAQADYLLALNSLKLL
YKEYAGIGHKLKGTETYISRDMQFMSKTIQHNGVYYPASIKKVLRVGPWINTILDDFKVSLESIGSLTQELEYRGESLLC
SLIFRNVWLYNQIALQLKNHALCNNKLYLDILKVLKHLKTFFNLDNIDTALTLYMNLPMLFGGGDPNLLYRSFYRRTPDF
LTEAIVHSVFILSYYTNHDLKDKLQDLSDDRLNKFLTCIITFDKNPNAEFVTLMRDPQALGSERQAKITSEINRLAVTEV
LSTAPNKIFSKSAQHYTTTEIDLNDIMQNIEPTYPHGLRVVYESLPFYKAEKIVNLISGTKSITNILEKTSAIDLTDIDR
ATEMMRKNITLLIRILPLDCNRDKREILSMENLSITELSKYVRERSWSLSNIVGVTSPSIMYTMDIKYTTSTISSGIIIE
KYNVNSLTRGERGPTKPWVGSSTQEKKTMPVYNRQVLTKKQRDQIDLLAKLDWVYASIDNKDEFMEELSIGTLGLTYEKA
KKLFPQYLSVNYLHRLTVSSRPCEFPASIPAYRTTNYHFDTSPINRILTEKYGDEDIDIVFQNCISFGLSLMSVVEQFTN
VCPNRIILIPKLNEIHLMKPPIFTGDVDIHKLKQVIQKQHMFLPDKISLTQYVELFLSNKTLKSGSHVNSNLILAHKISD
YFHNTYILSTNLAGHWILIIQLMKDSKGIFEKDWGEGYITDHMFINLKVFFNAYKTYLLCFHKGYGKAKLECDMNTSDLL
CVLELIDSSYWKSMSKVFLEQKVIKYILSQDASLHRVKGCHSFKLWFLKRLNVAEFTVCPWVVNIDYHPTHMKAILTYID
LVRMGLINIDRIHIKNKHKFNDEFYTSNLFYINYNFSDNTHLLTKHIRIANSELENNYNKLYHPTPETLENILANPIKSN
DKKTLNDYCIGKNVDSIMLPLLSNKKLIKSSAMIRTNYSKQDLYNLFPMVVIDRIIDHSGNTAKSNQLYTTTSHQISLVH
NSTSLYCMLPWHHINRFNFVFSSTGCKISIEYILKDLKIKDPNCIAFIGEGAGNLLLRTVVELHPDIRYIYRSLKDCNDH
SLPIEFLRLYNGHINIDYGENLTIPATDATNNIHWSYLHIKFAEPISLFVCDAELSVTVNWSKIIIEWSKHVRKCKYCSS
VNKCMLIVKYHAQDDIDFKLDNITILKTYVCLGSKLKGSEVYLVLTIGPANIFPVFNVVQNAKLILSRTKNFIMPKKADK
ESIDANIKSLIPFLCYPITKKGINTALSKLKSVVSGDILSYSIAGRNEVFSNKLINHKHMNILKWFNHVLNFRSTELNYN
HLYMVESTYPYLSELLNSLTTNELKKLIKITGSLLYNFHNE
;
A
2 'polypeptide(L)'
;MEKFAPEFHGEDANNRATKFLESIKGKFTSPKDPKKKDSIISVNSIDIEVTKESPITSNSTIINPTNETDDTAGNKPNYQ
RKPLVSFKEDPTPSDNPFSKLYKETIETFDNNEEESSYSYEEINDQTNDNITARLDRIDEKLSEILGMLHTLVVASAGPT
SARDGIRDAMIGLREEMIEKIRTEALMTNDRLEAMARLRNEESEKMAKDTSDEVSLNPTSEKLNNLLEGNDSDNDLSLED
FKGENKYFQGHHHHHH
;
B,C,D,E
#
# COMPACT_ATOMS: atom_id res chain seq x y z
N ASN A 47 -12.23 -30.31 16.91
CA ASN A 47 -11.86 -28.93 16.51
C ASN A 47 -10.59 -28.95 15.67
N VAL A 48 -10.45 -28.09 14.66
CA VAL A 48 -9.42 -28.21 13.62
C VAL A 48 -8.51 -26.98 13.55
N TYR A 49 -7.21 -27.19 13.33
CA TYR A 49 -6.27 -26.14 12.94
C TYR A 49 -5.83 -26.41 11.49
N LEU A 50 -5.81 -25.36 10.66
CA LEU A 50 -5.25 -25.43 9.32
C LEU A 50 -4.04 -24.50 9.27
N THR A 51 -2.88 -25.07 8.99
CA THR A 51 -1.57 -24.42 8.91
C THR A 51 -1.32 -23.78 7.55
N ASP A 52 -0.47 -22.76 7.52
CA ASP A 52 -0.10 -22.03 6.32
C ASP A 52 0.50 -22.92 5.23
N SER A 53 0.30 -22.51 3.98
CA SER A 53 0.76 -23.23 2.78
C SER A 53 1.90 -22.51 2.05
N TYR A 54 2.19 -21.27 2.43
CA TYR A 54 3.20 -20.38 1.84
C TYR A 54 3.73 -19.49 2.95
N LEU A 55 4.91 -18.91 2.75
CA LEU A 55 5.39 -17.94 3.70
C LEU A 55 4.45 -16.73 3.72
N LYS A 56 4.00 -16.37 4.92
CA LYS A 56 3.34 -15.12 5.24
C LYS A 56 3.88 -14.64 6.58
N GLY A 57 3.91 -13.33 6.79
CA GLY A 57 4.64 -12.78 7.93
C GLY A 57 6.16 -12.86 7.75
N VAL A 58 6.84 -13.72 8.49
CA VAL A 58 8.28 -13.55 8.79
C VAL A 58 8.96 -14.87 9.15
N ILE A 59 10.29 -14.98 8.98
CA ILE A 59 11.07 -16.07 9.59
C ILE A 59 11.51 -15.61 10.97
N SER A 60 10.88 -16.14 12.01
CA SER A 60 11.16 -15.75 13.39
C SER A 60 12.51 -16.27 13.86
N PHE A 61 13.49 -15.39 14.05
CA PHE A 61 14.82 -15.75 14.56
C PHE A 61 14.74 -16.26 15.99
N SER A 62 14.03 -15.54 16.87
CA SER A 62 13.91 -15.95 18.26
C SER A 62 13.09 -17.22 18.44
N GLU A 63 12.35 -17.72 17.44
CA GLU A 63 11.81 -19.07 17.53
C GLU A 63 12.91 -20.10 17.27
N CYS A 64 13.68 -19.95 16.20
CA CYS A 64 14.77 -20.88 15.91
C CYS A 64 15.75 -20.93 17.07
N ASN A 65 16.08 -19.77 17.64
CA ASN A 65 16.89 -19.71 18.84
C ASN A 65 16.23 -20.40 20.02
N ALA A 66 14.98 -20.06 20.38
CA ALA A 66 14.32 -20.64 21.54
C ALA A 66 14.20 -22.15 21.44
N LEU A 67 13.85 -22.67 20.26
CA LEU A 67 13.67 -24.08 20.01
C LEU A 67 15.00 -24.84 20.03
N GLY A 68 15.99 -24.40 19.27
CA GLY A 68 17.26 -25.09 19.18
C GLY A 68 18.04 -25.02 20.48
N SER A 69 17.91 -23.94 21.24
CA SER A 69 18.62 -23.80 22.50
C SER A 69 18.12 -24.76 23.55
N TYR A 70 16.81 -25.00 23.60
CA TYR A 70 16.21 -26.00 24.46
C TYR A 70 16.55 -27.42 24.00
N ILE A 71 16.43 -27.69 22.71
CA ILE A 71 16.67 -29.02 22.18
C ILE A 71 18.07 -29.50 22.52
N PHE A 72 19.10 -28.65 22.41
CA PHE A 72 20.48 -29.03 22.71
C PHE A 72 20.97 -28.67 24.11
N ASN A 73 20.17 -27.96 24.90
CA ASN A 73 20.56 -27.39 26.19
C ASN A 73 21.87 -26.60 26.08
N GLY A 74 21.92 -25.65 25.16
CA GLY A 74 22.94 -24.62 25.08
C GLY A 74 22.59 -23.54 24.05
N PRO A 75 23.14 -22.34 24.13
CA PRO A 75 22.75 -21.20 23.29
C PRO A 75 22.98 -21.49 21.82
N TYR A 76 21.92 -21.57 21.03
CA TYR A 76 21.99 -22.05 19.65
C TYR A 76 22.32 -20.97 18.65
N LEU A 77 21.38 -20.11 18.23
CA LEU A 77 21.69 -19.06 17.25
C LEU A 77 22.36 -17.86 17.88
N LYS A 78 22.03 -17.51 19.13
CA LYS A 78 22.58 -16.35 19.84
C LYS A 78 22.47 -16.50 21.35
N ASN A 79 23.36 -15.89 22.12
CA ASN A 79 23.35 -15.99 23.58
C ASN A 79 22.38 -15.01 24.30
N ASP A 80 21.50 -14.31 23.58
CA ASP A 80 20.50 -13.37 24.14
C ASP A 80 19.32 -14.09 24.78
N TYR A 81 18.57 -13.41 25.67
CA TYR A 81 17.82 -14.01 26.78
C TYR A 81 16.84 -15.13 26.43
N THR A 82 16.24 -15.13 25.23
CA THR A 82 15.31 -16.20 24.83
C THR A 82 15.92 -17.59 24.97
N ASN A 83 17.23 -17.76 24.74
CA ASN A 83 17.83 -19.09 24.83
C ASN A 83 17.88 -19.57 26.29
N LEU A 84 18.11 -18.64 27.23
CA LEU A 84 18.22 -18.93 28.65
C LEU A 84 16.86 -19.27 29.24
N ILE A 85 15.83 -18.48 28.92
CA ILE A 85 14.49 -18.75 29.42
C ILE A 85 13.87 -19.99 28.80
N SER A 86 14.12 -20.25 27.51
CA SER A 86 13.69 -21.49 26.87
C SER A 86 14.37 -22.74 27.47
N ARG A 87 15.63 -22.66 27.90
CA ARG A 87 16.27 -23.75 28.67
C ARG A 87 15.78 -23.88 30.11
N GLN A 88 15.46 -22.77 30.78
CA GLN A 88 14.98 -22.78 32.17
C GLN A 88 13.59 -23.39 32.28
N ASN A 89 12.68 -22.98 31.40
CA ASN A 89 11.26 -23.30 31.47
C ASN A 89 10.72 -23.52 30.04
N PRO A 90 10.95 -24.72 29.46
CA PRO A 90 10.66 -24.96 28.06
C PRO A 90 9.18 -24.86 27.78
N LEU A 91 8.87 -24.63 26.52
CA LEU A 91 7.51 -24.45 26.03
C LEU A 91 6.88 -25.79 25.66
N ILE A 92 5.60 -25.99 25.92
CA ILE A 92 4.95 -27.30 25.70
C ILE A 92 4.92 -27.69 24.23
N GLU A 93 4.69 -26.72 23.36
CA GLU A 93 4.84 -26.88 21.90
C GLU A 93 6.22 -27.41 21.45
N HIS A 94 7.27 -27.21 22.26
CA HIS A 94 8.64 -27.68 21.99
C HIS A 94 9.00 -28.95 22.75
N MET A 95 8.49 -29.13 23.96
CA MET A 95 8.59 -30.42 24.66
C MET A 95 8.05 -31.54 23.77
N ASN A 96 6.91 -31.34 23.13
CA ASN A 96 6.31 -32.30 22.20
C ASN A 96 7.16 -32.58 20.95
N LEU A 97 8.13 -31.72 20.59
CA LEU A 97 9.17 -32.05 19.63
C LEU A 97 10.27 -32.86 20.33
N LYS A 98 10.92 -32.33 21.36
CA LYS A 98 12.11 -32.94 21.96
C LYS A 98 11.86 -34.35 22.51
N LYS A 99 10.66 -34.63 23.01
CA LYS A 99 10.26 -35.94 23.55
C LYS A 99 10.05 -37.04 22.51
N LEU A 100 10.01 -36.72 21.22
CA LEU A 100 9.85 -37.72 20.16
C LEU A 100 11.00 -38.73 20.20
N ASN A 101 10.69 -40.01 20.11
CA ASN A 101 11.71 -41.06 20.15
C ASN A 101 12.73 -40.99 18.99
N ILE A 102 12.45 -40.29 17.89
CA ILE A 102 13.49 -39.96 16.92
C ILE A 102 14.41 -38.84 17.39
N THR A 103 13.90 -37.66 17.77
CA THR A 103 14.83 -36.57 18.08
C THR A 103 15.54 -36.78 19.41
N GLN A 104 14.96 -37.51 20.35
CA GLN A 104 15.67 -37.89 21.57
C GLN A 104 16.88 -38.76 21.24
N SER A 105 16.81 -39.57 20.19
CA SER A 105 17.97 -40.28 19.66
C SER A 105 18.98 -39.33 19.02
N LEU A 106 18.55 -38.41 18.16
CA LEU A 106 19.46 -37.43 17.53
C LEU A 106 20.21 -36.58 18.56
N ILE A 107 19.55 -36.11 19.61
CA ILE A 107 20.19 -35.36 20.69
C ILE A 107 21.20 -36.23 21.44
N SER A 108 20.89 -37.49 21.70
CA SER A 108 21.85 -38.42 22.32
C SER A 108 23.06 -38.64 21.42
N LYS A 109 22.87 -38.66 20.09
CA LYS A 109 23.94 -38.77 19.11
C LYS A 109 24.79 -37.51 19.01
N TYR A 110 24.20 -36.34 19.17
CA TYR A 110 24.88 -35.06 19.24
C TYR A 110 25.77 -34.91 20.48
N HIS A 111 25.30 -35.30 21.68
CA HIS A 111 26.13 -35.31 22.89
C HIS A 111 27.19 -36.42 22.92
N LYS A 112 27.00 -37.49 22.15
CA LYS A 112 28.06 -38.46 21.82
C LYS A 112 29.07 -37.91 20.80
N GLY A 113 28.74 -36.79 20.14
CA GLY A 113 29.62 -36.06 19.24
C GLY A 113 29.70 -36.61 17.82
N GLU A 114 28.89 -37.61 17.46
CA GLU A 114 28.93 -38.21 16.12
C GLU A 114 28.35 -37.29 15.04
N ILE A 115 27.55 -36.30 15.43
CA ILE A 115 26.83 -35.35 14.57
C ILE A 115 27.00 -33.92 15.06
N LYS A 116 26.93 -33.00 14.11
CA LYS A 116 27.47 -31.64 14.14
C LYS A 116 26.34 -30.67 13.85
N LEU A 117 26.36 -29.49 14.44
CA LEU A 117 25.17 -28.64 14.55
C LEU A 117 25.47 -27.37 13.77
N GLU A 118 24.47 -26.95 13.03
CA GLU A 118 24.49 -26.10 11.87
C GLU A 118 23.27 -25.21 11.90
N GLU A 119 23.27 -24.12 11.15
CA GLU A 119 22.29 -23.06 11.22
C GLU A 119 21.55 -23.01 9.87
N PRO A 120 20.22 -22.83 9.82
CA PRO A 120 19.37 -23.26 8.72
C PRO A 120 19.77 -22.83 7.31
N THR A 121 20.50 -21.73 7.11
CA THR A 121 20.99 -21.37 5.77
C THR A 121 22.06 -22.32 5.25
N TYR A 122 22.71 -23.09 6.12
CA TYR A 122 23.56 -24.22 5.74
C TYR A 122 22.72 -25.29 5.04
N PHE A 123 21.58 -25.63 5.63
CA PHE A 123 20.66 -26.62 5.08
C PHE A 123 19.92 -26.12 3.87
N GLN A 124 19.67 -24.82 3.73
CA GLN A 124 19.22 -24.27 2.47
C GLN A 124 20.19 -24.67 1.37
N SER A 125 21.50 -24.48 1.55
CA SER A 125 22.44 -24.91 0.52
C SER A 125 22.40 -26.42 0.29
N LEU A 126 22.37 -27.25 1.34
CA LEU A 126 22.30 -28.71 1.16
C LEU A 126 21.04 -29.18 0.43
N LEU A 127 19.87 -28.61 0.71
CA LEU A 127 18.62 -28.95 0.04
C LEU A 127 18.66 -28.56 -1.43
N MET A 128 19.17 -27.38 -1.74
CA MET A 128 19.13 -26.83 -3.09
C MET A 128 20.17 -27.50 -3.99
N THR A 129 21.45 -27.58 -3.58
CA THR A 129 22.47 -28.39 -4.29
C THR A 129 22.40 -29.84 -3.82
N TYR A 130 21.25 -30.47 -3.98
CA TYR A 130 21.07 -31.90 -3.81
C TYR A 130 20.53 -32.43 -5.13
N LYS A 131 21.16 -33.50 -5.61
CA LYS A 131 20.66 -34.36 -6.68
C LYS A 131 20.81 -35.80 -6.21
N SER A 132 19.71 -36.54 -6.26
CA SER A 132 19.72 -37.99 -6.10
C SER A 132 18.84 -38.64 -7.14
N MET A 133 19.31 -39.74 -7.68
CA MET A 133 18.59 -40.54 -8.65
C MET A 133 18.61 -42.00 -8.19
N THR A 134 17.44 -42.55 -8.07
CA THR A 134 17.18 -43.98 -8.24
C THR A 134 16.79 -44.07 -9.71
N SER A 135 17.15 -45.12 -10.45
CA SER A 135 16.91 -45.16 -11.90
C SER A 135 15.42 -44.96 -12.25
N SER A 136 14.53 -45.57 -11.46
CA SER A 136 13.08 -45.32 -11.50
C SER A 136 12.63 -43.96 -10.97
N GLU A 137 13.30 -43.39 -9.97
CA GLU A 137 12.95 -42.09 -9.39
C GLU A 137 13.20 -40.92 -10.35
N GLN A 138 14.36 -40.88 -11.01
CA GLN A 138 14.62 -39.84 -12.00
C GLN A 138 13.76 -40.04 -13.25
N ILE A 139 13.47 -41.29 -13.63
CA ILE A 139 12.47 -41.54 -14.67
C ILE A 139 11.10 -41.00 -14.27
N ALA A 140 10.63 -41.24 -13.05
CA ALA A 140 9.30 -40.80 -12.63
C ALA A 140 9.20 -39.27 -12.56
N THR A 141 10.16 -38.60 -11.94
CA THR A 141 10.14 -37.14 -11.84
C THR A 141 10.29 -36.46 -13.20
N THR A 142 11.01 -37.06 -14.13
CA THR A 142 11.02 -36.62 -15.53
C THR A 142 9.68 -36.87 -16.18
N ASN A 143 9.11 -38.08 -16.07
CA ASN A 143 7.86 -38.43 -16.76
C ASN A 143 6.67 -37.62 -16.26
N LEU A 144 6.61 -37.29 -14.98
CA LEU A 144 5.64 -36.35 -14.44
C LEU A 144 5.77 -34.97 -15.09
N LEU A 145 6.96 -34.39 -15.16
CA LEU A 145 7.16 -33.07 -15.75
C LEU A 145 6.94 -33.07 -17.26
N LYS A 146 7.28 -34.13 -17.99
CA LYS A 146 6.91 -34.31 -19.40
C LYS A 146 5.39 -34.33 -19.59
N LYS A 147 4.63 -34.99 -18.70
CA LYS A 147 3.17 -34.99 -18.72
C LYS A 147 2.60 -33.62 -18.40
N ILE A 148 3.02 -32.95 -17.33
CA ILE A 148 2.56 -31.60 -16.97
C ILE A 148 2.75 -30.64 -18.14
N ILE A 149 3.90 -30.67 -18.81
CA ILE A 149 4.15 -29.84 -19.99
C ILE A 149 3.26 -30.24 -21.14
N ARG A 150 3.14 -31.53 -21.47
CA ARG A 150 2.27 -31.98 -22.57
C ARG A 150 0.84 -31.56 -22.34
N ARG A 151 0.30 -31.73 -21.14
CA ARG A 151 -1.07 -31.30 -20.84
C ARG A 151 -1.22 -29.79 -20.82
N ALA A 152 -0.21 -29.03 -20.42
CA ALA A 152 -0.27 -27.58 -20.50
C ALA A 152 -0.27 -27.05 -21.93
N ILE A 153 0.44 -27.68 -22.85
CA ILE A 153 0.41 -27.34 -24.27
C ILE A 153 -0.88 -27.85 -24.93
N GLU A 154 -1.33 -29.08 -24.68
CA GLU A 154 -2.64 -29.58 -25.17
C GLU A 154 -3.87 -28.82 -24.63
N ILE A 155 -3.76 -28.15 -23.49
CA ILE A 155 -4.75 -27.21 -22.96
C ILE A 155 -4.62 -25.84 -23.63
N SER A 156 -3.41 -25.32 -23.83
CA SER A 156 -3.19 -24.00 -24.42
C SER A 156 -3.54 -23.93 -25.89
N ASP A 157 -3.45 -25.06 -26.59
CA ASP A 157 -3.73 -25.18 -28.02
C ASP A 157 -5.12 -24.66 -28.39
N VAL A 158 -6.17 -24.93 -27.60
CA VAL A 158 -7.51 -24.48 -27.98
C VAL A 158 -7.66 -22.97 -27.92
N LYS A 159 -6.98 -22.26 -27.01
CA LYS A 159 -6.97 -20.80 -27.01
C LYS A 159 -6.16 -20.22 -28.16
N VAL A 160 -5.04 -20.82 -28.53
CA VAL A 160 -4.31 -20.40 -29.74
C VAL A 160 -5.11 -20.70 -31.00
N TYR A 161 -5.74 -21.86 -31.14
CA TYR A 161 -6.61 -22.13 -32.29
C TYR A 161 -7.81 -21.21 -32.33
N ALA A 162 -8.39 -20.83 -31.20
CA ALA A 162 -9.41 -19.77 -31.16
C ALA A 162 -8.87 -18.43 -31.69
N ILE A 163 -7.71 -17.97 -31.22
CA ILE A 163 -7.14 -16.68 -31.62
C ILE A 163 -6.62 -16.71 -33.05
N LEU A 164 -5.82 -17.68 -33.49
CA LEU A 164 -5.29 -17.72 -34.85
C LEU A 164 -6.40 -17.89 -35.90
N ASN A 165 -7.49 -18.59 -35.56
CA ASN A 165 -8.66 -18.68 -36.44
C ASN A 165 -9.42 -17.34 -36.44
N LYS A 166 -9.56 -16.65 -35.30
CA LYS A 166 -10.16 -15.31 -35.25
C LYS A 166 -9.35 -14.26 -36.02
N LEU A 167 -8.06 -14.11 -35.76
CA LEU A 167 -7.16 -13.17 -36.44
C LEU A 167 -6.91 -13.53 -37.90
N GLY A 168 -7.39 -14.68 -38.36
CA GLY A 168 -7.26 -15.13 -39.73
C GLY A 168 -5.83 -15.38 -40.16
N LEU A 169 -4.97 -15.80 -39.23
CA LEU A 169 -3.54 -15.97 -39.45
C LEU A 169 -3.24 -17.33 -40.09
N THR A 220 -4.12 -34.50 -31.40
CA THR A 220 -4.21 -33.98 -30.03
C THR A 220 -3.78 -32.52 -29.88
N ILE A 221 -2.95 -32.02 -30.81
CA ILE A 221 -2.61 -30.61 -31.02
C ILE A 221 -3.11 -30.23 -32.42
N LYS A 222 -3.77 -29.09 -32.57
CA LYS A 222 -4.24 -28.61 -33.88
C LYS A 222 -3.36 -27.52 -34.47
N THR A 223 -3.02 -26.48 -33.71
CA THR A 223 -2.24 -25.38 -34.28
C THR A 223 -0.78 -25.77 -34.47
N THR A 224 -0.24 -25.63 -35.68
CA THR A 224 1.14 -26.02 -35.98
C THR A 224 2.17 -25.25 -35.16
N LEU A 225 1.85 -24.05 -34.67
CA LEU A 225 2.67 -23.33 -33.71
C LEU A 225 2.94 -24.15 -32.45
N LEU A 226 1.92 -24.70 -31.79
CA LEU A 226 2.14 -25.50 -30.60
C LEU A 226 2.63 -26.90 -30.95
N LYS A 227 2.34 -27.43 -32.13
CA LYS A 227 2.92 -28.70 -32.57
C LYS A 227 4.45 -28.62 -32.69
N LYS A 228 4.98 -27.52 -33.25
CA LYS A 228 6.42 -27.22 -33.23
C LYS A 228 6.92 -27.06 -31.82
N LEU A 229 6.22 -26.33 -30.96
CA LEU A 229 6.62 -26.15 -29.57
C LEU A 229 6.65 -27.48 -28.79
N MET A 230 5.74 -28.39 -29.09
CA MET A 230 5.64 -29.68 -28.41
C MET A 230 6.75 -30.63 -28.85
N CYS A 231 7.19 -30.55 -30.11
CA CYS A 231 8.38 -31.23 -30.61
C CYS A 231 9.65 -30.70 -29.92
N SER A 232 9.70 -29.40 -29.63
CA SER A 232 10.82 -28.73 -28.97
C SER A 232 10.89 -29.05 -27.48
N MET A 233 9.79 -28.86 -26.73
CA MET A 233 9.73 -29.06 -25.28
C MET A 233 9.60 -30.53 -24.84
N GLN A 234 9.83 -31.48 -25.75
CA GLN A 234 9.58 -32.90 -25.56
C GLN A 234 10.50 -33.54 -24.52
N HIS A 235 11.73 -33.06 -24.35
CA HIS A 235 12.65 -33.48 -23.30
C HIS A 235 12.96 -32.31 -22.37
N PRO A 236 12.60 -32.33 -21.08
CA PRO A 236 12.94 -31.27 -20.16
C PRO A 236 14.43 -31.25 -19.88
N PRO A 237 15.04 -30.09 -19.62
CA PRO A 237 16.47 -30.00 -19.31
C PRO A 237 16.77 -30.37 -17.86
N SER A 238 17.95 -30.93 -17.62
CA SER A 238 18.35 -31.49 -16.33
C SER A 238 18.46 -30.46 -15.19
N TRP A 239 18.69 -29.19 -15.49
CA TRP A 239 18.65 -28.09 -14.52
C TRP A 239 17.23 -27.73 -14.10
N LEU A 240 16.22 -27.92 -14.95
CA LEU A 240 14.81 -27.74 -14.60
C LEU A 240 14.28 -28.93 -13.81
N ILE A 241 14.52 -30.16 -14.28
CA ILE A 241 14.03 -31.37 -13.62
C ILE A 241 14.45 -31.35 -12.16
N HIS A 242 15.68 -30.93 -11.87
CA HIS A 242 16.18 -30.80 -10.50
C HIS A 242 15.38 -29.82 -9.64
N TRP A 243 14.95 -28.67 -10.15
CA TRP A 243 14.10 -27.76 -9.36
C TRP A 243 12.68 -28.28 -9.21
N PHE A 244 12.09 -28.88 -10.25
CA PHE A 244 10.77 -29.50 -10.14
C PHE A 244 10.77 -30.70 -9.19
N ASN A 245 11.83 -31.50 -9.19
CA ASN A 245 12.01 -32.63 -8.32
C ASN A 245 12.11 -32.20 -6.86
N LEU A 246 12.92 -31.19 -6.57
CA LEU A 246 12.98 -30.65 -5.22
C LEU A 246 11.68 -29.98 -4.82
N TYR A 247 11.01 -29.25 -5.72
CA TYR A 247 9.70 -28.68 -5.40
C TYR A 247 8.70 -29.77 -5.08
N THR A 248 8.62 -30.82 -5.87
CA THR A 248 7.67 -31.89 -5.64
C THR A 248 7.93 -32.60 -4.34
N LYS A 249 9.18 -32.77 -3.92
CA LYS A 249 9.52 -33.39 -2.63
C LYS A 249 9.23 -32.52 -1.42
N LEU A 250 9.47 -31.21 -1.48
CA LEU A 250 9.18 -30.30 -0.39
C LEU A 250 7.68 -29.99 -0.32
N ASN A 251 6.99 -29.86 -1.45
CA ASN A 251 5.54 -29.77 -1.46
C ASN A 251 4.89 -31.05 -0.93
N ASN A 252 5.37 -32.24 -1.30
CA ASN A 252 4.85 -33.49 -0.78
C ASN A 252 5.07 -33.63 0.73
N ILE A 253 6.26 -33.35 1.27
CA ILE A 253 6.50 -33.32 2.74
C ILE A 253 5.54 -32.34 3.43
N LEU A 254 5.18 -31.23 2.80
CA LEU A 254 4.26 -30.27 3.37
C LEU A 254 2.80 -30.67 3.26
N THR A 255 2.35 -31.20 2.14
CA THR A 255 0.94 -31.60 1.96
C THR A 255 0.62 -32.85 2.77
N GLN A 256 1.59 -33.76 2.92
CA GLN A 256 1.59 -34.89 3.84
C GLN A 256 1.62 -34.42 5.30
N TYR A 257 2.14 -33.24 5.60
CA TYR A 257 1.99 -32.65 6.94
C TYR A 257 0.60 -32.05 7.13
N ARG A 258 0.22 -31.06 6.31
CA ARG A 258 -0.99 -30.24 6.53
C ARG A 258 -2.26 -31.08 6.54
N SER A 259 -2.43 -32.00 5.59
CA SER A 259 -3.60 -32.88 5.57
C SER A 259 -3.66 -33.85 6.73
N ASN A 260 -2.53 -34.30 7.28
CA ASN A 260 -2.53 -35.09 8.51
C ASN A 260 -2.78 -34.25 9.75
N GLU A 261 -2.31 -33.01 9.80
CA GLU A 261 -2.52 -32.15 10.95
C GLU A 261 -3.93 -31.57 11.01
N VAL A 262 -4.66 -31.50 9.89
CA VAL A 262 -6.12 -31.37 9.89
C VAL A 262 -6.77 -32.62 10.46
N LYS A 263 -6.39 -33.82 9.99
CA LYS A 263 -6.99 -35.08 10.44
C LYS A 263 -6.77 -35.36 11.93
N ASN A 264 -5.59 -35.09 12.50
CA ASN A 264 -5.46 -35.01 13.95
C ASN A 264 -4.52 -33.89 14.43
N HIS A 265 -4.94 -33.16 15.47
CA HIS A 265 -4.19 -32.08 16.10
C HIS A 265 -2.93 -32.59 16.81
N GLY A 266 -1.90 -31.74 16.88
CA GLY A 266 -0.62 -32.04 17.52
C GLY A 266 0.26 -33.03 16.77
N PHE A 267 -0.11 -33.42 15.54
CA PHE A 267 0.68 -34.33 14.72
C PHE A 267 2.00 -33.72 14.27
N THR A 268 3.10 -34.43 14.45
CA THR A 268 4.45 -34.05 13.98
C THR A 268 4.90 -35.03 12.91
N LEU A 269 5.09 -34.57 11.68
CA LEU A 269 5.48 -35.44 10.58
C LEU A 269 6.93 -35.84 10.78
N ILE A 270 7.24 -37.13 10.69
CA ILE A 270 8.62 -37.64 10.74
C ILE A 270 8.87 -38.32 9.40
N ASP A 271 9.82 -37.84 8.60
CA ASP A 271 9.99 -38.30 7.22
C ASP A 271 11.43 -38.29 6.75
N ASN A 272 11.97 -39.48 6.54
CA ASN A 272 13.30 -39.71 5.96
C ASN A 272 13.26 -40.45 4.61
N GLN A 273 12.08 -40.60 4.01
CA GLN A 273 11.91 -41.37 2.77
C GLN A 273 11.66 -40.47 1.57
N THR A 274 11.01 -39.32 1.77
CA THR A 274 10.51 -38.51 0.66
C THR A 274 11.63 -37.82 -0.09
N LEU A 275 12.51 -37.08 0.61
CA LEU A 275 13.68 -36.41 0.05
C LEU A 275 14.93 -37.11 0.57
N SER A 276 15.75 -37.67 -0.32
CA SER A 276 16.64 -38.78 0.02
C SER A 276 17.77 -38.40 0.98
N GLY A 277 18.09 -39.28 1.93
CA GLY A 277 19.16 -39.10 2.92
C GLY A 277 18.83 -38.12 4.05
N PHE A 278 18.09 -37.05 3.76
CA PHE A 278 17.54 -36.15 4.77
C PHE A 278 16.52 -36.85 5.65
N GLN A 279 16.41 -36.47 6.92
CA GLN A 279 15.29 -36.74 7.82
C GLN A 279 14.72 -35.43 8.33
N PHE A 280 13.44 -35.16 8.10
CA PHE A 280 12.73 -34.00 8.65
C PHE A 280 11.83 -34.45 9.79
N ILE A 281 11.81 -33.73 10.89
CA ILE A 281 10.69 -33.73 11.82
C ILE A 281 10.01 -32.36 11.68
N LEU A 282 8.73 -32.31 11.30
CA LEU A 282 8.04 -31.06 10.95
C LEU A 282 6.74 -30.89 11.75
N ASN A 283 6.58 -29.74 12.39
CA ASN A 283 5.48 -29.39 13.28
C ASN A 283 5.11 -27.92 13.05
N GLN A 284 3.88 -27.50 13.30
CA GLN A 284 3.46 -26.09 13.28
C GLN A 284 4.37 -25.20 14.13
N TYR A 285 4.96 -25.75 15.19
CA TYR A 285 5.76 -25.03 16.17
C TYR A 285 7.27 -25.21 16.02
N GLY A 286 7.73 -25.97 15.02
CA GLY A 286 9.15 -26.21 14.80
C GLY A 286 9.48 -27.32 13.80
N CYS A 287 10.69 -27.25 13.27
CA CYS A 287 11.26 -28.16 12.28
C CYS A 287 12.64 -28.62 12.74
N ILE A 288 13.02 -29.85 12.45
CA ILE A 288 14.37 -30.38 12.66
C ILE A 288 14.77 -31.04 11.36
N VAL A 289 16.01 -30.86 10.92
CA VAL A 289 16.54 -31.58 9.76
C VAL A 289 17.85 -32.23 10.12
N TYR A 290 18.03 -33.48 9.71
CA TYR A 290 19.27 -34.23 9.87
C TYR A 290 19.68 -34.80 8.53
N HIS A 291 20.94 -34.64 8.16
CA HIS A 291 21.56 -35.30 7.01
C HIS A 291 22.56 -36.31 7.55
N LYS A 292 22.37 -37.59 7.25
CA LYS A 292 23.19 -38.67 7.79
C LYS A 292 24.54 -38.78 7.09
N GLU A 293 24.57 -38.74 5.76
CA GLU A 293 25.82 -38.88 4.98
C GLU A 293 26.80 -37.75 5.31
N LEU A 294 26.29 -36.56 5.64
CA LEU A 294 27.08 -35.38 6.05
C LEU A 294 27.10 -35.15 7.57
N LYS A 295 26.45 -36.01 8.37
CA LYS A 295 26.45 -35.99 9.84
C LYS A 295 26.10 -34.64 10.47
N ARG A 296 25.15 -33.90 9.91
CA ARG A 296 24.79 -32.54 10.36
C ARG A 296 23.32 -32.36 10.66
N ILE A 297 22.98 -31.54 11.65
CA ILE A 297 21.61 -31.22 12.06
C ILE A 297 21.35 -29.72 12.15
N THR A 298 20.13 -29.29 11.79
CA THR A 298 19.60 -27.94 12.00
C THR A 298 18.28 -28.01 12.72
N VAL A 299 18.02 -27.01 13.52
CA VAL A 299 16.71 -26.78 14.13
C VAL A 299 16.19 -25.45 13.64
N THR A 300 14.95 -25.37 13.18
CA THR A 300 14.40 -24.14 12.58
C THR A 300 12.90 -24.00 12.78
N THR A 301 12.35 -22.79 12.67
CA THR A 301 10.90 -22.53 12.61
C THR A 301 10.23 -23.22 11.42
N TYR A 302 8.93 -23.52 11.53
CA TYR A 302 8.09 -24.01 10.42
C TYR A 302 8.14 -23.09 9.22
N ASN A 303 8.12 -21.77 9.42
CA ASN A 303 8.13 -20.79 8.33
C ASN A 303 9.39 -20.91 7.47
N GLN A 304 10.49 -21.47 7.99
CA GLN A 304 11.66 -21.74 7.17
C GLN A 304 11.46 -22.96 6.30
N PHE A 305 10.74 -24.01 6.74
CA PHE A 305 10.38 -25.07 5.84
C PHE A 305 9.48 -24.54 4.73
N LEU A 306 8.50 -23.68 5.04
CA LEU A 306 7.70 -23.03 4.01
C LEU A 306 8.59 -22.23 3.05
N THR A 307 9.62 -21.57 3.57
CA THR A 307 10.57 -20.83 2.78
C THR A 307 11.41 -21.72 1.88
N TRP A 308 11.96 -22.85 2.32
CA TRP A 308 12.67 -23.74 1.39
C TRP A 308 11.74 -24.29 0.33
N LYS A 309 10.48 -24.55 0.66
CA LYS A 309 9.49 -24.96 -0.31
C LYS A 309 9.27 -23.82 -1.32
N ASP A 310 9.10 -22.59 -0.86
CA ASP A 310 8.85 -21.42 -1.72
C ASP A 310 10.07 -20.94 -2.49
N ILE A 311 11.30 -21.17 -2.01
CA ILE A 311 12.52 -20.99 -2.79
C ILE A 311 12.55 -22.01 -3.92
N SER A 312 12.27 -23.28 -3.65
CA SER A 312 12.26 -24.31 -4.68
C SER A 312 11.14 -24.07 -5.68
N LEU A 313 10.02 -23.49 -5.26
CA LEU A 313 8.97 -23.03 -6.15
C LEU A 313 9.45 -21.85 -6.98
N SER A 314 10.03 -20.82 -6.36
CA SER A 314 10.49 -19.62 -7.06
C SER A 314 11.48 -19.96 -8.15
N ARG A 315 12.39 -20.91 -7.93
CA ARG A 315 13.35 -21.37 -8.92
C ARG A 315 12.72 -22.31 -9.94
N LEU A 316 11.75 -23.12 -9.55
CA LEU A 316 10.94 -23.89 -10.50
C LEU A 316 10.25 -22.96 -11.49
N ASN A 317 9.61 -21.89 -11.02
CA ASN A 317 8.92 -20.93 -11.86
C ASN A 317 9.88 -20.13 -12.73
N VAL A 318 11.02 -19.66 -12.23
CA VAL A 318 12.00 -19.02 -13.11
C VAL A 318 12.50 -19.98 -14.18
N CYS A 319 12.77 -21.23 -13.87
CA CYS A 319 13.20 -22.18 -14.88
C CYS A 319 12.08 -22.59 -15.84
N LEU A 320 10.82 -22.67 -15.41
CA LEU A 320 9.68 -22.91 -16.30
C LEU A 320 9.46 -21.74 -17.23
N ILE A 321 9.34 -20.50 -16.72
CA ILE A 321 9.07 -19.30 -17.52
C ILE A 321 10.17 -19.12 -18.55
N THR A 322 11.43 -19.23 -18.14
CA THR A 322 12.56 -19.00 -19.04
C THR A 322 12.84 -20.18 -19.95
N TRP A 323 12.42 -21.40 -19.65
CA TRP A 323 12.43 -22.49 -20.62
C TRP A 323 11.31 -22.37 -21.66
N ILE A 324 10.08 -22.05 -21.24
CA ILE A 324 8.96 -21.75 -22.13
C ILE A 324 9.35 -20.59 -23.05
N SER A 325 9.88 -19.51 -22.48
CA SER A 325 10.32 -18.35 -23.24
C SER A 325 11.42 -18.71 -24.23
N ASN A 326 12.44 -19.48 -23.83
CA ASN A 326 13.51 -19.88 -24.73
C ASN A 326 13.05 -20.84 -25.83
N CYS A 327 12.00 -21.65 -25.62
CA CYS A 327 11.45 -22.48 -26.71
C CYS A 327 10.57 -21.65 -27.64
N LEU A 328 9.77 -20.74 -27.12
CA LEU A 328 8.98 -19.80 -27.92
C LEU A 328 9.90 -18.94 -28.79
N ASN A 329 10.92 -18.32 -28.20
CA ASN A 329 11.93 -17.55 -28.93
C ASN A 329 12.87 -18.40 -29.80
N THR A 330 12.73 -19.72 -29.86
CA THR A 330 13.35 -20.53 -30.92
C THR A 330 12.47 -20.66 -32.15
N LEU A 331 11.15 -20.47 -32.03
CA LEU A 331 10.20 -20.53 -33.14
C LEU A 331 10.00 -19.17 -33.83
N ASN A 332 9.65 -18.13 -33.09
CA ASN A 332 9.53 -16.75 -33.56
C ASN A 332 10.24 -15.86 -32.56
N LYS A 333 11.16 -15.00 -32.98
CA LYS A 333 12.07 -14.25 -32.07
C LYS A 333 11.38 -13.11 -31.29
N SER A 334 10.06 -13.04 -31.37
CA SER A 334 9.19 -12.03 -30.78
C SER A 334 7.97 -12.65 -30.07
N LEU A 335 7.89 -13.98 -29.96
CA LEU A 335 6.74 -14.69 -29.39
C LEU A 335 6.81 -14.94 -27.89
N GLY A 336 7.97 -15.26 -27.36
CA GLY A 336 8.24 -15.39 -25.93
C GLY A 336 8.55 -14.05 -25.28
N LEU A 337 9.00 -14.04 -24.03
CA LEU A 337 9.22 -12.84 -23.24
C LEU A 337 10.32 -11.95 -23.82
N ARG A 338 10.44 -10.75 -23.24
CA ARG A 338 11.39 -9.72 -23.60
C ARG A 338 12.84 -10.13 -23.39
N CYS A 339 13.14 -10.76 -22.25
CA CYS A 339 14.47 -11.24 -21.89
C CYS A 339 14.95 -12.41 -22.77
N GLY A 340 16.20 -12.81 -22.56
CA GLY A 340 16.86 -13.93 -23.22
C GLY A 340 17.96 -14.52 -22.34
N PHE A 341 17.57 -15.15 -21.23
CA PHE A 341 18.47 -15.82 -20.28
C PHE A 341 19.02 -17.13 -20.84
N ASN A 342 20.19 -17.54 -20.36
CA ASN A 342 20.73 -18.88 -20.56
C ASN A 342 20.65 -19.64 -19.23
N ASN A 343 19.97 -20.77 -19.19
CA ASN A 343 19.51 -21.31 -17.91
C ASN A 343 20.60 -21.91 -17.04
N VAL A 344 21.63 -22.53 -17.62
CA VAL A 344 22.72 -23.10 -16.81
C VAL A 344 23.45 -22.02 -15.99
N ILE A 345 23.49 -20.79 -16.51
CA ILE A 345 24.00 -19.61 -15.80
C ILE A 345 23.02 -19.13 -14.74
N LEU A 346 21.71 -19.31 -14.91
CA LEU A 346 20.77 -19.09 -13.81
C LEU A 346 20.93 -20.14 -12.72
N THR A 347 21.05 -21.42 -13.07
CA THR A 347 21.13 -22.44 -12.03
C THR A 347 22.42 -22.35 -11.24
N GLN A 348 23.56 -22.02 -11.85
CA GLN A 348 24.78 -21.66 -11.12
C GLN A 348 24.59 -20.37 -10.32
N LEU A 349 23.95 -19.35 -10.85
CA LEU A 349 23.70 -18.11 -10.12
C LEU A 349 22.91 -18.38 -8.84
N PHE A 350 21.96 -19.32 -8.85
CA PHE A 350 21.26 -19.75 -7.66
C PHE A 350 22.20 -20.50 -6.70
N LEU A 351 22.93 -21.49 -7.18
CA LEU A 351 23.78 -22.32 -6.31
C LEU A 351 24.98 -21.56 -5.73
N TYR A 352 25.49 -20.55 -6.41
CA TYR A 352 26.47 -19.62 -5.83
C TYR A 352 25.82 -18.78 -4.75
N GLY A 353 24.62 -18.25 -4.95
CA GLY A 353 23.94 -17.40 -3.98
C GLY A 353 23.53 -18.14 -2.72
N ASP A 354 23.16 -19.41 -2.80
CA ASP A 354 23.03 -20.26 -1.62
C ASP A 354 24.39 -20.55 -0.97
N CYS A 355 25.46 -20.66 -1.76
CA CYS A 355 26.77 -20.94 -1.22
C CYS A 355 27.33 -19.72 -0.45
N ILE A 356 27.01 -18.48 -0.82
CA ILE A 356 27.34 -17.32 0.05
C ILE A 356 26.50 -17.31 1.32
N LEU A 357 25.29 -17.88 1.31
CA LEU A 357 24.46 -18.02 2.50
C LEU A 357 24.92 -19.17 3.42
N LYS A 358 25.62 -20.17 2.86
CA LYS A 358 26.33 -21.21 3.62
C LYS A 358 27.49 -20.60 4.38
N LEU A 359 28.35 -19.80 3.71
CA LEU A 359 29.48 -19.11 4.36
C LEU A 359 29.01 -18.09 5.39
N PHE A 360 28.27 -17.06 4.98
CA PHE A 360 27.91 -15.94 5.85
C PHE A 360 26.74 -16.21 6.79
N HIS A 361 26.18 -17.43 6.83
CA HIS A 361 25.07 -17.77 7.73
C HIS A 361 23.88 -16.81 7.51
N ASN A 362 23.03 -16.56 8.49
CA ASN A 362 21.93 -15.59 8.42
C ASN A 362 22.38 -14.18 8.00
N GLU A 363 23.56 -13.74 8.41
CA GLU A 363 24.14 -12.46 8.05
C GLU A 363 24.41 -12.31 6.55
N GLY A 364 24.53 -13.41 5.80
CA GLY A 364 24.70 -13.39 4.34
C GLY A 364 23.59 -12.69 3.58
N PHE A 365 22.40 -12.56 4.16
CA PHE A 365 21.34 -11.75 3.56
C PHE A 365 21.66 -10.26 3.54
N TYR A 366 22.59 -9.76 4.35
CA TYR A 366 23.03 -8.38 4.22
C TYR A 366 23.64 -8.13 2.84
N ILE A 367 24.37 -9.11 2.29
CA ILE A 367 24.99 -9.04 0.98
C ILE A 367 23.94 -9.21 -0.12
N ILE A 368 22.99 -10.14 0.04
CA ILE A 368 21.94 -10.40 -0.95
C ILE A 368 21.01 -9.19 -1.15
N LYS A 369 20.85 -8.35 -0.13
CA LYS A 369 20.15 -7.07 -0.26
C LYS A 369 20.82 -6.09 -1.22
N GLU A 370 22.11 -6.24 -1.48
CA GLU A 370 22.89 -5.41 -2.40
C GLU A 370 23.03 -6.02 -3.81
N VAL A 371 22.33 -7.12 -4.10
CA VAL A 371 22.01 -7.53 -5.48
C VAL A 371 21.25 -6.43 -6.22
N GLU A 372 20.34 -5.73 -5.56
CA GLU A 372 19.68 -4.52 -6.09
C GLU A 372 20.72 -3.48 -6.51
N GLY A 373 21.70 -3.24 -5.65
CA GLY A 373 22.81 -2.31 -5.90
C GLY A 373 23.56 -2.69 -7.18
N PHE A 374 23.96 -3.95 -7.32
CA PHE A 374 24.69 -4.37 -8.49
C PHE A 374 23.86 -4.32 -9.77
N ILE A 375 22.60 -4.72 -9.75
CA ILE A 375 21.77 -4.72 -10.96
C ILE A 375 21.47 -3.29 -11.40
N MET A 376 21.21 -2.37 -10.46
CA MET A 376 21.11 -0.95 -10.81
C MET A 376 22.38 -0.48 -11.51
N SER A 377 23.56 -0.86 -11.04
CA SER A 377 24.79 -0.42 -11.69
C SER A 377 24.98 -0.98 -13.09
N LEU A 378 24.57 -2.21 -13.38
CA LEU A 378 24.63 -2.75 -14.74
C LEU A 378 23.65 -2.07 -15.69
N ILE A 379 22.48 -1.64 -15.20
CA ILE A 379 21.54 -0.82 -15.98
C ILE A 379 22.20 0.52 -16.28
N LEU A 380 22.68 1.21 -15.25
CA LEU A 380 23.30 2.51 -15.38
C LEU A 380 24.50 2.48 -16.31
N ASN A 381 25.35 1.44 -16.27
CA ASN A 381 26.50 1.27 -17.15
C ASN A 381 26.16 1.24 -18.65
N ILE A 382 24.95 0.80 -19.02
CA ILE A 382 24.50 0.77 -20.42
C ILE A 382 24.02 2.16 -20.85
N THR A 383 23.20 2.78 -20.02
CA THR A 383 22.35 3.92 -20.40
C THR A 383 22.94 5.30 -20.06
N GLU A 384 23.64 5.46 -18.95
CA GLU A 384 24.14 6.77 -18.48
C GLU A 384 25.52 7.20 -19.04
N GLU A 385 25.77 8.51 -19.07
CA GLU A 385 27.05 9.13 -19.44
C GLU A 385 28.15 8.86 -18.40
N ASP A 386 29.43 8.95 -18.79
CA ASP A 386 30.55 8.39 -18.03
C ASP A 386 30.61 8.87 -16.57
N GLN A 387 30.41 10.16 -16.35
CA GLN A 387 30.48 10.79 -15.03
C GLN A 387 29.44 10.25 -14.05
N PHE A 388 28.32 9.74 -14.54
CA PHE A 388 27.26 9.15 -13.73
C PHE A 388 27.48 7.66 -13.52
N ARG A 389 27.84 6.88 -14.56
CA ARG A 389 28.06 5.43 -14.39
C ARG A 389 29.28 5.12 -13.54
N LYS A 390 30.43 5.76 -13.76
CA LYS A 390 31.67 5.55 -12.98
C LYS A 390 31.44 5.82 -11.50
N ARG A 391 30.78 6.93 -11.19
CA ARG A 391 30.40 7.29 -9.83
C ARG A 391 29.43 6.31 -9.19
N PHE A 392 28.40 5.86 -9.90
CA PHE A 392 27.46 4.91 -9.28
C PHE A 392 28.13 3.59 -8.95
N TYR A 393 28.83 2.99 -9.91
CA TYR A 393 29.54 1.72 -9.75
C TYR A 393 30.50 1.73 -8.56
N ASN A 394 31.32 2.77 -8.44
CA ASN A 394 32.19 2.94 -7.29
C ASN A 394 31.41 3.05 -5.98
N SER A 395 30.33 3.82 -5.95
CA SER A 395 29.51 3.93 -4.72
C SER A 395 28.73 2.65 -4.40
N MET A 396 28.55 1.76 -5.37
CA MET A 396 27.91 0.47 -5.20
C MET A 396 28.88 -0.59 -4.68
N LEU A 397 30.10 -0.68 -5.22
CA LEU A 397 31.10 -1.61 -4.72
C LEU A 397 31.53 -1.27 -3.29
N ASN A 398 31.39 0.00 -2.87
CA ASN A 398 31.43 0.34 -1.46
C ASN A 398 30.29 -0.33 -0.67
N ASN A 399 29.04 -0.20 -1.11
CA ASN A 399 27.91 -0.80 -0.40
C ASN A 399 28.04 -2.32 -0.24
N ILE A 400 28.36 -3.05 -1.32
CA ILE A 400 28.46 -4.52 -1.30
C ILE A 400 29.51 -5.00 -0.32
N THR A 401 30.65 -4.32 -0.25
CA THR A 401 31.74 -4.74 0.64
C THR A 401 31.60 -4.18 2.05
N ASP A 402 31.04 -2.99 2.27
CA ASP A 402 30.61 -2.60 3.62
C ASP A 402 29.59 -3.60 4.19
N ALA A 403 28.71 -4.14 3.36
CA ALA A 403 27.76 -5.17 3.76
C ALA A 403 28.42 -6.52 4.02
N ALA A 404 29.48 -6.91 3.30
CA ALA A 404 30.22 -8.14 3.57
C ALA A 404 31.15 -8.02 4.77
N ASN A 405 31.83 -6.89 4.96
CA ASN A 405 32.51 -6.58 6.21
C ASN A 405 31.53 -6.60 7.38
N LYS A 406 30.37 -5.95 7.26
CA LYS A 406 29.35 -5.96 8.31
C LYS A 406 28.82 -7.36 8.56
N ALA A 407 28.61 -8.18 7.52
CA ALA A 407 28.20 -9.56 7.66
C ALA A 407 29.23 -10.38 8.43
N GLN A 408 30.51 -10.28 8.09
CA GLN A 408 31.57 -10.95 8.84
C GLN A 408 31.68 -10.46 10.29
N LYS A 409 31.71 -9.14 10.52
CA LYS A 409 31.83 -8.57 11.86
C LYS A 409 30.65 -8.95 12.76
N ASN A 410 29.43 -8.98 12.22
CA ASN A 410 28.26 -9.45 12.96
C ASN A 410 28.31 -10.97 13.20
N LEU A 411 28.61 -11.77 12.18
CA LEU A 411 28.62 -13.23 12.29
C LEU A 411 29.59 -13.70 13.37
N LEU A 412 30.83 -13.23 13.31
CA LEU A 412 31.85 -13.53 14.33
C LEU A 412 31.55 -12.90 15.69
N SER A 413 30.65 -11.91 15.76
CA SER A 413 30.16 -11.36 17.02
C SER A 413 29.13 -12.28 17.67
N ARG A 414 28.01 -12.61 17.00
CA ARG A 414 26.92 -13.40 17.60
C ARG A 414 27.32 -14.83 17.94
N VAL A 415 28.10 -15.49 17.09
CA VAL A 415 28.50 -16.91 17.24
C VAL A 415 29.40 -17.18 18.44
N CYS A 416 30.05 -16.16 19.02
CA CYS A 416 31.20 -16.29 19.93
C CYS A 416 31.13 -17.44 20.97
N HIS A 417 30.08 -17.52 21.77
CA HIS A 417 29.89 -18.54 22.82
C HIS A 417 28.72 -19.50 22.59
N THR A 418 28.08 -19.43 21.44
CA THR A 418 27.01 -20.33 21.03
C THR A 418 27.50 -21.77 20.80
N LEU A 419 26.58 -22.71 20.63
CA LEU A 419 26.88 -24.05 20.13
C LEU A 419 27.36 -24.08 18.67
N LEU A 420 27.17 -22.98 17.95
CA LEU A 420 27.69 -22.76 16.60
C LEU A 420 29.16 -22.29 16.57
N ASP A 421 29.87 -22.19 17.71
CA ASP A 421 31.20 -21.57 17.78
C ASP A 421 32.18 -22.00 16.67
N LYS A 422 32.34 -23.29 16.42
CA LYS A 422 33.20 -23.89 15.39
C LYS A 422 32.58 -24.06 14.00
N THR A 423 31.50 -23.36 13.67
CA THR A 423 30.75 -23.59 12.42
C THR A 423 30.93 -22.51 11.36
N VAL A 424 31.82 -21.54 11.58
CA VAL A 424 32.14 -20.44 10.64
C VAL A 424 33.48 -20.71 9.97
N SER A 425 33.47 -20.73 8.65
CA SER A 425 34.52 -21.28 7.79
C SER A 425 35.80 -20.45 7.75
N ASP A 426 36.92 -21.11 7.43
CA ASP A 426 38.20 -20.45 7.21
C ASP A 426 38.14 -19.41 6.07
N ASN A 427 37.28 -19.61 5.05
CA ASN A 427 37.03 -18.67 3.96
C ASN A 427 36.53 -17.30 4.44
N ILE A 428 36.00 -17.21 5.66
CA ILE A 428 35.66 -15.91 6.27
C ILE A 428 36.87 -15.32 6.97
N ILE A 429 37.58 -16.08 7.81
CA ILE A 429 38.69 -15.56 8.62
C ILE A 429 39.93 -15.23 7.79
N ASN A 430 40.18 -15.93 6.69
CA ASN A 430 41.25 -15.63 5.75
C ASN A 430 40.83 -14.62 4.66
N GLY A 431 39.56 -14.26 4.55
CA GLY A 431 39.04 -13.29 3.59
C GLY A 431 38.85 -13.77 2.15
N ARG A 432 39.04 -15.06 1.84
CA ARG A 432 38.85 -15.61 0.48
C ARG A 432 37.43 -15.48 -0.05
N TRP A 433 36.46 -15.16 0.80
CA TRP A 433 35.09 -14.86 0.39
C TRP A 433 34.96 -13.77 -0.67
N ILE A 434 35.92 -12.83 -0.79
CA ILE A 434 35.90 -11.81 -1.86
C ILE A 434 35.94 -12.49 -3.22
N ILE A 435 36.64 -13.62 -3.34
CA ILE A 435 36.71 -14.42 -4.56
C ILE A 435 35.32 -14.96 -4.88
N LEU A 436 34.64 -15.55 -3.90
CA LEU A 436 33.28 -16.08 -4.10
C LEU A 436 32.30 -14.98 -4.51
N LEU A 437 32.33 -13.85 -3.81
CA LEU A 437 31.51 -12.69 -4.12
C LEU A 437 31.82 -12.18 -5.53
N SER A 438 33.09 -12.19 -5.96
CA SER A 438 33.44 -11.85 -7.32
C SER A 438 32.86 -12.82 -8.34
N LYS A 439 32.78 -14.13 -8.03
CA LYS A 439 32.18 -15.13 -8.91
C LYS A 439 30.66 -14.96 -8.98
N PHE A 440 30.03 -14.62 -7.86
CA PHE A 440 28.60 -14.35 -7.81
C PHE A 440 28.21 -13.11 -8.61
N LEU A 441 28.89 -11.98 -8.41
CA LEU A 441 28.61 -10.79 -9.20
C LEU A 441 29.00 -10.98 -10.66
N LYS A 442 30.07 -11.70 -10.96
CA LYS A 442 30.45 -12.04 -12.35
C LYS A 442 29.41 -12.94 -13.02
N LEU A 443 28.67 -13.76 -12.27
CA LEU A 443 27.48 -14.45 -12.78
C LEU A 443 26.31 -13.50 -13.00
N ILE A 444 26.02 -12.54 -12.11
CA ILE A 444 24.95 -11.54 -12.36
C ILE A 444 25.23 -10.78 -13.65
N LYS A 445 26.47 -10.30 -13.81
CA LYS A 445 26.97 -9.61 -15.00
C LYS A 445 26.83 -10.45 -16.25
N LEU A 446 27.13 -11.75 -16.19
CA LEU A 446 27.05 -12.64 -17.33
C LEU A 446 25.61 -13.03 -17.69
N ALA A 447 24.73 -13.22 -16.70
CA ALA A 447 23.30 -13.46 -16.89
C ALA A 447 22.60 -12.24 -17.52
N GLY A 448 22.94 -11.05 -17.05
CA GLY A 448 22.43 -9.77 -17.55
C GLY A 448 22.89 -9.42 -18.97
N ASP A 449 23.93 -10.07 -19.49
CA ASP A 449 24.36 -10.03 -20.89
C ASP A 449 24.63 -8.64 -21.52
N ASN A 450 24.73 -7.58 -20.71
CA ASN A 450 24.65 -6.18 -21.16
C ASN A 450 23.40 -5.88 -22.00
N ASN A 451 22.30 -6.58 -21.72
CA ASN A 451 21.03 -6.47 -22.40
C ASN A 451 20.02 -5.93 -21.40
N LEU A 452 19.44 -4.77 -21.67
CA LEU A 452 18.60 -4.10 -20.69
C LEU A 452 17.30 -4.85 -20.40
N ASN A 453 16.85 -5.74 -21.29
CA ASN A 453 15.70 -6.61 -21.03
C ASN A 453 15.98 -7.63 -19.93
N ASN A 454 17.16 -8.27 -19.94
CA ASN A 454 17.54 -9.21 -18.90
C ASN A 454 17.61 -8.48 -17.56
N LEU A 455 18.26 -7.32 -17.53
CA LEU A 455 18.57 -6.60 -16.30
C LEU A 455 17.37 -5.96 -15.60
N SER A 456 16.23 -5.79 -16.25
CA SER A 456 15.01 -5.39 -15.57
C SER A 456 14.29 -6.60 -14.99
N GLU A 457 14.21 -7.72 -15.71
CA GLU A 457 13.56 -8.93 -15.19
C GLU A 457 14.44 -9.63 -14.14
N LEU A 458 15.76 -9.51 -14.21
CA LEU A 458 16.72 -10.04 -13.25
C LEU A 458 16.59 -9.43 -11.85
N TYR A 459 15.66 -8.50 -11.62
CA TYR A 459 15.21 -8.14 -10.27
C TYR A 459 14.54 -9.29 -9.52
N PHE A 460 14.07 -10.36 -10.17
CA PHE A 460 13.55 -11.53 -9.45
C PHE A 460 14.59 -12.12 -8.51
N LEU A 461 15.87 -11.97 -8.85
CA LEU A 461 17.02 -12.43 -8.10
C LEU A 461 17.08 -11.87 -6.67
N PHE A 462 16.42 -10.76 -6.41
CA PHE A 462 16.28 -10.17 -5.09
C PHE A 462 15.47 -11.07 -4.14
N ARG A 463 14.55 -11.88 -4.67
CA ARG A 463 13.47 -12.56 -3.93
C ARG A 463 13.65 -14.08 -3.84
N ILE A 464 14.62 -14.63 -4.55
CA ILE A 464 14.77 -16.06 -4.86
C ILE A 464 15.74 -16.83 -3.96
N PHE A 465 16.24 -16.19 -2.90
CA PHE A 465 17.23 -16.76 -1.97
C PHE A 465 16.68 -16.99 -0.57
N GLY A 466 15.38 -16.89 -0.38
CA GLY A 466 14.77 -16.93 0.94
C GLY A 466 14.93 -15.62 1.69
N HIS A 467 14.58 -15.64 2.96
CA HIS A 467 14.41 -14.45 3.78
C HIS A 467 15.28 -14.53 5.02
N PRO A 468 15.82 -13.41 5.50
CA PRO A 468 16.64 -13.40 6.71
C PRO A 468 15.80 -13.78 7.91
N MET A 469 16.32 -14.61 8.78
CA MET A 469 15.78 -14.70 10.13
C MET A 469 16.07 -13.38 10.82
N VAL A 470 15.07 -12.51 10.87
CA VAL A 470 15.26 -11.15 11.35
C VAL A 470 15.28 -11.14 12.87
N ASP A 471 16.45 -10.88 13.47
CA ASP A 471 16.59 -10.82 14.92
C ASP A 471 15.74 -9.67 15.46
N GLU A 472 14.64 -10.02 16.11
CA GLU A 472 13.59 -9.12 16.53
C GLU A 472 14.07 -8.15 17.63
N ARG A 473 15.23 -8.41 18.26
CA ARG A 473 15.88 -7.48 19.19
C ARG A 473 16.94 -6.64 18.51
N GLN A 474 17.80 -7.19 17.65
CA GLN A 474 18.85 -6.39 17.04
C GLN A 474 18.30 -5.32 16.10
N ALA A 475 17.17 -5.58 15.44
CA ALA A 475 16.49 -4.57 14.63
C ALA A 475 16.04 -3.36 15.45
N MET A 476 15.87 -3.48 16.77
CA MET A 476 15.65 -2.38 17.70
C MET A 476 16.96 -1.82 18.24
N ASP A 477 17.93 -2.64 18.62
CA ASP A 477 19.20 -2.14 19.16
C ASP A 477 19.97 -1.29 18.15
N ALA A 478 19.81 -1.58 16.86
CA ALA A 478 20.36 -0.78 15.76
C ALA A 478 19.51 0.47 15.41
N VAL A 479 18.36 0.66 16.04
CA VAL A 479 17.43 1.78 15.77
C VAL A 479 17.27 2.71 16.97
N LYS A 480 17.42 2.24 18.21
CA LYS A 480 17.38 3.13 19.36
C LYS A 480 18.44 4.20 19.28
N ILE A 481 19.60 3.88 18.72
CA ILE A 481 20.72 4.81 18.52
C ILE A 481 20.29 5.98 17.64
N ASN A 482 19.50 5.74 16.59
CA ASN A 482 18.94 6.79 15.73
C ASN A 482 17.81 7.60 16.37
N CYS A 483 17.18 7.12 17.45
CA CYS A 483 15.91 7.64 17.96
C CYS A 483 15.95 8.15 19.39
N ASN A 484 16.94 7.78 20.20
CA ASN A 484 17.25 8.45 21.45
C ASN A 484 18.14 9.69 21.23
N GLU A 485 18.90 9.74 20.13
CA GLU A 485 19.86 10.80 19.77
C GLU A 485 19.30 12.21 19.77
N THR A 486 19.98 13.17 20.42
CA THR A 486 19.67 14.60 20.27
C THR A 486 20.04 15.13 18.87
N LYS A 487 19.16 15.96 18.29
CA LYS A 487 19.32 16.61 17.00
C LYS A 487 19.42 18.11 17.21
N PHE A 488 20.26 18.76 16.42
CA PHE A 488 20.48 20.20 16.42
C PHE A 488 20.03 20.85 15.13
N TYR A 489 19.24 21.91 15.22
CA TYR A 489 18.65 22.64 14.11
C TYR A 489 19.00 24.12 14.22
N LEU A 490 19.19 24.82 13.10
CA LEU A 490 19.16 26.27 13.14
C LEU A 490 17.71 26.75 13.21
N LEU A 491 17.41 27.76 14.02
CA LEU A 491 16.06 28.31 14.07
C LEU A 491 15.59 28.84 12.70
N SER A 492 16.52 29.29 11.85
CA SER A 492 16.25 29.67 10.46
C SER A 492 15.82 28.49 9.61
N SER A 493 16.40 27.30 9.79
CA SER A 493 16.09 26.12 8.98
C SER A 493 14.81 25.43 9.45
N LEU A 494 14.44 25.53 10.72
CA LEU A 494 13.07 25.27 11.17
C LEU A 494 12.08 26.27 10.55
N SER A 495 12.32 27.57 10.71
CA SER A 495 11.39 28.60 10.26
C SER A 495 11.11 28.49 8.77
N MET A 496 12.14 28.35 7.95
CA MET A 496 11.98 28.15 6.51
C MET A 496 11.31 26.82 6.14
N LEU A 497 11.34 25.79 6.98
CA LEU A 497 10.53 24.60 6.72
C LEU A 497 9.06 24.87 7.04
N ARG A 498 8.74 25.48 8.18
CA ARG A 498 7.35 25.83 8.53
C ARG A 498 6.76 26.78 7.51
N GLY A 499 7.54 27.76 7.07
CA GLY A 499 7.14 28.67 6.02
C GLY A 499 6.97 28.01 4.65
N ALA A 500 7.79 27.03 4.27
CA ALA A 500 7.58 26.29 3.04
C ALA A 500 6.29 25.45 3.09
N PHE A 501 5.94 24.91 4.25
CA PHE A 501 4.70 24.17 4.43
C PHE A 501 3.50 25.09 4.31
N ILE A 502 3.51 26.23 5.01
CA ILE A 502 2.47 27.25 4.91
C ILE A 502 2.38 27.81 3.49
N TYR A 503 3.48 28.02 2.79
CA TYR A 503 3.44 28.49 1.40
C TYR A 503 2.76 27.48 0.49
N ARG A 504 3.07 26.18 0.62
CA ARG A 504 2.38 25.14 -0.14
C ARG A 504 0.90 25.07 0.17
N ILE A 505 0.49 25.42 1.39
CA ILE A 505 -0.92 25.52 1.81
C ILE A 505 -1.59 26.77 1.28
N ILE A 506 -0.97 27.94 1.27
CA ILE A 506 -1.55 29.14 0.67
C ILE A 506 -1.69 28.94 -0.85
N LYS A 507 -0.65 28.45 -1.53
CA LYS A 507 -0.72 28.00 -2.92
C LYS A 507 -1.76 26.90 -3.12
N GLY A 508 -2.01 26.11 -2.09
CA GLY A 508 -2.95 25.01 -2.10
C GLY A 508 -4.40 25.46 -2.12
N PHE A 509 -4.78 26.32 -1.17
CA PHE A 509 -6.10 26.93 -1.10
C PHE A 509 -6.35 27.86 -2.29
N VAL A 510 -5.40 28.69 -2.69
CA VAL A 510 -5.58 29.64 -3.81
C VAL A 510 -5.79 28.91 -5.13
N ASN A 511 -5.13 27.77 -5.36
CA ASN A 511 -5.44 26.95 -6.53
C ASN A 511 -6.84 26.32 -6.43
N ASN A 512 -7.12 25.57 -5.37
CA ASN A 512 -8.30 24.71 -5.30
C ASN A 512 -9.58 25.50 -4.99
N TYR A 513 -9.54 26.42 -4.04
CA TYR A 513 -10.69 27.14 -3.48
C TYR A 513 -10.72 28.65 -3.80
N ASN A 514 -9.84 29.14 -4.67
CA ASN A 514 -9.80 30.55 -5.09
C ASN A 514 -9.72 31.54 -3.92
N ARG A 515 -9.11 31.14 -2.81
CA ARG A 515 -9.02 31.91 -1.57
C ARG A 515 -7.73 31.60 -0.84
N TRP A 516 -7.28 32.48 0.05
CA TRP A 516 -6.37 32.10 1.11
C TRP A 516 -7.09 31.28 2.19
N PRO A 517 -6.42 30.40 2.93
CA PRO A 517 -6.97 29.86 4.16
C PRO A 517 -7.12 31.00 5.16
N THR A 518 -8.26 31.09 5.83
CA THR A 518 -8.55 32.22 6.71
C THR A 518 -7.54 32.33 7.86
N LEU A 519 -7.06 33.54 8.13
CA LEU A 519 -5.94 33.82 9.03
C LEU A 519 -6.41 34.45 10.34
N ARG A 520 -5.94 33.94 11.49
CA ARG A 520 -6.06 34.66 12.77
C ARG A 520 -4.96 35.68 13.01
N ASN A 521 -3.92 35.65 12.18
CA ASN A 521 -2.64 36.33 12.37
C ASN A 521 -2.25 37.17 11.14
N ALA A 522 -3.20 37.65 10.33
CA ALA A 522 -2.90 38.43 9.12
C ALA A 522 -2.10 39.71 9.42
N ILE A 523 -2.36 40.33 10.58
CA ILE A 523 -1.62 41.51 11.06
C ILE A 523 -0.10 41.28 11.24
N VAL A 524 0.41 40.06 11.15
CA VAL A 524 1.85 39.79 11.05
C VAL A 524 2.46 40.36 9.78
N LEU A 525 1.79 40.20 8.65
CA LEU A 525 2.40 40.30 7.33
C LEU A 525 2.83 41.74 6.97
N PRO A 526 3.87 41.91 6.13
CA PRO A 526 4.18 43.21 5.50
C PRO A 526 3.24 43.53 4.34
N LEU A 527 3.25 44.77 3.85
CA LEU A 527 2.26 45.25 2.87
C LEU A 527 2.27 44.44 1.57
N ARG A 528 3.45 44.14 1.03
CA ARG A 528 3.60 43.30 -0.16
C ARG A 528 3.25 41.81 0.04
N TRP A 529 2.87 41.39 1.25
CA TRP A 529 2.15 40.13 1.49
C TRP A 529 0.66 40.34 1.81
N LEU A 530 0.27 41.35 2.60
CA LEU A 530 -1.14 41.72 2.75
C LEU A 530 -1.80 41.97 1.39
N THR A 531 -1.07 42.52 0.44
CA THR A 531 -1.52 42.71 -0.93
C THR A 531 -1.82 41.37 -1.62
N TYR A 532 -0.99 40.35 -1.46
CA TYR A 532 -1.27 39.00 -1.99
C TYR A 532 -2.47 38.35 -1.33
N TYR A 533 -2.63 38.53 -0.02
CA TYR A 533 -3.78 38.05 0.73
C TYR A 533 -5.09 38.70 0.26
N LYS A 534 -5.15 40.04 0.22
CA LYS A 534 -6.38 40.77 -0.13
C LYS A 534 -6.77 40.58 -1.59
N LEU A 535 -5.79 40.50 -2.50
CA LEU A 535 -6.02 40.10 -3.90
C LEU A 535 -6.20 38.57 -4.06
N ASN A 536 -6.09 37.76 -3.01
CA ASN A 536 -6.25 36.28 -3.00
C ASN A 536 -5.39 35.57 -4.07
N THR A 537 -4.12 35.94 -4.17
CA THR A 537 -3.09 35.32 -5.03
C THR A 537 -1.79 35.10 -4.24
N TYR A 538 -0.72 34.67 -4.90
CA TYR A 538 0.56 34.35 -4.27
C TYR A 538 1.74 34.66 -5.22
N PRO A 539 2.97 34.89 -4.71
CA PRO A 539 4.17 34.87 -5.52
C PRO A 539 4.47 33.45 -5.98
N SER A 540 4.79 33.27 -7.24
CA SER A 540 5.37 32.03 -7.77
C SER A 540 6.79 31.79 -7.23
N LEU A 541 7.35 30.58 -7.29
CA LEU A 541 8.67 30.26 -6.68
C LEU A 541 9.83 31.12 -7.21
N LEU A 542 9.72 31.65 -8.44
CA LEU A 542 10.71 32.58 -8.98
C LEU A 542 10.58 33.98 -8.37
N GLU A 543 9.37 34.39 -8.02
CA GLU A 543 9.09 35.65 -7.30
C GLU A 543 9.40 35.56 -5.80
N LEU A 544 9.45 34.33 -5.26
CA LEU A 544 9.67 34.03 -3.86
C LEU A 544 11.13 34.25 -3.43
N THR A 545 11.33 34.61 -2.17
CA THR A 545 12.61 34.96 -1.54
C THR A 545 12.75 34.16 -0.26
N GLU A 546 13.95 33.78 0.20
CA GLU A 546 14.05 32.99 1.43
C GLU A 546 13.58 33.78 2.67
N ARG A 547 13.74 35.11 2.69
CA ARG A 547 13.10 35.99 3.69
C ARG A 547 11.57 35.88 3.70
N ASP A 548 10.91 35.57 2.57
CA ASP A 548 9.46 35.34 2.52
C ASP A 548 9.06 34.08 3.29
N LEU A 549 9.82 32.99 3.10
CA LEU A 549 9.62 31.74 3.83
C LEU A 549 10.00 31.83 5.32
N ILE A 550 10.56 32.96 5.79
CA ILE A 550 10.53 33.28 7.21
C ILE A 550 9.20 33.92 7.61
N VAL A 551 8.77 35.03 6.99
CA VAL A 551 7.59 35.74 7.48
C VAL A 551 6.28 34.97 7.32
N LEU A 552 6.17 34.11 6.30
CA LEU A 552 5.05 33.15 6.20
C LEU A 552 5.01 32.14 7.34
N SER A 553 6.15 31.79 7.96
CA SER A 553 6.15 30.82 9.05
C SER A 553 5.41 31.32 10.28
N GLY A 554 5.28 32.63 10.44
CA GLY A 554 4.62 33.30 11.55
C GLY A 554 3.10 33.33 11.50
N LEU A 555 2.47 32.79 10.46
CA LEU A 555 1.01 32.78 10.32
C LEU A 555 0.36 31.68 11.15
N ARG A 556 -0.83 32.01 11.66
CA ARG A 556 -1.77 31.06 12.23
C ARG A 556 -3.14 31.25 11.62
N PHE A 557 -3.84 30.14 11.49
CA PHE A 557 -5.07 30.01 10.75
C PHE A 557 -6.28 29.91 11.68
N TYR A 558 -7.40 29.66 11.06
CA TYR A 558 -8.79 29.52 11.49
C TYR A 558 -9.29 28.28 10.77
N ARG A 559 -10.41 27.69 11.18
CA ARG A 559 -10.67 26.27 10.94
C ARG A 559 -11.53 26.22 9.70
N GLU A 560 -11.08 25.37 8.79
CA GLU A 560 -11.46 25.35 7.37
C GLU A 560 -11.88 23.94 7.01
N PHE A 561 -11.07 22.96 7.36
CA PHE A 561 -11.50 21.57 7.40
C PHE A 561 -12.18 21.24 8.72
N ARG A 562 -12.94 20.14 8.77
CA ARG A 562 -13.68 19.70 9.96
C ARG A 562 -13.46 18.22 10.17
N LEU A 563 -13.37 17.78 11.43
CA LEU A 563 -13.27 16.36 11.75
C LEU A 563 -14.62 15.68 11.61
N PRO A 564 -14.71 14.47 11.02
CA PRO A 564 -15.91 13.66 11.11
C PRO A 564 -16.30 13.42 12.57
N LYS A 565 -17.52 13.80 12.98
CA LYS A 565 -18.01 13.62 14.36
C LYS A 565 -18.50 12.19 14.67
N LYS A 566 -18.24 11.22 13.79
CA LYS A 566 -18.50 9.77 13.95
C LYS A 566 -17.31 8.92 13.47
N VAL A 567 -17.07 7.76 14.07
CA VAL A 567 -16.09 6.76 13.59
C VAL A 567 -16.51 6.22 12.23
N ASP A 568 -15.62 6.24 11.24
CA ASP A 568 -15.78 5.52 9.98
C ASP A 568 -15.35 4.06 10.15
N LEU A 569 -16.28 3.17 10.45
CA LEU A 569 -15.95 1.79 10.86
C LEU A 569 -15.16 1.00 9.80
N GLU A 570 -15.32 1.31 8.52
CA GLU A 570 -14.58 0.68 7.42
C GLU A 570 -13.13 1.17 7.32
N MET A 571 -12.82 2.43 7.70
CA MET A 571 -11.41 2.88 7.77
C MET A 571 -10.67 2.25 8.94
N ILE A 572 -11.40 1.92 10.02
CA ILE A 572 -10.85 1.60 11.33
C ILE A 572 -10.75 0.11 11.63
N ILE A 573 -11.47 -0.74 10.91
CA ILE A 573 -11.41 -2.20 11.09
C ILE A 573 -10.67 -2.86 9.95
N ASN A 574 -9.71 -3.70 10.33
CA ASN A 574 -8.95 -4.61 9.46
C ASN A 574 -8.62 -5.87 10.26
N ASP A 575 -8.25 -6.94 9.57
CA ASP A 575 -8.11 -8.28 10.14
C ASP A 575 -6.97 -8.47 11.16
N LYS A 576 -5.95 -7.59 11.14
CA LYS A 576 -4.63 -7.82 11.77
C LYS A 576 -4.64 -7.57 13.29
N ALA A 577 -3.64 -8.13 13.98
CA ALA A 577 -3.44 -7.98 15.42
C ALA A 577 -3.25 -6.51 15.89
N ILE A 578 -3.33 -6.32 17.21
CA ILE A 578 -3.10 -5.05 17.91
C ILE A 578 -2.45 -5.32 19.27
N SER A 579 -1.72 -4.37 19.84
CA SER A 579 -1.09 -4.56 21.16
C SER A 579 -2.13 -4.56 22.28
N PRO A 580 -2.01 -5.43 23.30
CA PRO A 580 -2.65 -5.19 24.58
C PRO A 580 -2.24 -3.83 25.15
N PRO A 581 -3.04 -3.21 26.02
CA PRO A 581 -2.60 -2.05 26.78
C PRO A 581 -1.43 -2.39 27.69
N LYS A 582 -0.65 -1.39 28.08
CA LYS A 582 0.58 -1.51 28.89
C LYS A 582 0.51 -2.54 30.00
N ASN A 583 -0.49 -2.48 30.87
CA ASN A 583 -0.55 -3.37 32.02
C ASN A 583 -0.85 -4.83 31.65
N LEU A 584 -1.36 -5.11 30.44
CA LEU A 584 -1.61 -6.45 29.92
C LEU A 584 -0.60 -6.90 28.86
N ILE A 585 0.40 -6.10 28.55
CA ILE A 585 1.36 -6.36 27.49
C ILE A 585 2.00 -7.73 27.60
N TRP A 586 2.22 -8.22 28.81
CA TRP A 586 2.81 -9.53 29.04
C TRP A 586 1.99 -10.68 28.48
N THR A 587 0.70 -10.49 28.17
CA THR A 587 -0.12 -11.51 27.49
C THR A 587 0.38 -11.85 26.09
N SER A 588 1.22 -11.03 25.46
CA SER A 588 1.80 -11.34 24.14
C SER A 588 2.91 -12.39 24.20
N PHE A 589 3.50 -12.63 25.38
CA PHE A 589 4.54 -13.63 25.63
C PHE A 589 3.92 -14.92 26.19
N PRO A 590 4.36 -16.10 25.74
CA PRO A 590 3.81 -17.36 26.18
C PRO A 590 4.08 -17.56 27.65
N ARG A 591 3.09 -18.03 28.39
CA ARG A 591 3.05 -17.99 29.85
C ARG A 591 4.29 -18.58 30.53
N ASN A 592 4.85 -19.66 29.99
CA ASN A 592 6.06 -20.30 30.54
C ASN A 592 7.31 -19.42 30.50
N TYR A 593 7.38 -18.45 29.59
CA TYR A 593 8.53 -17.54 29.47
C TYR A 593 8.45 -16.34 30.43
N MET A 594 7.42 -16.24 31.26
CA MET A 594 7.25 -15.17 32.23
C MET A 594 7.52 -15.67 33.65
N PRO A 595 8.20 -14.90 34.52
CA PRO A 595 8.42 -15.27 35.91
C PRO A 595 7.10 -15.32 36.70
N SER A 596 7.11 -15.99 37.86
CA SER A 596 5.89 -16.20 38.66
C SER A 596 5.16 -14.91 39.00
N HIS A 597 5.87 -13.86 39.38
CA HIS A 597 5.29 -12.57 39.73
C HIS A 597 4.76 -11.77 38.53
N ILE A 598 4.90 -12.26 37.29
CA ILE A 598 4.15 -11.77 36.12
C ILE A 598 2.94 -12.64 35.87
N GLN A 599 3.08 -13.97 35.91
CA GLN A 599 1.96 -14.89 35.73
C GLN A 599 0.86 -14.62 36.75
N ASN A 600 1.19 -14.61 38.04
CA ASN A 600 0.22 -14.35 39.11
C ASN A 600 -0.07 -12.86 39.32
N TYR A 601 0.53 -11.95 38.53
CA TYR A 601 0.08 -10.56 38.43
C TYR A 601 -0.94 -10.39 37.31
N ILE A 602 -0.65 -10.90 36.11
CA ILE A 602 -1.49 -10.63 34.94
C ILE A 602 -2.86 -11.30 35.05
N GLU A 603 -2.93 -12.44 35.73
CA GLU A 603 -4.17 -13.11 36.11
C GLU A 603 -5.00 -12.33 37.17
N HIS A 604 -4.47 -11.25 37.75
CA HIS A 604 -5.22 -10.28 38.56
C HIS A 604 -5.35 -8.91 37.90
N GLU A 605 -4.74 -8.69 36.74
CA GLU A 605 -4.93 -7.47 35.95
C GLU A 605 -5.99 -7.65 34.88
N LYS A 606 -6.11 -8.84 34.28
CA LYS A 606 -7.23 -9.20 33.39
C LYS A 606 -8.59 -8.98 34.07
N LEU A 607 -8.66 -9.05 35.41
CA LEU A 607 -9.83 -8.76 36.24
C LEU A 607 -10.17 -7.28 36.42
N LYS A 608 -9.36 -6.35 35.94
CA LYS A 608 -9.64 -4.90 35.95
C LYS A 608 -9.51 -4.22 34.59
N PHE A 609 -9.60 -4.99 33.50
CA PHE A 609 -9.68 -4.50 32.13
C PHE A 609 -10.92 -5.05 31.42
N SER A 610 -11.59 -4.20 30.64
CA SER A 610 -12.75 -4.53 29.83
C SER A 610 -12.44 -5.56 28.75
N GLU A 611 -13.45 -6.27 28.28
CA GLU A 611 -13.27 -7.41 27.36
C GLU A 611 -12.67 -7.00 26.01
N SER A 612 -12.85 -5.76 25.59
CA SER A 612 -12.20 -5.19 24.40
C SER A 612 -10.69 -5.16 24.57
N ASP A 613 -10.21 -4.59 25.67
CA ASP A 613 -8.80 -4.28 25.87
C ASP A 613 -7.96 -5.56 25.91
N LYS A 614 -8.50 -6.61 26.52
CA LYS A 614 -7.93 -7.98 26.56
C LYS A 614 -7.74 -8.63 25.20
N SER A 615 -8.54 -8.30 24.20
CA SER A 615 -8.75 -9.10 22.99
C SER A 615 -7.56 -9.25 22.02
N ARG A 616 -6.70 -8.23 21.91
CA ARG A 616 -5.48 -8.20 21.08
C ARG A 616 -5.59 -8.55 19.58
N ARG A 617 -6.77 -8.50 18.96
CA ARG A 617 -6.95 -8.29 17.51
C ARG A 617 -7.92 -7.16 17.24
N VAL A 618 -7.76 -6.42 16.16
CA VAL A 618 -8.59 -5.24 15.88
C VAL A 618 -10.07 -5.55 15.83
N LEU A 619 -10.47 -6.63 15.14
CA LEU A 619 -11.88 -7.03 15.06
C LEU A 619 -12.47 -7.22 16.46
N GLU A 620 -11.84 -8.04 17.29
CA GLU A 620 -12.36 -8.31 18.62
C GLU A 620 -12.33 -7.10 19.53
N TYR A 621 -11.37 -6.19 19.37
CA TYR A 621 -11.33 -4.95 20.13
C TYR A 621 -12.61 -4.16 19.96
N TYR A 622 -13.14 -4.05 18.73
CA TYR A 622 -14.43 -3.42 18.50
C TYR A 622 -15.61 -4.32 18.87
N LEU A 623 -15.60 -5.58 18.47
CA LEU A 623 -16.77 -6.45 18.64
C LEU A 623 -17.12 -6.68 20.10
N ARG A 624 -16.14 -6.66 21.02
CA ARG A 624 -16.37 -6.84 22.46
C ARG A 624 -16.69 -5.55 23.22
N ASP A 625 -16.71 -4.40 22.56
CA ASP A 625 -16.86 -3.11 23.24
C ASP A 625 -18.32 -2.76 23.57
N ASN A 626 -18.84 -3.32 24.64
CA ASN A 626 -20.22 -3.10 25.10
C ASN A 626 -20.49 -1.69 25.65
N LYS A 627 -19.59 -0.71 25.51
CA LYS A 627 -19.84 0.73 25.78
C LYS A 627 -19.30 1.62 24.66
N PHE A 628 -19.25 1.09 23.44
CA PHE A 628 -19.00 1.83 22.21
C PHE A 628 -20.16 2.76 21.85
N ASN A 629 -19.85 3.96 21.37
CA ASN A 629 -20.76 4.79 20.57
C ASN A 629 -19.94 5.60 19.56
N GLU A 630 -20.56 5.99 18.44
CA GLU A 630 -19.90 6.40 17.22
C GLU A 630 -19.07 7.67 17.39
N CYS A 631 -19.45 8.54 18.32
CA CYS A 631 -18.75 9.79 18.62
C CYS A 631 -17.48 9.61 19.43
N ASP A 632 -17.23 8.45 20.04
CA ASP A 632 -16.22 8.29 21.09
C ASP A 632 -14.77 8.23 20.56
N LEU A 633 -14.52 8.41 19.25
CA LEU A 633 -13.22 8.87 18.76
C LEU A 633 -13.10 10.38 18.79
N TYR A 634 -13.94 11.11 18.06
CA TYR A 634 -13.96 12.58 18.08
C TYR A 634 -13.96 13.12 19.51
N ASN A 635 -14.75 12.54 20.41
CA ASN A 635 -14.91 13.02 21.77
C ASN A 635 -13.69 12.70 22.66
N CYS A 636 -12.72 11.91 22.19
CA CYS A 636 -11.37 11.82 22.77
C CYS A 636 -10.37 12.71 22.05
N VAL A 637 -10.50 12.91 20.74
CA VAL A 637 -9.59 13.72 19.92
C VAL A 637 -9.60 15.17 20.33
N VAL A 638 -10.77 15.81 20.39
CA VAL A 638 -10.87 17.21 20.84
C VAL A 638 -10.68 17.34 22.35
N ASN A 639 -10.77 16.24 23.09
CA ASN A 639 -10.56 16.21 24.54
C ASN A 639 -9.09 15.88 24.91
N GLN A 640 -8.28 15.57 23.90
CA GLN A 640 -6.88 15.16 23.95
C GLN A 640 -6.58 13.95 24.85
N SER A 641 -7.46 12.95 24.93
CA SER A 641 -7.28 11.85 25.89
C SER A 641 -6.15 10.87 25.58
N TYR A 642 -5.40 11.04 24.49
CA TYR A 642 -4.18 10.29 24.18
C TYR A 642 -2.91 10.91 24.80
N LEU A 643 -2.91 12.19 25.20
CA LEU A 643 -1.75 12.84 25.82
C LEU A 643 -1.48 12.26 27.21
N ASN A 644 -0.23 11.86 27.45
CA ASN A 644 0.26 11.25 28.68
C ASN A 644 -0.71 10.21 29.28
N ASN A 645 -0.95 9.14 28.53
CA ASN A 645 -1.97 8.14 28.85
C ASN A 645 -1.34 6.86 29.43
N PRO A 646 -1.79 6.36 30.58
CA PRO A 646 -1.13 5.27 31.29
C PRO A 646 -1.27 3.90 30.62
N ASN A 647 -2.12 3.73 29.61
CA ASN A 647 -2.25 2.47 28.87
C ASN A 647 -1.24 2.31 27.73
N HIS A 648 -0.46 3.32 27.39
CA HIS A 648 0.33 3.33 26.15
C HIS A 648 1.59 2.43 26.17
N VAL A 649 1.73 1.60 25.14
CA VAL A 649 2.97 0.95 24.69
C VAL A 649 3.06 1.13 23.19
N VAL A 650 4.27 1.06 22.64
CA VAL A 650 4.45 0.69 21.24
C VAL A 650 5.05 -0.69 21.24
N SER A 651 4.46 -1.59 20.49
CA SER A 651 4.86 -2.99 20.42
C SER A 651 5.40 -3.28 19.04
N LEU A 652 6.64 -3.78 18.94
CA LEU A 652 7.34 -4.06 17.70
C LEU A 652 7.38 -5.56 17.43
N THR A 653 7.03 -5.96 16.22
CA THR A 653 6.83 -7.35 15.79
C THR A 653 7.31 -7.54 14.35
N GLY A 654 7.56 -8.77 13.90
CA GLY A 654 7.89 -9.05 12.50
C GLY A 654 6.76 -8.72 11.51
N ARG A 663 12.27 -3.75 8.71
CA ARG A 663 11.10 -4.58 8.43
C ARG A 663 10.13 -4.67 9.60
N MET A 664 10.49 -4.12 10.75
CA MET A 664 9.66 -4.12 11.96
C MET A 664 8.31 -3.42 11.74
N PHE A 665 7.26 -4.08 12.19
CA PHE A 665 5.86 -3.65 12.14
C PHE A 665 5.48 -3.22 13.55
N ALA A 666 4.96 -2.02 13.70
CA ALA A 666 4.73 -1.37 14.98
C ALA A 666 3.26 -1.08 15.19
N MET A 667 2.77 -1.37 16.38
CA MET A 667 1.35 -1.37 16.74
C MET A 667 1.18 -0.98 18.20
N GLN A 668 -0.01 -0.56 18.59
CA GLN A 668 -0.26 0.09 19.88
C GLN A 668 -1.74 -0.01 20.22
N PRO A 669 -2.18 0.24 21.46
CA PRO A 669 -3.53 -0.09 21.87
C PRO A 669 -4.61 0.67 21.12
N GLY A 670 -5.81 0.12 21.03
CA GLY A 670 -6.86 0.61 20.13
C GLY A 670 -7.17 2.10 20.21
N MET A 671 -7.23 2.69 21.40
CA MET A 671 -7.48 4.14 21.55
C MET A 671 -6.47 5.00 20.81
N PHE A 672 -5.23 4.56 20.71
CA PHE A 672 -4.17 5.27 20.03
C PHE A 672 -4.14 4.89 18.56
N ARG A 673 -4.40 3.62 18.21
CA ARG A 673 -4.55 3.21 16.81
C ARG A 673 -5.68 3.98 16.12
N GLN A 674 -6.79 4.26 16.79
CA GLN A 674 -7.81 5.17 16.24
C GLN A 674 -7.23 6.54 15.93
N VAL A 675 -6.48 7.15 16.86
CA VAL A 675 -5.93 8.50 16.69
C VAL A 675 -4.92 8.52 15.57
N GLN A 676 -4.09 7.49 15.43
CA GLN A 676 -3.17 7.34 14.31
C GLN A 676 -3.89 7.26 12.97
N ILE A 677 -4.91 6.41 12.86
CA ILE A 677 -5.63 6.20 11.61
C ILE A 677 -6.41 7.46 11.22
N LEU A 678 -6.99 8.17 12.17
CA LEU A 678 -7.64 9.45 11.91
C LEU A 678 -6.64 10.53 11.52
N ALA A 679 -5.54 10.69 12.24
CA ALA A 679 -4.51 11.67 11.91
C ALA A 679 -3.94 11.43 10.51
N GLU A 680 -3.87 10.17 10.07
CA GLU A 680 -3.44 9.77 8.73
C GLU A 680 -4.53 9.94 7.68
N LYS A 681 -5.79 9.69 8.02
CA LYS A 681 -6.94 9.84 7.11
C LYS A 681 -7.25 11.29 6.80
N MET A 682 -7.29 12.19 7.80
CA MET A 682 -7.55 13.60 7.57
C MET A 682 -6.52 14.26 6.66
N ILE A 683 -5.25 13.84 6.72
CA ILE A 683 -4.25 14.26 5.75
C ILE A 683 -4.61 13.76 4.36
N ALA A 684 -5.08 12.53 4.21
CA ALA A 684 -5.46 11.98 2.91
C ALA A 684 -6.70 12.65 2.30
N GLU A 685 -7.71 12.93 3.11
CA GLU A 685 -8.95 13.55 2.65
C GLU A 685 -8.72 14.99 2.19
N ASN A 686 -7.98 15.77 2.97
CA ASN A 686 -8.02 17.22 2.89
C ASN A 686 -6.70 17.90 2.52
N ILE A 687 -5.53 17.30 2.76
CA ILE A 687 -4.23 17.97 2.56
C ILE A 687 -3.48 17.46 1.32
N LEU A 688 -3.61 16.20 0.91
CA LEU A 688 -2.90 15.69 -0.26
C LEU A 688 -3.24 16.43 -1.57
N GLN A 689 -4.40 17.07 -1.66
CA GLN A 689 -4.76 17.96 -2.78
C GLN A 689 -3.83 19.17 -2.95
N PHE A 690 -3.05 19.55 -1.94
CA PHE A 690 -2.04 20.61 -2.01
C PHE A 690 -0.63 20.10 -2.35
N PHE A 691 -0.43 18.78 -2.26
CA PHE A 691 0.84 18.07 -2.40
C PHE A 691 0.76 16.88 -3.38
N PRO A 692 0.28 17.08 -4.62
CA PRO A 692 -0.02 16.03 -5.59
C PRO A 692 1.20 15.23 -6.06
N GLU A 693 2.41 15.67 -5.74
CA GLU A 693 3.64 14.90 -5.92
C GLU A 693 3.65 13.58 -5.11
N SER A 694 2.77 13.43 -4.15
CA SER A 694 2.61 12.23 -3.34
C SER A 694 2.18 11.02 -4.18
N ASN A 726 22.23 30.02 -21.43
CA ASN A 726 21.71 29.55 -22.72
C ASN A 726 21.08 28.14 -22.71
N TYR A 727 21.26 27.36 -21.64
CA TYR A 727 20.86 25.95 -21.57
C TYR A 727 20.18 25.58 -20.25
N ILE A 728 19.04 24.89 -20.30
CA ILE A 728 18.38 24.30 -19.13
C ILE A 728 19.04 22.97 -18.76
N SER A 729 20.21 23.05 -18.13
CA SER A 729 20.94 21.89 -17.62
C SER A 729 20.07 21.07 -16.69
N LYS A 730 20.12 19.74 -16.82
CA LYS A 730 19.08 18.84 -16.29
C LYS A 730 19.65 17.63 -15.57
N CYS A 731 19.05 17.30 -14.45
CA CYS A 731 19.57 16.42 -13.42
C CYS A 731 18.44 15.58 -12.85
N SER A 732 18.72 14.37 -12.40
CA SER A 732 17.83 13.63 -11.51
C SER A 732 18.57 13.11 -10.27
N ILE A 733 17.91 13.17 -9.12
CA ILE A 733 18.42 12.71 -7.83
C ILE A 733 17.36 11.82 -7.23
N ILE A 734 17.79 10.72 -6.62
CA ILE A 734 16.91 9.71 -6.03
C ILE A 734 17.40 9.50 -4.62
N THR A 735 16.46 9.31 -3.70
CA THR A 735 16.67 9.24 -2.24
C THR A 735 15.68 8.23 -1.71
N ASP A 736 16.03 7.53 -0.63
CA ASP A 736 15.24 6.42 -0.10
C ASP A 736 14.92 6.70 1.38
N LEU A 737 13.69 6.35 1.75
CA LEU A 737 12.99 6.83 2.93
C LEU A 737 12.83 5.73 4.00
N SER A 738 13.67 4.69 3.96
CA SER A 738 13.84 3.72 5.05
C SER A 738 14.18 4.40 6.38
N LYS A 739 15.29 5.15 6.46
CA LYS A 739 15.67 5.95 7.64
C LYS A 739 14.68 7.08 7.95
N PHE A 740 13.94 7.56 6.96
CA PHE A 740 13.37 8.92 6.96
C PHE A 740 12.40 9.21 8.09
N ASN A 741 11.69 8.23 8.62
CA ASN A 741 10.88 8.42 9.81
C ASN A 741 11.75 8.71 11.05
N GLN A 742 12.79 7.93 11.31
CA GLN A 742 13.63 8.00 12.52
C GLN A 742 14.34 9.35 12.72
N ALA A 743 14.54 10.11 11.64
CA ALA A 743 15.13 11.45 11.71
C ALA A 743 14.20 12.52 12.30
N PHE A 744 12.90 12.48 12.04
CA PHE A 744 12.00 13.52 12.51
C PHE A 744 11.79 13.45 14.01
N ARG A 745 12.43 14.34 14.76
CA ARG A 745 12.02 14.72 16.13
C ARG A 745 10.76 15.57 16.08
N TYR A 746 10.23 15.93 17.25
CA TYR A 746 9.12 16.87 17.36
C TYR A 746 9.43 18.16 16.59
N GLU A 747 10.51 18.87 16.88
CA GLU A 747 10.74 20.23 16.41
C GLU A 747 10.81 20.35 14.89
N THR A 748 11.12 19.27 14.19
CA THR A 748 11.28 19.22 12.73
C THR A 748 10.06 18.63 12.02
N SER A 749 8.99 18.28 12.72
CA SER A 749 7.74 17.86 12.06
C SER A 749 6.47 18.34 12.74
N CYS A 750 6.52 18.57 14.04
CA CYS A 750 5.46 19.27 14.71
C CYS A 750 5.28 20.71 14.24
N ILE A 751 6.31 21.41 13.74
CA ILE A 751 6.16 22.78 13.24
C ILE A 751 5.14 22.89 12.10
N CYS A 752 5.22 22.01 11.12
CA CYS A 752 4.24 21.86 10.06
C CYS A 752 2.93 21.21 10.52
N SER A 753 3.02 20.20 11.40
CA SER A 753 1.83 19.51 11.88
C SER A 753 0.95 20.44 12.68
N ASP A 754 1.52 21.40 13.39
CA ASP A 754 0.78 22.46 14.07
C ASP A 754 0.03 23.36 13.07
N VAL A 755 0.52 23.52 11.83
CA VAL A 755 -0.29 24.15 10.75
C VAL A 755 -1.54 23.33 10.48
N LEU A 756 -1.45 22.00 10.47
CA LEU A 756 -2.62 21.15 10.27
C LEU A 756 -3.55 21.12 11.51
N ASP A 757 -3.01 21.09 12.72
CA ASP A 757 -3.77 21.23 13.96
C ASP A 757 -4.57 22.57 13.96
N GLU A 758 -4.02 23.68 13.47
CA GLU A 758 -4.79 24.92 13.27
C GLU A 758 -5.93 24.75 12.26
N LEU A 759 -5.64 24.29 11.04
CA LEU A 759 -6.61 24.22 9.94
C LEU A 759 -7.79 23.29 10.20
N HIS A 760 -7.58 22.18 10.91
CA HIS A 760 -8.63 21.29 11.38
C HIS A 760 -9.23 21.72 12.72
N GLY A 761 -8.73 22.79 13.34
CA GLY A 761 -9.27 23.41 14.55
C GLY A 761 -9.05 22.64 15.84
N VAL A 762 -8.18 21.65 15.87
CA VAL A 762 -7.99 20.69 16.97
C VAL A 762 -6.61 20.81 17.57
N GLN A 763 -6.46 20.87 18.89
CA GLN A 763 -5.12 20.78 19.47
C GLN A 763 -4.59 19.35 19.31
N SER A 764 -3.35 19.22 18.85
CA SER A 764 -2.53 18.01 18.94
C SER A 764 -3.00 16.75 18.19
N LEU A 765 -3.81 16.84 17.13
CA LEU A 765 -4.14 15.64 16.37
C LEU A 765 -2.99 15.16 15.50
N PHE A 766 -2.41 15.99 14.64
CA PHE A 766 -1.38 15.53 13.70
C PHE A 766 -0.01 15.40 14.33
N SER A 767 0.22 16.09 15.44
CA SER A 767 1.43 16.03 16.25
C SER A 767 1.36 15.01 17.39
N TRP A 768 0.35 14.14 17.42
CA TRP A 768 0.17 13.12 18.45
C TRP A 768 1.39 12.22 18.60
N LEU A 769 2.07 11.90 17.50
CA LEU A 769 3.12 10.89 17.46
C LEU A 769 4.29 11.29 18.33
N HIS A 770 4.92 12.43 18.04
CA HIS A 770 6.03 12.92 18.83
C HIS A 770 5.62 13.44 20.20
N LEU A 771 4.36 13.85 20.43
CA LEU A 771 3.90 14.30 21.76
C LEU A 771 3.66 13.16 22.74
N THR A 772 3.35 11.95 22.26
CA THR A 772 2.99 10.82 23.12
C THR A 772 4.09 9.79 23.25
N ILE A 773 4.69 9.33 22.16
CA ILE A 773 5.60 8.18 22.15
C ILE A 773 6.88 8.39 22.95
N PRO A 774 7.45 9.58 23.12
CA PRO A 774 8.64 9.73 23.94
C PRO A 774 8.46 9.26 25.38
N HIS A 775 7.23 9.28 25.90
CA HIS A 775 6.91 8.83 27.26
C HIS A 775 6.77 7.31 27.40
N VAL A 776 6.90 6.57 26.31
CA VAL A 776 6.44 5.19 26.15
C VAL A 776 7.58 4.21 25.99
N THR A 777 7.59 3.14 26.78
CA THR A 777 8.50 2.01 26.56
C THR A 777 8.15 1.30 25.27
N ILE A 778 9.15 0.98 24.46
CA ILE A 778 8.98 0.22 23.23
C ILE A 778 9.49 -1.19 23.46
N ILE A 779 8.65 -2.18 23.21
CA ILE A 779 8.91 -3.58 23.51
C ILE A 779 8.95 -4.37 22.22
N CYS A 780 9.96 -5.21 22.03
CA CYS A 780 9.82 -6.33 21.12
C CYS A 780 8.86 -7.32 21.76
N THR A 781 7.64 -7.39 21.24
CA THR A 781 6.59 -8.28 21.75
C THR A 781 6.41 -9.51 20.87
N TYR A 782 7.36 -9.86 20.01
CA TYR A 782 7.24 -11.12 19.29
C TYR A 782 7.22 -12.27 20.30
N ARG A 783 6.37 -13.28 20.07
CA ARG A 783 6.03 -14.33 21.04
C ARG A 783 7.24 -14.93 21.73
N HIS A 784 8.26 -15.39 20.99
CA HIS A 784 9.46 -16.00 21.58
C HIS A 784 10.54 -14.99 22.04
N ALA A 785 10.24 -13.71 22.20
CA ALA A 785 11.25 -12.66 22.47
C ALA A 785 10.99 -11.83 23.75
N PRO A 786 10.81 -12.45 24.93
CA PRO A 786 10.57 -11.74 26.18
C PRO A 786 11.78 -10.95 26.69
N PRO A 787 11.58 -9.84 27.42
CA PRO A 787 12.61 -9.22 28.23
C PRO A 787 12.91 -10.03 29.49
N TYR A 788 14.12 -9.91 30.02
CA TYR A 788 14.39 -10.25 31.41
C TYR A 788 13.71 -9.22 32.31
N ILE A 789 12.86 -9.67 33.24
CA ILE A 789 12.14 -8.82 34.18
C ILE A 789 12.68 -9.07 35.59
N GLY A 790 13.16 -8.02 36.26
CA GLY A 790 13.63 -8.10 37.64
C GLY A 790 12.51 -8.47 38.60
N ASP A 791 12.84 -9.11 39.73
CA ASP A 791 11.84 -9.60 40.67
C ASP A 791 10.91 -8.48 41.15
N HIS A 792 9.60 -8.71 41.06
CA HIS A 792 8.55 -7.78 41.49
C HIS A 792 8.54 -6.44 40.75
N ILE A 793 9.00 -6.43 39.51
CA ILE A 793 8.68 -5.38 38.54
C ILE A 793 7.56 -5.91 37.64
N VAL A 794 6.53 -5.09 37.40
CA VAL A 794 5.32 -5.47 36.66
C VAL A 794 4.87 -4.37 35.68
N ASP A 795 4.97 -3.10 36.07
CA ASP A 795 4.79 -1.92 35.22
C ASP A 795 6.06 -1.67 34.41
N LEU A 796 5.99 -1.81 33.08
CA LEU A 796 7.18 -1.66 32.22
C LEU A 796 7.61 -0.25 31.83
N ASN A 797 7.03 0.81 32.37
CA ASN A 797 7.77 2.08 32.45
C ASN A 797 8.79 2.06 33.60
N ASN A 798 8.91 0.93 34.32
CA ASN A 798 9.90 0.69 35.37
C ASN A 798 10.69 -0.63 35.18
N VAL A 799 10.54 -1.36 34.07
CA VAL A 799 11.46 -2.43 33.67
C VAL A 799 12.73 -1.83 33.08
N ASP A 800 13.90 -2.26 33.56
CA ASP A 800 15.20 -1.76 33.10
C ASP A 800 15.43 -2.00 31.60
N GLU A 801 15.93 -0.97 30.91
CA GLU A 801 16.20 -1.02 29.47
C GLU A 801 17.24 -2.08 29.13
N GLN A 802 17.10 -2.71 27.98
CA GLN A 802 17.83 -3.92 27.59
C GLN A 802 17.67 -4.19 26.08
N SER A 803 18.40 -5.15 25.53
CA SER A 803 18.16 -5.56 24.15
C SER A 803 16.73 -5.98 23.97
N GLY A 804 16.02 -5.33 23.05
CA GLY A 804 14.59 -5.55 22.79
C GLY A 804 13.61 -4.80 23.68
N LEU A 805 14.02 -3.90 24.58
CA LEU A 805 13.12 -3.02 25.34
C LEU A 805 13.80 -1.73 25.78
N TYR A 806 13.31 -0.58 25.34
CA TYR A 806 13.89 0.74 25.60
C TYR A 806 12.86 1.87 25.70
N ARG A 807 13.23 3.02 26.23
CA ARG A 807 12.35 4.20 26.37
C ARG A 807 12.88 5.40 25.58
N TYR A 808 12.11 6.49 25.59
CA TYR A 808 12.51 7.78 25.04
C TYR A 808 12.77 7.74 23.54
N HIS A 809 12.02 6.94 22.79
CA HIS A 809 12.01 7.00 21.33
C HIS A 809 11.46 8.34 20.89
N MET A 810 12.31 9.25 20.41
CA MET A 810 11.96 10.61 20.03
C MET A 810 11.25 10.70 18.69
N GLY A 811 10.19 9.93 18.55
CA GLY A 811 9.31 9.91 17.42
C GLY A 811 9.94 9.35 16.16
N GLY A 812 9.11 9.15 15.14
CA GLY A 812 9.55 8.48 13.92
C GLY A 812 9.26 6.98 13.90
N ILE A 813 8.16 6.51 14.47
CA ILE A 813 7.74 5.11 14.32
C ILE A 813 7.43 4.80 12.85
N GLU A 814 7.74 3.59 12.39
CA GLU A 814 7.64 3.21 10.98
C GLU A 814 6.20 3.14 10.49
N GLY A 815 5.92 3.60 9.28
CA GLY A 815 4.60 3.55 8.63
C GLY A 815 3.56 4.54 9.16
N TRP A 816 3.44 4.72 10.48
CA TRP A 816 2.63 5.77 11.11
C TRP A 816 3.06 7.14 10.61
N CYS A 817 2.14 8.07 10.37
CA CYS A 817 2.48 9.39 9.83
C CYS A 817 3.26 9.37 8.48
N GLN A 818 3.31 8.26 7.73
CA GLN A 818 3.96 8.21 6.42
C GLN A 818 3.38 9.26 5.46
N LYS A 819 2.06 9.45 5.47
CA LYS A 819 1.44 10.51 4.66
C LYS A 819 1.89 11.88 5.15
N LEU A 820 2.04 12.14 6.45
CA LEU A 820 2.54 13.41 6.96
C LEU A 820 3.98 13.68 6.54
N TRP A 821 4.91 12.76 6.77
CA TRP A 821 6.30 13.00 6.38
C TRP A 821 6.48 13.10 4.87
N THR A 822 5.59 12.55 4.05
CA THR A 822 5.61 12.85 2.62
C THR A 822 5.30 14.32 2.33
N ILE A 823 4.44 14.98 3.11
CA ILE A 823 4.18 16.42 3.05
C ILE A 823 5.39 17.25 3.51
N GLU A 824 6.16 16.77 4.48
CA GLU A 824 7.42 17.40 4.88
C GLU A 824 8.52 17.27 3.85
N ALA A 825 8.63 16.12 3.17
CA ALA A 825 9.58 15.96 2.08
C ALA A 825 9.27 16.91 0.93
N ILE A 826 8.03 16.95 0.45
CA ILE A 826 7.64 17.80 -0.69
C ILE A 826 7.74 19.27 -0.31
N SER A 827 7.40 19.65 0.93
CA SER A 827 7.58 21.00 1.43
C SER A 827 9.04 21.42 1.42
N LEU A 828 9.92 20.64 2.08
CA LEU A 828 11.37 20.93 2.16
C LEU A 828 12.04 21.03 0.80
N LEU A 829 11.66 20.20 -0.16
CA LEU A 829 12.18 20.27 -1.52
C LEU A 829 11.85 21.59 -2.24
N ASP A 830 10.73 22.22 -1.91
CA ASP A 830 10.41 23.56 -2.39
C ASP A 830 11.02 24.69 -1.54
N LEU A 831 11.87 24.36 -0.56
CA LEU A 831 12.85 25.26 0.06
C LEU A 831 14.25 25.06 -0.54
N ILE A 832 14.67 23.81 -0.76
CA ILE A 832 15.90 23.49 -1.50
C ILE A 832 15.89 24.17 -2.87
N SER A 833 14.80 24.02 -3.62
CA SER A 833 14.62 24.66 -4.93
C SER A 833 14.68 26.18 -4.91
N LEU A 834 14.33 26.82 -3.79
CA LEU A 834 14.50 28.24 -3.61
C LEU A 834 15.97 28.60 -3.35
N LYS A 835 16.64 27.90 -2.43
CA LYS A 835 18.05 28.17 -2.07
C LYS A 835 19.01 27.91 -3.22
N GLY A 836 18.72 26.92 -4.06
CA GLY A 836 19.51 26.56 -5.23
C GLY A 836 19.14 27.31 -6.51
N LYS A 837 18.08 28.13 -6.46
CA LYS A 837 17.51 28.86 -7.60
C LYS A 837 17.34 28.01 -8.86
N PHE A 838 16.82 26.80 -8.70
CA PHE A 838 16.54 25.86 -9.79
C PHE A 838 15.09 25.38 -9.78
N SER A 839 14.55 25.13 -10.97
CA SER A 839 13.25 24.50 -11.13
C SER A 839 13.32 23.06 -10.67
N ILE A 840 12.27 22.58 -10.03
CA ILE A 840 12.21 21.26 -9.42
C ILE A 840 10.89 20.57 -9.72
N THR A 841 10.95 19.26 -9.90
CA THR A 841 9.78 18.40 -9.95
C THR A 841 10.05 17.22 -9.03
N ALA A 842 9.03 16.78 -8.30
CA ALA A 842 9.15 15.74 -7.29
C ALA A 842 8.08 14.67 -7.49
N LEU A 843 8.45 13.43 -7.23
CA LEU A 843 7.55 12.30 -7.17
C LEU A 843 7.92 11.48 -5.94
N ILE A 844 6.96 11.16 -5.07
CA ILE A 844 7.19 10.31 -3.89
C ILE A 844 6.13 9.23 -3.84
N ASN A 845 6.53 7.98 -3.61
CA ASN A 845 5.61 6.89 -3.28
C ASN A 845 6.32 5.82 -2.45
N GLY A 846 5.72 5.46 -1.32
CA GLY A 846 6.31 4.58 -0.33
C GLY A 846 7.73 4.99 0.11
N ASP A 847 8.66 4.05 -0.08
CA ASP A 847 10.06 4.11 0.36
C ASP A 847 10.99 4.93 -0.55
N ASN A 848 10.50 5.48 -1.66
CA ASN A 848 11.31 6.19 -2.64
C ASN A 848 10.79 7.61 -2.86
N GLN A 849 11.73 8.50 -3.13
CA GLN A 849 11.47 9.79 -3.77
C GLN A 849 12.40 9.93 -4.95
N SER A 850 11.89 10.53 -6.01
CA SER A 850 12.62 10.78 -7.24
C SER A 850 12.43 12.24 -7.56
N ILE A 851 13.50 12.94 -7.87
CA ILE A 851 13.50 14.38 -8.05
C ILE A 851 14.19 14.66 -9.37
N ASP A 852 13.62 15.54 -10.18
CA ASP A 852 14.22 15.94 -11.45
C ASP A 852 14.26 17.46 -11.47
N ILE A 853 15.40 18.00 -11.88
CA ILE A 853 15.83 19.36 -11.61
C ILE A 853 16.26 19.95 -12.93
N SER A 854 15.89 21.20 -13.19
CA SER A 854 16.47 21.97 -14.27
C SER A 854 16.97 23.30 -13.76
N LYS A 855 18.21 23.69 -14.09
CA LYS A 855 18.74 25.03 -13.87
C LYS A 855 19.13 25.67 -15.21
N PRO A 856 18.62 26.86 -15.59
CA PRO A 856 19.12 27.58 -16.74
C PRO A 856 20.53 28.10 -16.45
N ILE A 857 21.50 27.73 -17.29
CA ILE A 857 22.92 27.99 -17.14
C ILE A 857 23.51 28.42 -18.47
N ARG A 858 24.59 29.20 -18.48
CA ARG A 858 25.28 29.59 -19.72
C ARG A 858 26.63 28.90 -19.78
N LEU A 859 26.85 28.12 -20.85
CA LEU A 859 27.97 27.18 -20.95
C LEU A 859 29.31 27.87 -21.23
N MET A 860 30.32 27.55 -20.43
CA MET A 860 31.72 27.88 -20.67
C MET A 860 32.32 26.98 -21.75
N GLU A 861 33.29 27.48 -22.52
CA GLU A 861 33.81 26.79 -23.70
C GLU A 861 34.37 25.39 -23.40
N GLY A 862 34.23 24.49 -24.37
CA GLY A 862 34.62 23.08 -24.25
C GLY A 862 33.73 22.22 -23.33
N GLN A 863 32.88 22.79 -22.48
CA GLN A 863 31.97 22.02 -21.62
C GLN A 863 30.83 21.39 -22.43
N THR A 864 30.66 20.07 -22.36
CA THR A 864 29.54 19.38 -23.01
C THR A 864 28.30 19.37 -22.12
N HIS A 865 27.14 19.09 -22.71
CA HIS A 865 25.88 18.98 -21.97
C HIS A 865 25.97 17.95 -20.83
N ALA A 866 26.52 16.76 -21.08
CA ALA A 866 26.73 15.75 -20.04
C ALA A 866 27.58 16.26 -18.87
N GLN A 867 28.60 17.08 -19.15
CA GLN A 867 29.48 17.62 -18.12
C GLN A 867 28.76 18.68 -17.29
N ALA A 868 27.89 19.47 -17.90
CA ALA A 868 27.07 20.45 -17.20
C ALA A 868 25.96 19.78 -16.36
N ASP A 869 25.31 18.75 -16.90
CA ASP A 869 24.31 17.94 -16.16
C ASP A 869 24.90 17.32 -14.90
N TYR A 870 26.13 16.82 -14.97
CA TYR A 870 26.83 16.24 -13.84
C TYR A 870 27.25 17.28 -12.80
N LEU A 871 27.71 18.47 -13.23
CA LEU A 871 28.00 19.56 -12.30
C LEU A 871 26.74 20.08 -11.58
N LEU A 872 25.60 20.18 -12.28
CA LEU A 872 24.33 20.48 -11.64
C LEU A 872 23.98 19.41 -10.62
N ALA A 873 24.05 18.14 -11.00
CA ALA A 873 23.76 17.05 -10.09
C ALA A 873 24.61 17.10 -8.83
N LEU A 874 25.89 17.44 -8.93
CA LEU A 874 26.75 17.58 -7.75
C LEU A 874 26.49 18.84 -6.92
N ASN A 875 26.29 20.00 -7.55
CA ASN A 875 25.98 21.25 -6.84
C ASN A 875 24.66 21.12 -6.08
N SER A 876 23.66 20.50 -6.70
CA SER A 876 22.34 20.28 -6.09
C SER A 876 22.32 19.11 -5.10
N LEU A 877 23.12 18.06 -5.29
CA LEU A 877 23.29 17.00 -4.28
C LEU A 877 23.94 17.55 -3.02
N LYS A 878 24.98 18.38 -3.15
CA LYS A 878 25.63 19.12 -2.06
C LYS A 878 24.60 19.94 -1.29
N LEU A 879 23.68 20.59 -1.98
CA LEU A 879 22.61 21.39 -1.36
C LEU A 879 21.53 20.54 -0.70
N LEU A 880 21.13 19.43 -1.32
CA LEU A 880 20.17 18.49 -0.76
C LEU A 880 20.71 17.83 0.52
N TYR A 881 21.99 17.42 0.57
CA TYR A 881 22.63 16.96 1.80
C TYR A 881 22.67 18.04 2.87
N LYS A 882 23.06 19.27 2.51
CA LYS A 882 23.14 20.40 3.43
C LYS A 882 21.80 20.67 4.08
N GLU A 883 20.72 20.79 3.31
CA GLU A 883 19.40 21.14 3.85
C GLU A 883 18.67 19.99 4.56
N TYR A 884 18.91 18.72 4.21
CA TYR A 884 18.43 17.58 5.01
C TYR A 884 19.18 17.49 6.34
N ALA A 885 20.49 17.71 6.37
CA ALA A 885 21.21 17.86 7.64
C ALA A 885 20.75 19.09 8.43
N GLY A 886 20.31 20.15 7.75
CA GLY A 886 19.71 21.34 8.33
C GLY A 886 18.39 21.08 9.05
N ILE A 887 17.77 19.91 8.82
CA ILE A 887 16.64 19.35 9.56
C ILE A 887 17.02 18.02 10.25
N GLY A 888 18.30 17.85 10.59
CA GLY A 888 18.83 16.74 11.37
C GLY A 888 18.83 15.36 10.70
N HIS A 889 18.29 15.23 9.50
CA HIS A 889 18.29 13.99 8.75
C HIS A 889 19.64 13.80 8.06
N LYS A 890 20.63 13.29 8.80
CA LYS A 890 21.91 12.83 8.22
C LYS A 890 21.63 11.86 7.05
N LEU A 891 22.44 11.89 6.00
CA LEU A 891 22.31 11.05 4.81
C LEU A 891 23.62 10.31 4.53
N LYS A 892 23.52 9.07 4.05
CA LYS A 892 24.68 8.27 3.61
C LYS A 892 24.41 7.66 2.24
N GLY A 893 25.41 7.74 1.35
CA GLY A 893 25.31 7.53 -0.08
C GLY A 893 24.82 6.17 -0.55
N THR A 894 24.67 5.20 0.36
CA THR A 894 23.94 3.96 0.10
C THR A 894 22.49 4.25 -0.32
N GLU A 895 21.85 5.25 0.27
CA GLU A 895 20.43 5.52 0.09
C GLU A 895 20.11 6.55 -1.01
N THR A 896 21.11 7.25 -1.55
CA THR A 896 20.91 8.30 -2.57
C THR A 896 21.92 8.23 -3.68
N TYR A 897 21.47 8.46 -4.91
CA TYR A 897 22.32 8.48 -6.10
C TYR A 897 21.80 9.48 -7.13
N ILE A 898 22.68 9.89 -8.02
CA ILE A 898 22.44 10.90 -9.04
C ILE A 898 22.47 10.25 -10.43
N SER A 899 21.64 10.75 -11.33
CA SER A 899 21.40 10.18 -12.66
C SER A 899 21.02 11.31 -13.63
N ARG A 900 21.24 11.18 -14.95
CA ARG A 900 20.77 12.16 -15.93
C ARG A 900 19.32 11.91 -16.29
N ASP A 901 19.00 10.70 -16.72
CA ASP A 901 17.71 10.38 -17.34
C ASP A 901 17.17 8.98 -17.01
N MET A 902 18.00 8.08 -16.48
CA MET A 902 17.53 6.80 -15.97
C MET A 902 16.75 6.99 -14.66
N GLN A 903 15.58 6.35 -14.57
CA GLN A 903 14.60 6.43 -13.48
C GLN A 903 14.25 5.05 -12.94
N PHE A 904 13.93 4.97 -11.65
CA PHE A 904 13.59 3.72 -10.96
C PHE A 904 12.35 3.90 -10.07
N MET A 905 11.33 4.60 -10.58
CA MET A 905 9.99 4.49 -10.03
C MET A 905 9.27 3.15 -9.91
N SER A 906 8.48 2.95 -8.85
CA SER A 906 7.66 1.75 -8.63
C SER A 906 8.36 0.42 -8.94
N LYS A 907 9.59 0.25 -8.44
CA LYS A 907 10.48 -0.91 -8.68
C LYS A 907 10.78 -1.26 -10.16
N THR A 908 10.37 -0.44 -11.14
CA THR A 908 10.43 -0.75 -12.58
C THR A 908 11.24 0.27 -13.40
N ILE A 909 11.78 -0.18 -14.53
CA ILE A 909 12.88 0.48 -15.25
C ILE A 909 12.35 1.08 -16.55
N GLN A 910 12.58 2.38 -16.76
CA GLN A 910 12.29 3.06 -18.03
C GLN A 910 13.57 3.66 -18.62
N HIS A 911 13.88 3.37 -19.87
CA HIS A 911 14.95 3.99 -20.66
C HIS A 911 14.38 4.48 -21.98
N ASN A 912 14.68 5.72 -22.36
CA ASN A 912 14.09 6.37 -23.53
C ASN A 912 12.54 6.37 -23.53
N GLY A 913 11.93 6.27 -22.36
CA GLY A 913 10.48 6.08 -22.17
C GLY A 913 9.91 4.73 -22.58
N VAL A 914 10.72 3.77 -23.03
CA VAL A 914 10.34 2.36 -23.19
C VAL A 914 10.27 1.71 -21.81
N TYR A 915 9.27 0.88 -21.59
CA TYR A 915 9.12 0.07 -20.38
C TYR A 915 9.98 -1.18 -20.49
N TYR A 916 10.95 -1.32 -19.59
CA TYR A 916 11.69 -2.56 -19.42
C TYR A 916 11.12 -3.25 -18.18
N PRO A 917 10.26 -4.26 -18.36
CA PRO A 917 9.41 -4.81 -17.32
C PRO A 917 10.21 -5.58 -16.28
N ALA A 918 9.62 -5.76 -15.10
CA ALA A 918 10.09 -6.70 -14.08
C ALA A 918 9.18 -7.94 -13.97
N SER A 919 8.68 -8.47 -15.09
CA SER A 919 7.52 -9.36 -15.11
C SER A 919 7.66 -10.59 -14.21
N ILE A 920 8.75 -11.34 -14.37
CA ILE A 920 9.01 -12.58 -13.63
C ILE A 920 9.01 -12.36 -12.13
N LYS A 921 9.46 -11.21 -11.62
CA LYS A 921 9.45 -10.92 -10.18
C LYS A 921 8.05 -11.00 -9.57
N LYS A 922 6.98 -10.72 -10.33
CA LYS A 922 5.59 -10.83 -9.87
C LYS A 922 5.10 -12.28 -9.83
N VAL A 923 5.50 -13.07 -10.82
CA VAL A 923 4.97 -14.41 -11.08
C VAL A 923 5.53 -15.49 -10.15
N LEU A 924 6.70 -15.28 -9.52
CA LEU A 924 7.50 -16.31 -8.87
C LEU A 924 6.72 -17.31 -8.01
N ARG A 925 5.76 -16.90 -7.21
CA ARG A 925 5.08 -17.75 -6.22
C ARG A 925 3.82 -18.44 -6.72
N VAL A 926 3.53 -18.38 -8.02
CA VAL A 926 2.37 -19.06 -8.62
C VAL A 926 2.41 -20.56 -8.36
N GLY A 927 1.38 -21.10 -7.72
CA GLY A 927 1.30 -22.49 -7.29
C GLY A 927 -0.03 -22.84 -6.61
N PRO A 928 -0.16 -24.03 -6.00
CA PRO A 928 -1.46 -24.65 -5.83
C PRO A 928 -2.54 -23.99 -4.93
N TRP A 929 -2.22 -23.15 -3.95
CA TRP A 929 -3.23 -22.62 -2.99
C TRP A 929 -3.09 -21.13 -2.68
N ILE A 930 -2.49 -20.38 -3.59
CA ILE A 930 -2.07 -18.99 -3.40
C ILE A 930 -3.23 -18.07 -3.05
N ASN A 931 -3.00 -17.10 -2.16
CA ASN A 931 -3.92 -16.02 -1.78
C ASN A 931 -5.34 -16.46 -1.32
N THR A 932 -5.57 -17.76 -1.05
CA THR A 932 -6.82 -18.31 -0.51
C THR A 932 -6.95 -18.14 1.01
N ILE A 933 -8.16 -18.46 1.49
CA ILE A 933 -8.42 -18.94 2.85
C ILE A 933 -8.97 -20.35 2.70
N LEU A 934 -8.69 -21.25 3.63
CA LEU A 934 -9.23 -22.63 3.63
C LEU A 934 -8.92 -23.41 2.34
N ASP A 935 -7.82 -23.09 1.68
CA ASP A 935 -7.35 -23.67 0.41
C ASP A 935 -8.43 -23.66 -0.68
N ASP A 936 -9.24 -22.59 -0.73
CA ASP A 936 -10.41 -22.47 -1.62
C ASP A 936 -10.03 -22.62 -3.10
N PHE A 937 -10.58 -23.65 -3.72
CA PHE A 937 -10.34 -23.99 -5.10
C PHE A 937 -10.61 -22.83 -6.06
N LYS A 938 -11.70 -22.06 -5.88
CA LYS A 938 -12.09 -20.98 -6.81
C LYS A 938 -11.15 -19.79 -6.69
N VAL A 939 -10.83 -19.34 -5.48
CA VAL A 939 -9.91 -18.22 -5.28
C VAL A 939 -8.50 -18.58 -5.71
N SER A 940 -8.07 -19.84 -5.56
CA SER A 940 -6.77 -20.30 -6.04
C SER A 940 -6.71 -20.19 -7.55
N LEU A 941 -7.68 -20.75 -8.28
CA LEU A 941 -7.74 -20.66 -9.74
C LEU A 941 -7.72 -19.22 -10.25
N GLU A 942 -8.56 -18.34 -9.70
CA GLU A 942 -8.63 -16.93 -10.06
C GLU A 942 -7.33 -16.20 -9.79
N SER A 943 -6.62 -16.55 -8.72
CA SER A 943 -5.35 -15.92 -8.37
C SER A 943 -4.16 -16.47 -9.13
N ILE A 944 -4.15 -17.71 -9.61
CA ILE A 944 -3.17 -18.20 -10.58
C ILE A 944 -3.35 -17.44 -11.89
N GLY A 945 -4.58 -17.28 -12.36
CA GLY A 945 -4.90 -16.44 -13.49
C GLY A 945 -4.42 -15.01 -13.29
N SER A 946 -4.78 -14.35 -12.20
CA SER A 946 -4.41 -12.97 -11.91
C SER A 946 -2.91 -12.70 -11.97
N LEU A 947 -2.05 -13.58 -11.43
CA LEU A 947 -0.60 -13.41 -11.45
C LEU A 947 0.01 -13.75 -12.78
N THR A 948 -0.44 -14.80 -13.45
CA THR A 948 0.08 -15.17 -14.77
C THR A 948 -0.35 -14.26 -15.91
N GLN A 949 -1.17 -13.22 -15.66
CA GLN A 949 -1.31 -12.08 -16.57
C GLN A 949 -0.05 -11.21 -16.61
N GLU A 950 0.81 -11.17 -15.59
CA GLU A 950 1.96 -10.27 -15.63
C GLU A 950 2.96 -10.63 -16.75
N LEU A 951 2.97 -11.85 -17.24
CA LEU A 951 3.73 -12.23 -18.44
C LEU A 951 3.16 -11.65 -19.74
N GLU A 952 1.93 -11.15 -19.72
CA GLU A 952 1.22 -10.64 -20.89
C GLU A 952 1.01 -9.12 -20.82
N TYR A 953 0.64 -8.58 -19.67
CA TYR A 953 0.44 -7.13 -19.49
C TYR A 953 1.75 -6.37 -19.31
N ARG A 954 2.76 -6.97 -18.69
CA ARG A 954 4.11 -6.41 -18.56
C ARG A 954 5.10 -7.14 -19.45
N GLY A 955 5.09 -8.46 -19.44
CA GLY A 955 6.04 -9.28 -20.19
C GLY A 955 5.78 -9.37 -21.69
N GLU A 956 4.64 -8.88 -22.18
CA GLU A 956 4.31 -8.81 -23.60
C GLU A 956 4.44 -10.13 -24.38
N SER A 957 4.12 -11.26 -23.76
CA SER A 957 4.02 -12.54 -24.47
C SER A 957 2.81 -13.35 -24.04
N LEU A 958 1.74 -13.28 -24.83
CA LEU A 958 0.50 -14.02 -24.64
C LEU A 958 0.77 -15.52 -24.50
N LEU A 959 1.50 -16.12 -25.45
CA LEU A 959 1.64 -17.57 -25.42
C LEU A 959 2.50 -18.07 -24.25
N CYS A 960 3.41 -17.26 -23.72
CA CYS A 960 4.12 -17.57 -22.49
C CYS A 960 3.25 -17.42 -21.25
N SER A 961 2.28 -16.50 -21.25
CA SER A 961 1.24 -16.51 -20.22
C SER A 961 0.40 -17.77 -20.32
N LEU A 962 -0.16 -18.14 -21.48
CA LEU A 962 -1.01 -19.33 -21.56
C LEU A 962 -0.25 -20.57 -21.11
N ILE A 963 0.91 -20.90 -21.68
CA ILE A 963 1.57 -22.16 -21.37
C ILE A 963 2.01 -22.19 -19.92
N PHE A 964 2.54 -21.10 -19.37
CA PHE A 964 2.92 -21.08 -17.98
C PHE A 964 1.69 -21.19 -17.07
N ARG A 965 0.58 -20.51 -17.38
CA ARG A 965 -0.67 -20.65 -16.62
C ARG A 965 -1.21 -22.06 -16.73
N ASN A 966 -1.27 -22.67 -17.89
CA ASN A 966 -1.82 -23.99 -18.07
C ASN A 966 -0.93 -25.10 -17.50
N VAL A 967 0.36 -24.88 -17.24
CA VAL A 967 1.13 -25.72 -16.32
C VAL A 967 0.55 -25.64 -14.93
N TRP A 968 0.48 -24.46 -14.34
CA TRP A 968 0.06 -24.32 -12.95
C TRP A 968 -1.40 -24.56 -12.68
N LEU A 969 -2.31 -24.29 -13.60
CA LEU A 969 -3.68 -24.76 -13.50
C LEU A 969 -3.76 -26.27 -13.68
N TYR A 970 -3.13 -26.88 -14.69
CA TYR A 970 -3.22 -28.34 -14.84
C TYR A 970 -2.67 -29.03 -13.60
N ASN A 971 -1.58 -28.54 -13.05
CA ASN A 971 -1.04 -29.04 -11.80
C ASN A 971 -2.04 -28.85 -10.65
N GLN A 972 -2.66 -27.67 -10.52
CA GLN A 972 -3.59 -27.42 -9.44
C GLN A 972 -4.87 -28.26 -9.53
N ILE A 973 -5.31 -28.68 -10.72
CA ILE A 973 -6.52 -29.48 -10.95
C ILE A 973 -6.23 -30.97 -11.07
N ALA A 974 -5.45 -31.42 -12.03
CA ALA A 974 -5.31 -32.84 -12.32
C ALA A 974 -4.38 -33.58 -11.35
N LEU A 975 -3.61 -32.84 -10.54
CA LEU A 975 -2.67 -33.40 -9.58
C LEU A 975 -3.04 -33.01 -8.15
N GLN A 976 -3.09 -31.73 -7.82
CA GLN A 976 -3.19 -31.28 -6.43
C GLN A 976 -4.59 -31.42 -5.81
N LEU A 977 -5.67 -31.59 -6.58
CA LEU A 977 -6.97 -31.91 -6.00
C LEU A 977 -7.09 -33.34 -5.47
N LYS A 978 -6.23 -34.27 -5.87
CA LYS A 978 -6.19 -35.63 -5.31
C LYS A 978 -5.80 -35.66 -3.83
N ASN A 979 -5.32 -34.54 -3.28
CA ASN A 979 -4.85 -34.45 -1.90
C ASN A 979 -5.05 -33.03 -1.32
N HIS A 980 -6.25 -32.50 -1.49
CA HIS A 980 -6.66 -31.27 -0.79
C HIS A 980 -6.60 -31.45 0.74
N ALA A 981 -6.28 -30.40 1.49
CA ALA A 981 -6.08 -30.50 2.93
C ALA A 981 -7.34 -30.85 3.72
N LEU A 982 -8.48 -30.25 3.37
CA LEU A 982 -9.76 -30.37 4.07
C LEU A 982 -10.66 -31.47 3.53
N CYS A 983 -10.53 -31.82 2.25
CA CYS A 983 -11.51 -32.65 1.55
C CYS A 983 -11.01 -34.00 1.06
N ASN A 984 -9.72 -34.30 1.12
CA ASN A 984 -9.14 -35.53 0.55
C ASN A 984 -9.55 -35.67 -0.93
N ASN A 985 -9.97 -36.86 -1.38
CA ASN A 985 -10.47 -37.10 -2.73
C ASN A 985 -11.75 -36.32 -3.09
N LYS A 986 -12.52 -35.75 -2.16
CA LYS A 986 -13.90 -35.34 -2.45
C LYS A 986 -14.01 -34.26 -3.52
N LEU A 987 -13.11 -33.28 -3.59
CA LEU A 987 -13.12 -32.31 -4.69
C LEU A 987 -12.71 -32.95 -6.01
N TYR A 988 -11.85 -33.97 -6.01
CA TYR A 988 -11.40 -34.62 -7.23
C TYR A 988 -12.43 -35.59 -7.77
N LEU A 989 -13.12 -36.35 -6.92
CA LEU A 989 -14.25 -37.16 -7.34
C LEU A 989 -15.38 -36.32 -7.93
N ASP A 990 -15.59 -35.10 -7.44
CA ASP A 990 -16.54 -34.15 -8.04
C ASP A 990 -16.05 -33.57 -9.37
N ILE A 991 -14.76 -33.35 -9.59
CA ILE A 991 -14.28 -33.10 -10.95
C ILE A 991 -14.43 -34.37 -11.81
N LEU A 992 -14.18 -35.57 -11.31
CA LEU A 992 -14.36 -36.78 -12.11
C LEU A 992 -15.78 -36.93 -12.64
N LYS A 993 -16.83 -36.56 -11.90
CA LYS A 993 -18.19 -36.53 -12.47
C LYS A 993 -18.43 -35.37 -13.41
N VAL A 994 -17.88 -34.17 -13.17
CA VAL A 994 -17.94 -33.08 -14.15
C VAL A 994 -17.28 -33.45 -15.47
N LEU A 995 -16.13 -34.10 -15.47
CA LEU A 995 -15.46 -34.53 -16.69
C LEU A 995 -16.25 -35.62 -17.41
N LYS A 996 -16.76 -36.62 -16.68
CA LYS A 996 -17.63 -37.65 -17.27
C LYS A 996 -18.89 -37.07 -17.87
N HIS A 997 -19.45 -36.02 -17.26
CA HIS A 997 -20.61 -35.28 -17.78
C HIS A 997 -20.29 -34.50 -19.06
N LEU A 998 -19.21 -33.72 -19.06
CA LEU A 998 -18.74 -33.02 -20.25
C LEU A 998 -18.49 -33.99 -21.40
N LYS A 999 -17.92 -35.16 -21.12
CA LYS A 999 -17.67 -36.18 -22.12
C LYS A 999 -18.94 -36.61 -22.85
N THR A 1000 -20.02 -36.93 -22.13
CA THR A 1000 -21.30 -37.30 -22.76
C THR A 1000 -22.03 -36.11 -23.37
N PHE A 1001 -21.94 -34.91 -22.80
CA PHE A 1001 -22.62 -33.73 -23.34
C PHE A 1001 -22.04 -33.31 -24.69
N PHE A 1002 -20.71 -33.28 -24.81
CA PHE A 1002 -19.98 -32.85 -26.00
C PHE A 1002 -19.51 -33.99 -26.90
N ASN A 1003 -19.89 -35.23 -26.62
CA ASN A 1003 -19.51 -36.41 -27.39
C ASN A 1003 -17.99 -36.56 -27.60
N LEU A 1004 -17.22 -36.24 -26.57
CA LEU A 1004 -15.75 -36.30 -26.59
C LEU A 1004 -15.23 -37.72 -26.39
N ASP A 1005 -14.03 -38.00 -26.90
CA ASP A 1005 -13.50 -39.36 -27.00
C ASP A 1005 -12.71 -39.85 -25.78
N ASN A 1006 -12.29 -38.96 -24.87
CA ASN A 1006 -11.52 -39.31 -23.68
C ASN A 1006 -11.76 -38.31 -22.55
N ILE A 1007 -11.70 -38.76 -21.30
CA ILE A 1007 -11.82 -37.91 -20.10
C ILE A 1007 -10.73 -36.84 -19.99
N ASP A 1008 -9.53 -37.08 -20.52
CA ASP A 1008 -8.48 -36.06 -20.61
C ASP A 1008 -8.87 -34.92 -21.55
N THR A 1009 -9.50 -35.20 -22.69
CA THR A 1009 -9.96 -34.10 -23.56
C THR A 1009 -11.22 -33.44 -23.03
N ALA A 1010 -12.01 -34.11 -22.18
CA ALA A 1010 -13.05 -33.41 -21.41
C ALA A 1010 -12.42 -32.44 -20.41
N LEU A 1011 -11.24 -32.76 -19.87
CA LEU A 1011 -10.48 -31.86 -19.02
C LEU A 1011 -9.85 -30.74 -19.83
N THR A 1012 -9.40 -30.97 -21.07
CA THR A 1012 -8.96 -29.89 -21.97
C THR A 1012 -10.05 -28.84 -22.13
N LEU A 1013 -11.31 -29.26 -22.25
CA LEU A 1013 -12.46 -28.39 -22.38
C LEU A 1013 -12.83 -27.72 -21.06
N TYR A 1014 -12.88 -28.47 -19.95
CA TYR A 1014 -13.14 -27.90 -18.63
C TYR A 1014 -12.15 -26.80 -18.32
N MET A 1015 -10.87 -27.04 -18.59
CA MET A 1015 -9.77 -26.11 -18.32
C MET A 1015 -9.82 -24.84 -19.16
N ASN A 1016 -10.69 -24.77 -20.16
CA ASN A 1016 -10.78 -23.65 -21.08
C ASN A 1016 -12.05 -22.82 -20.94
N LEU A 1017 -13.23 -23.41 -20.73
CA LEU A 1017 -14.48 -22.64 -20.58
C LEU A 1017 -14.58 -21.95 -19.21
N PRO A 1018 -15.29 -20.82 -19.08
CA PRO A 1018 -15.06 -19.82 -18.03
C PRO A 1018 -15.63 -20.16 -16.67
N MET A 1019 -15.05 -19.57 -15.62
CA MET A 1019 -15.45 -19.80 -14.23
C MET A 1019 -16.87 -19.37 -13.92
N LEU A 1020 -17.40 -18.39 -14.66
CA LEU A 1020 -18.79 -17.94 -14.50
C LEU A 1020 -19.76 -19.11 -14.77
N PHE A 1021 -19.43 -20.00 -15.70
CA PHE A 1021 -20.14 -21.25 -15.97
C PHE A 1021 -19.54 -22.47 -15.23
N GLY A 1022 -18.80 -22.25 -14.15
CA GLY A 1022 -18.19 -23.32 -13.36
C GLY A 1022 -17.09 -24.10 -14.07
N GLY A 1023 -16.51 -23.56 -15.14
CA GLY A 1023 -15.31 -24.07 -15.78
C GLY A 1023 -14.01 -23.75 -15.05
N GLY A 1024 -12.91 -24.18 -15.63
CA GLY A 1024 -11.59 -24.13 -15.05
C GLY A 1024 -10.79 -22.89 -15.39
N ASP A 1025 -11.19 -22.09 -16.38
CA ASP A 1025 -10.34 -21.00 -16.89
C ASP A 1025 -10.59 -19.64 -16.22
N PRO A 1026 -9.64 -19.07 -15.48
CA PRO A 1026 -9.82 -17.83 -14.72
C PRO A 1026 -9.69 -16.54 -15.52
N ASN A 1027 -9.09 -16.57 -16.71
CA ASN A 1027 -8.75 -15.40 -17.51
C ASN A 1027 -9.45 -15.50 -18.86
N LEU A 1028 -10.62 -14.89 -18.98
CA LEU A 1028 -11.45 -14.98 -20.16
C LEU A 1028 -10.70 -14.46 -21.39
N LEU A 1029 -10.98 -15.04 -22.54
CA LEU A 1029 -10.30 -14.72 -23.79
C LEU A 1029 -10.43 -13.27 -24.23
N TYR A 1030 -11.35 -12.48 -23.66
CA TYR A 1030 -11.40 -11.03 -23.87
C TYR A 1030 -10.21 -10.30 -23.25
N ARG A 1031 -9.76 -10.68 -22.05
CA ARG A 1031 -8.79 -9.89 -21.30
C ARG A 1031 -7.35 -10.09 -21.74
N SER A 1032 -7.12 -10.95 -22.73
CA SER A 1032 -5.94 -10.93 -23.57
C SER A 1032 -5.88 -9.77 -24.57
N PHE A 1033 -6.90 -8.89 -24.62
CA PHE A 1033 -6.94 -7.74 -25.51
C PHE A 1033 -7.38 -6.43 -24.85
N TYR A 1034 -8.39 -6.38 -23.99
CA TYR A 1034 -8.72 -5.17 -23.23
C TYR A 1034 -8.99 -5.51 -21.78
N ARG A 1035 -8.44 -4.76 -20.84
CA ARG A 1035 -8.36 -5.21 -19.44
C ARG A 1035 -9.69 -5.17 -18.70
N ARG A 1036 -10.70 -4.45 -19.20
CA ARG A 1036 -12.03 -4.31 -18.58
C ARG A 1036 -13.15 -4.37 -19.59
N THR A 1037 -14.26 -4.99 -19.23
CA THR A 1037 -15.49 -5.03 -20.05
C THR A 1037 -16.63 -4.40 -19.25
N PRO A 1038 -17.55 -3.66 -19.89
CA PRO A 1038 -18.77 -3.20 -19.24
C PRO A 1038 -19.74 -4.34 -18.88
N ASP A 1039 -19.65 -5.53 -19.49
CA ASP A 1039 -20.46 -6.72 -19.22
C ASP A 1039 -19.57 -7.98 -19.17
N PHE A 1040 -19.61 -8.76 -18.09
CA PHE A 1040 -18.89 -10.04 -18.05
C PHE A 1040 -19.63 -11.16 -18.75
N LEU A 1041 -20.96 -11.21 -18.76
CA LEU A 1041 -21.68 -12.37 -19.30
C LEU A 1041 -21.44 -12.53 -20.79
N THR A 1042 -21.55 -11.47 -21.59
CA THR A 1042 -21.37 -11.64 -23.04
C THR A 1042 -19.96 -12.16 -23.35
N GLU A 1043 -18.95 -11.72 -22.62
CA GLU A 1043 -17.61 -12.25 -22.76
C GLU A 1043 -17.48 -13.70 -22.29
N ALA A 1044 -18.18 -14.11 -21.25
CA ALA A 1044 -18.23 -15.52 -20.84
C ALA A 1044 -18.93 -16.39 -21.90
N ILE A 1045 -19.93 -15.86 -22.59
CA ILE A 1045 -20.57 -16.56 -23.70
C ILE A 1045 -19.65 -16.60 -24.92
N VAL A 1046 -19.04 -15.49 -25.31
CA VAL A 1046 -18.15 -15.45 -26.48
C VAL A 1046 -16.89 -16.28 -26.27
N HIS A 1047 -16.30 -16.25 -25.08
CA HIS A 1047 -15.19 -17.13 -24.75
C HIS A 1047 -15.59 -18.59 -24.98
N SER A 1048 -16.80 -18.97 -24.56
CA SER A 1048 -17.32 -20.31 -24.80
C SER A 1048 -17.60 -20.58 -26.28
N VAL A 1049 -18.09 -19.62 -27.05
CA VAL A 1049 -18.26 -19.72 -28.51
C VAL A 1049 -16.93 -19.95 -29.22
N PHE A 1050 -15.92 -19.16 -28.89
CA PHE A 1050 -14.62 -19.24 -29.51
C PHE A 1050 -13.98 -20.60 -29.23
N ILE A 1051 -13.92 -21.03 -27.98
CA ILE A 1051 -13.34 -22.34 -27.63
C ILE A 1051 -14.10 -23.48 -28.30
N LEU A 1052 -15.42 -23.46 -28.36
CA LEU A 1052 -16.15 -24.56 -28.99
C LEU A 1052 -15.82 -24.70 -30.48
N SER A 1053 -15.32 -23.67 -31.17
CA SER A 1053 -14.88 -23.79 -32.56
C SER A 1053 -13.78 -24.83 -32.75
N TYR A 1054 -12.96 -25.07 -31.73
CA TYR A 1054 -11.92 -26.09 -31.73
C TYR A 1054 -12.47 -27.48 -32.00
N TYR A 1055 -13.55 -27.84 -31.32
CA TYR A 1055 -14.21 -29.12 -31.44
C TYR A 1055 -15.15 -29.20 -32.64
N THR A 1056 -15.87 -28.12 -32.91
CA THR A 1056 -16.97 -28.06 -33.88
C THR A 1056 -16.57 -27.59 -35.28
N ASN A 1057 -15.30 -27.22 -35.47
CA ASN A 1057 -14.70 -26.76 -36.72
C ASN A 1057 -15.42 -25.59 -37.41
N HIS A 1058 -16.14 -24.76 -36.65
CA HIS A 1058 -16.59 -23.43 -37.08
C HIS A 1058 -15.40 -22.51 -37.41
N ASP A 1059 -15.65 -21.46 -38.17
CA ASP A 1059 -14.74 -20.33 -38.34
C ASP A 1059 -15.27 -19.08 -37.64
N LEU A 1060 -14.48 -18.44 -36.77
CA LEU A 1060 -14.91 -17.26 -36.02
C LEU A 1060 -14.94 -15.96 -36.83
N LYS A 1061 -14.38 -15.90 -38.05
CA LYS A 1061 -14.49 -14.68 -38.88
C LYS A 1061 -15.88 -14.56 -39.54
N ASP A 1062 -16.42 -15.67 -40.04
CA ASP A 1062 -17.74 -15.77 -40.69
C ASP A 1062 -18.92 -15.44 -39.74
N LYS A 1063 -20.08 -15.15 -40.32
CA LYS A 1063 -21.39 -15.24 -39.66
C LYS A 1063 -21.65 -16.69 -39.18
N LEU A 1064 -22.27 -16.87 -38.00
CA LEU A 1064 -22.58 -18.20 -37.44
C LEU A 1064 -23.63 -18.93 -38.28
N GLN A 1065 -23.48 -20.25 -38.45
CA GLN A 1065 -24.24 -21.05 -39.41
C GLN A 1065 -24.62 -22.44 -38.89
N ASP A 1066 -25.58 -23.08 -39.53
CA ASP A 1066 -25.83 -24.53 -39.39
C ASP A 1066 -24.62 -25.36 -39.83
N LEU A 1067 -24.26 -26.39 -39.07
CA LEU A 1067 -23.30 -27.44 -39.42
C LEU A 1067 -23.82 -28.80 -38.95
N SER A 1068 -23.27 -29.88 -39.51
CA SER A 1068 -23.70 -31.27 -39.27
C SER A 1068 -23.37 -31.84 -37.89
N ASP A 1069 -22.97 -31.01 -36.92
CA ASP A 1069 -23.03 -31.27 -35.48
C ASP A 1069 -23.61 -30.06 -34.74
N ASP A 1070 -24.36 -30.30 -33.67
CA ASP A 1070 -25.14 -29.27 -32.97
C ASP A 1070 -24.40 -28.67 -31.78
N ARG A 1071 -23.20 -29.13 -31.42
CA ARG A 1071 -22.63 -28.93 -30.07
C ARG A 1071 -22.53 -27.50 -29.59
N LEU A 1072 -22.21 -26.54 -30.46
CA LEU A 1072 -22.24 -25.12 -30.06
C LEU A 1072 -23.67 -24.63 -29.85
N ASN A 1073 -24.59 -24.97 -30.75
CA ASN A 1073 -25.99 -24.64 -30.61
C ASN A 1073 -26.57 -25.26 -29.33
N LYS A 1074 -26.20 -26.50 -29.00
CA LYS A 1074 -26.65 -27.23 -27.82
C LYS A 1074 -26.14 -26.60 -26.54
N PHE A 1075 -24.91 -26.09 -26.52
CA PHE A 1075 -24.42 -25.30 -25.39
C PHE A 1075 -25.27 -24.04 -25.20
N LEU A 1076 -25.45 -23.23 -26.26
CA LEU A 1076 -26.28 -22.03 -26.15
C LEU A 1076 -27.73 -22.33 -25.77
N THR A 1077 -28.28 -23.45 -26.22
CA THR A 1077 -29.62 -23.91 -25.85
C THR A 1077 -29.75 -24.13 -24.36
N CYS A 1078 -28.72 -24.61 -23.69
CA CYS A 1078 -28.69 -24.81 -22.24
C CYS A 1078 -28.39 -23.55 -21.45
N ILE A 1079 -27.73 -22.57 -22.08
CA ILE A 1079 -27.54 -21.22 -21.54
C ILE A 1079 -28.85 -20.41 -21.60
N ILE A 1080 -29.60 -20.49 -22.69
CA ILE A 1080 -30.96 -19.93 -22.81
C ILE A 1080 -31.94 -20.67 -21.92
N THR A 1081 -31.99 -22.01 -22.00
CA THR A 1081 -33.13 -22.78 -21.51
C THR A 1081 -32.84 -23.41 -20.17
N PHE A 1082 -33.42 -22.81 -19.14
CA PHE A 1082 -33.34 -23.28 -17.76
C PHE A 1082 -34.59 -22.88 -16.99
N ASP A 1083 -34.91 -23.59 -15.91
CA ASP A 1083 -36.02 -23.25 -15.03
C ASP A 1083 -35.71 -21.98 -14.23
N LYS A 1084 -36.64 -21.02 -14.24
CA LYS A 1084 -36.47 -19.68 -13.69
C LYS A 1084 -36.72 -19.69 -12.18
N ASN A 1085 -35.71 -19.57 -11.34
CA ASN A 1085 -35.85 -19.55 -9.89
C ASN A 1085 -35.23 -18.29 -9.28
N PRO A 1086 -35.74 -17.09 -9.60
CA PRO A 1086 -35.24 -15.86 -9.00
C PRO A 1086 -35.60 -15.80 -7.52
N ASN A 1087 -34.66 -15.38 -6.70
CA ASN A 1087 -34.90 -15.05 -5.30
C ASN A 1087 -34.28 -13.68 -4.98
N ALA A 1088 -34.98 -12.87 -4.19
CA ALA A 1088 -34.54 -11.54 -3.75
C ALA A 1088 -33.93 -10.70 -4.90
N GLU A 1089 -34.61 -10.68 -6.05
CA GLU A 1089 -34.02 -10.32 -7.35
C GLU A 1089 -33.59 -8.85 -7.51
N PHE A 1090 -33.91 -7.96 -6.57
CA PHE A 1090 -33.46 -6.58 -6.61
C PHE A 1090 -32.24 -6.35 -5.73
N VAL A 1091 -32.19 -6.84 -4.49
CA VAL A 1091 -31.04 -6.56 -3.60
C VAL A 1091 -29.76 -7.25 -4.06
N THR A 1092 -29.86 -8.41 -4.68
CA THR A 1092 -28.77 -9.07 -5.38
C THR A 1092 -28.24 -8.31 -6.60
N LEU A 1093 -29.08 -7.60 -7.36
CA LEU A 1093 -28.66 -6.69 -8.43
C LEU A 1093 -28.12 -5.37 -7.85
N MET A 1094 -28.54 -4.95 -6.67
CA MET A 1094 -27.92 -3.84 -5.96
C MET A 1094 -26.50 -4.18 -5.55
N ARG A 1095 -26.26 -5.35 -4.94
CA ARG A 1095 -24.93 -5.69 -4.43
C ARG A 1095 -23.96 -6.21 -5.49
N ASP A 1096 -24.42 -6.68 -6.65
CA ASP A 1096 -23.59 -6.89 -7.85
C ASP A 1096 -24.40 -6.71 -9.16
N PRO A 1097 -24.32 -5.54 -9.82
CA PRO A 1097 -25.09 -5.25 -11.04
C PRO A 1097 -24.85 -6.17 -12.23
N GLN A 1098 -23.77 -6.94 -12.24
CA GLN A 1098 -23.48 -7.93 -13.29
C GLN A 1098 -24.21 -9.27 -13.08
N ALA A 1099 -24.64 -9.56 -11.86
CA ALA A 1099 -25.05 -10.89 -11.40
C ALA A 1099 -26.27 -11.49 -12.11
N LEU A 1100 -26.31 -12.83 -12.19
CA LEU A 1100 -27.39 -13.61 -12.83
C LEU A 1100 -28.34 -14.29 -11.84
N GLY A 1101 -27.85 -14.83 -10.73
CA GLY A 1101 -28.68 -15.60 -9.78
C GLY A 1101 -29.40 -16.80 -10.40
N SER A 1102 -30.55 -17.16 -9.83
CA SER A 1102 -31.30 -18.39 -10.16
C SER A 1102 -30.44 -19.65 -10.11
N GLU A 1103 -29.36 -19.65 -9.31
CA GLU A 1103 -28.34 -20.70 -9.25
C GLU A 1103 -27.57 -20.95 -10.56
N ARG A 1104 -27.56 -19.96 -11.47
CA ARG A 1104 -26.87 -19.96 -12.77
C ARG A 1104 -25.47 -19.31 -12.78
N GLN A 1105 -24.85 -19.17 -11.62
CA GLN A 1105 -23.46 -18.70 -11.50
C GLN A 1105 -22.76 -19.34 -10.29
N ALA A 1106 -21.43 -19.42 -10.32
CA ALA A 1106 -20.65 -19.91 -9.20
C ALA A 1106 -20.74 -18.95 -8.01
N LYS A 1107 -20.94 -19.45 -6.79
CA LYS A 1107 -21.21 -18.63 -5.60
C LYS A 1107 -19.93 -18.20 -4.89
N ILE A 1108 -19.68 -16.90 -4.93
CA ILE A 1108 -18.59 -16.20 -4.27
C ILE A 1108 -18.54 -16.49 -2.77
N THR A 1109 -17.34 -16.49 -2.19
CA THR A 1109 -17.13 -16.70 -0.75
C THR A 1109 -18.00 -15.78 0.09
N SER A 1110 -18.10 -14.51 -0.31
CA SER A 1110 -18.90 -13.48 0.36
C SER A 1110 -20.38 -13.81 0.48
N GLU A 1111 -21.03 -14.37 -0.55
CA GLU A 1111 -22.49 -14.58 -0.55
C GLU A 1111 -22.89 -15.83 0.24
N ILE A 1112 -22.05 -16.84 0.26
CA ILE A 1112 -22.26 -18.02 1.10
C ILE A 1112 -22.07 -17.68 2.57
N ASN A 1113 -21.02 -16.90 2.89
CA ASN A 1113 -20.64 -16.60 4.26
C ASN A 1113 -21.38 -15.41 4.92
N ARG A 1114 -22.13 -14.55 4.20
CA ARG A 1114 -22.81 -13.41 4.86
C ARG A 1114 -23.79 -13.83 5.95
N LEU A 1115 -24.44 -14.99 5.81
CA LEU A 1115 -25.25 -15.56 6.90
C LEU A 1115 -24.39 -16.03 8.07
N ALA A 1116 -23.23 -16.64 7.83
CA ALA A 1116 -22.37 -17.12 8.89
C ALA A 1116 -21.80 -15.98 9.75
N VAL A 1117 -21.47 -14.85 9.13
CA VAL A 1117 -21.02 -13.61 9.81
C VAL A 1117 -22.13 -12.99 10.64
N THR A 1118 -23.32 -12.82 10.09
CA THR A 1118 -24.39 -12.11 10.78
C THR A 1118 -24.93 -12.89 11.97
N GLU A 1119 -24.97 -14.22 11.89
CA GLU A 1119 -25.28 -15.06 13.06
C GLU A 1119 -24.23 -14.95 14.16
N VAL A 1120 -22.98 -14.61 13.83
CA VAL A 1120 -21.92 -14.33 14.81
C VAL A 1120 -22.04 -12.92 15.36
N LEU A 1121 -22.15 -11.90 14.50
CA LEU A 1121 -22.25 -10.50 14.91
C LEU A 1121 -23.49 -10.22 15.77
N SER A 1122 -24.59 -10.95 15.57
CA SER A 1122 -25.76 -10.92 16.45
C SER A 1122 -25.51 -11.46 17.86
N THR A 1123 -24.29 -11.85 18.20
CA THR A 1123 -23.85 -12.25 19.55
C THR A 1123 -22.66 -11.40 20.05
N ALA A 1124 -22.23 -10.39 19.30
CA ALA A 1124 -21.17 -9.45 19.67
C ALA A 1124 -21.67 -8.45 20.73
N PRO A 1125 -20.94 -8.19 21.82
CA PRO A 1125 -21.38 -7.22 22.81
C PRO A 1125 -21.53 -5.77 22.31
N ASN A 1126 -20.84 -5.39 21.22
CA ASN A 1126 -20.94 -4.05 20.64
C ASN A 1126 -22.29 -3.84 19.94
N LYS A 1127 -23.12 -2.98 20.54
CA LYS A 1127 -24.48 -2.63 20.10
C LYS A 1127 -24.55 -2.20 18.64
N ILE A 1128 -23.59 -1.41 18.17
CA ILE A 1128 -23.56 -0.87 16.80
C ILE A 1128 -23.39 -1.98 15.77
N PHE A 1129 -22.84 -3.14 16.15
CA PHE A 1129 -22.76 -4.32 15.31
C PHE A 1129 -23.92 -5.26 15.58
N SER A 1130 -24.29 -5.43 16.85
CA SER A 1130 -25.33 -6.35 17.28
C SER A 1130 -26.70 -5.97 16.76
N LYS A 1131 -27.20 -4.74 16.98
CA LYS A 1131 -28.51 -4.32 16.48
C LYS A 1131 -28.58 -4.36 14.96
N SER A 1132 -27.52 -3.93 14.28
CA SER A 1132 -27.45 -4.08 12.83
C SER A 1132 -27.56 -5.54 12.41
N ALA A 1133 -26.73 -6.44 12.92
CA ALA A 1133 -26.75 -7.84 12.49
C ALA A 1133 -28.02 -8.60 12.92
N GLN A 1134 -28.67 -8.21 14.02
CA GLN A 1134 -29.98 -8.73 14.42
C GLN A 1134 -31.06 -8.39 13.38
N HIS A 1135 -31.09 -7.16 12.89
CA HIS A 1135 -32.07 -6.69 11.90
C HIS A 1135 -31.66 -6.96 10.45
N TYR A 1136 -30.39 -7.19 10.15
CA TYR A 1136 -29.83 -7.27 8.80
C TYR A 1136 -30.63 -8.18 7.86
N THR A 1137 -31.06 -9.36 8.29
CA THR A 1137 -31.81 -10.30 7.43
C THR A 1137 -33.26 -9.88 7.18
N THR A 1138 -33.78 -8.87 7.91
CA THR A 1138 -35.03 -8.17 7.59
C THR A 1138 -34.76 -6.90 6.77
N THR A 1139 -33.66 -6.18 7.00
CA THR A 1139 -33.24 -5.07 6.13
C THR A 1139 -32.93 -5.57 4.72
N GLU A 1140 -32.34 -6.75 4.54
CA GLU A 1140 -32.12 -7.35 3.22
C GLU A 1140 -33.43 -7.63 2.46
N ILE A 1141 -34.57 -7.80 3.15
CA ILE A 1141 -35.91 -7.89 2.53
C ILE A 1141 -36.45 -6.50 2.20
N ASP A 1142 -36.40 -5.56 3.12
CA ASP A 1142 -36.84 -4.18 2.85
C ASP A 1142 -36.02 -3.49 1.74
N LEU A 1143 -34.71 -3.72 1.70
CA LEU A 1143 -33.80 -3.23 0.66
C LEU A 1143 -33.99 -3.93 -0.69
N ASN A 1144 -34.75 -5.03 -0.77
CA ASN A 1144 -35.27 -5.58 -2.03
C ASN A 1144 -36.57 -4.86 -2.42
N ASP A 1145 -37.52 -4.85 -1.49
CA ASP A 1145 -38.89 -4.41 -1.71
C ASP A 1145 -39.04 -2.88 -1.88
N ILE A 1146 -38.04 -2.07 -1.50
CA ILE A 1146 -37.94 -0.63 -1.83
C ILE A 1146 -38.12 -0.36 -3.32
N MET A 1147 -37.42 -1.09 -4.17
CA MET A 1147 -37.29 -0.78 -5.59
C MET A 1147 -38.18 -1.64 -6.49
N GLN A 1148 -38.73 -2.73 -5.97
CA GLN A 1148 -39.30 -3.83 -6.76
C GLN A 1148 -40.36 -3.43 -7.80
N ASN A 1149 -41.08 -2.34 -7.55
CA ASN A 1149 -42.17 -1.85 -8.39
C ASN A 1149 -41.74 -1.15 -9.68
N ILE A 1150 -40.54 -0.56 -9.73
CA ILE A 1150 -40.09 0.27 -10.87
C ILE A 1150 -39.84 -0.60 -12.09
N GLU A 1151 -40.37 -0.21 -13.25
CA GLU A 1151 -40.55 -1.12 -14.38
C GLU A 1151 -39.27 -1.51 -15.12
N PRO A 1152 -38.63 -0.66 -15.95
CA PRO A 1152 -37.38 -1.01 -16.62
C PRO A 1152 -36.25 -0.96 -15.59
N THR A 1153 -35.75 -2.11 -15.16
CA THR A 1153 -34.74 -2.17 -14.10
C THR A 1153 -33.39 -1.77 -14.66
N TYR A 1154 -32.73 -0.79 -14.05
CA TYR A 1154 -31.39 -0.36 -14.44
C TYR A 1154 -30.40 -0.70 -13.31
N PRO A 1155 -29.66 -1.82 -13.39
CA PRO A 1155 -28.83 -2.30 -12.30
C PRO A 1155 -27.79 -1.32 -11.76
N HIS A 1156 -27.15 -0.50 -12.59
CA HIS A 1156 -26.23 0.52 -12.07
C HIS A 1156 -26.98 1.64 -11.34
N GLY A 1157 -28.21 1.94 -11.72
CA GLY A 1157 -29.09 2.87 -11.00
C GLY A 1157 -29.49 2.31 -9.65
N LEU A 1158 -29.83 1.03 -9.58
CA LEU A 1158 -30.00 0.30 -8.32
C LEU A 1158 -28.75 0.45 -7.46
N ARG A 1159 -27.55 0.29 -8.04
CA ARG A 1159 -26.29 0.42 -7.31
C ARG A 1159 -26.08 1.82 -6.71
N VAL A 1160 -26.47 2.90 -7.39
CA VAL A 1160 -26.45 4.24 -6.79
C VAL A 1160 -27.36 4.29 -5.56
N VAL A 1161 -28.56 3.72 -5.64
CA VAL A 1161 -29.47 3.63 -4.48
C VAL A 1161 -28.79 2.85 -3.37
N TYR A 1162 -28.14 1.73 -3.71
CA TYR A 1162 -27.46 0.88 -2.75
C TYR A 1162 -26.35 1.63 -2.00
N GLU A 1163 -25.45 2.29 -2.72
CA GLU A 1163 -24.32 3.03 -2.13
C GLU A 1163 -24.74 4.27 -1.36
N SER A 1164 -25.90 4.86 -1.67
CA SER A 1164 -26.46 6.00 -0.93
C SER A 1164 -26.98 5.58 0.44
N LEU A 1165 -27.72 4.48 0.50
CA LEU A 1165 -28.35 3.98 1.72
C LEU A 1165 -27.31 3.51 2.76
N PRO A 1166 -27.57 3.72 4.06
CA PRO A 1166 -26.62 3.39 5.14
C PRO A 1166 -26.24 1.91 5.17
N PHE A 1167 -27.07 1.03 4.61
CA PHE A 1167 -26.79 -0.38 4.55
C PHE A 1167 -25.48 -0.69 3.82
N TYR A 1168 -24.99 0.14 2.92
CA TYR A 1168 -23.75 -0.16 2.21
C TYR A 1168 -22.55 -0.20 3.13
N LYS A 1169 -22.39 0.78 4.02
CA LYS A 1169 -21.29 0.79 5.01
C LYS A 1169 -21.44 -0.32 6.03
N ALA A 1170 -22.68 -0.73 6.35
CA ALA A 1170 -22.94 -1.92 7.13
C ALA A 1170 -22.64 -3.22 6.38
N GLU A 1171 -22.77 -3.25 5.05
CA GLU A 1171 -22.43 -4.42 4.24
C GLU A 1171 -20.92 -4.58 4.09
N LYS A 1172 -20.15 -3.49 3.96
CA LYS A 1172 -18.69 -3.59 3.86
C LYS A 1172 -18.08 -4.35 5.04
N ILE A 1173 -18.55 -4.08 6.25
CA ILE A 1173 -18.16 -4.79 7.46
C ILE A 1173 -18.46 -6.28 7.36
N VAL A 1174 -19.66 -6.67 6.94
CA VAL A 1174 -20.01 -8.08 6.79
C VAL A 1174 -19.17 -8.74 5.69
N ASN A 1175 -18.94 -8.06 4.56
CA ASN A 1175 -18.13 -8.57 3.46
C ASN A 1175 -16.65 -8.70 3.81
N LEU A 1176 -16.11 -7.85 4.68
CA LEU A 1176 -14.75 -7.98 5.22
C LEU A 1176 -14.64 -9.20 6.14
N ILE A 1177 -15.56 -9.32 7.11
CA ILE A 1177 -15.54 -10.38 8.12
C ILE A 1177 -15.86 -11.74 7.50
N SER A 1178 -16.57 -11.79 6.38
CA SER A 1178 -16.89 -13.03 5.63
C SER A 1178 -15.70 -13.65 4.91
N GLY A 1179 -14.58 -12.91 4.86
CA GLY A 1179 -13.31 -13.29 4.28
C GLY A 1179 -12.24 -13.62 5.31
N THR A 1180 -12.51 -13.70 6.62
CA THR A 1180 -11.56 -14.30 7.57
C THR A 1180 -11.62 -15.82 7.46
N LYS A 1181 -10.54 -16.53 7.80
CA LYS A 1181 -10.65 -17.93 8.25
C LYS A 1181 -11.47 -17.99 9.55
N SER A 1182 -11.87 -19.17 10.02
CA SER A 1182 -12.47 -19.32 11.37
C SER A 1182 -13.73 -18.50 11.70
N ILE A 1183 -14.60 -18.16 10.73
CA ILE A 1183 -15.73 -17.22 10.94
C ILE A 1183 -16.55 -17.51 12.20
N THR A 1184 -16.90 -18.77 12.44
CA THR A 1184 -17.75 -19.16 13.58
C THR A 1184 -17.07 -19.00 14.94
N ASN A 1185 -15.75 -18.86 14.96
CA ASN A 1185 -14.89 -18.79 16.14
C ASN A 1185 -14.23 -17.43 16.38
N ILE A 1186 -14.55 -16.38 15.60
CA ILE A 1186 -13.92 -15.04 15.67
C ILE A 1186 -13.73 -14.57 17.11
N LEU A 1187 -14.82 -14.41 17.86
CA LEU A 1187 -14.82 -13.93 19.24
C LEU A 1187 -14.87 -15.07 20.28
N GLU A 1188 -14.30 -16.23 19.98
CA GLU A 1188 -14.04 -17.31 20.96
C GLU A 1188 -12.54 -17.57 21.18
N LYS A 1189 -11.67 -16.73 20.59
CA LYS A 1189 -10.21 -16.66 20.77
C LYS A 1189 -9.45 -17.97 20.51
N THR A 1190 -9.53 -18.45 19.28
CA THR A 1190 -8.69 -19.52 18.71
C THR A 1190 -8.22 -19.20 17.31
N SER A 1191 -6.99 -19.56 16.99
CA SER A 1191 -6.49 -19.73 15.62
C SER A 1191 -7.13 -20.93 14.90
N ALA A 1192 -7.81 -21.82 15.63
CA ALA A 1192 -8.59 -22.94 15.10
C ALA A 1192 -9.75 -22.50 14.18
N ILE A 1193 -10.14 -23.37 13.26
CA ILE A 1193 -11.31 -23.23 12.42
C ILE A 1193 -12.35 -24.26 12.88
N ASP A 1194 -13.59 -23.84 13.11
CA ASP A 1194 -14.68 -24.74 13.50
C ASP A 1194 -15.02 -25.67 12.34
N LEU A 1195 -15.28 -26.95 12.57
CA LEU A 1195 -15.78 -27.88 11.55
C LEU A 1195 -17.05 -27.36 10.85
N THR A 1196 -17.84 -26.52 11.51
CA THR A 1196 -19.00 -25.82 10.91
C THR A 1196 -18.61 -25.06 9.64
N ASP A 1197 -17.42 -24.45 9.62
CA ASP A 1197 -16.86 -23.74 8.47
C ASP A 1197 -16.12 -24.62 7.45
N ILE A 1198 -15.59 -25.77 7.87
CA ILE A 1198 -15.06 -26.79 6.94
C ILE A 1198 -16.20 -27.43 6.16
N ASP A 1199 -17.33 -27.67 6.82
CA ASP A 1199 -18.57 -28.13 6.20
C ASP A 1199 -19.09 -27.13 5.17
N ARG A 1200 -19.31 -25.85 5.52
CA ARG A 1200 -19.80 -24.85 4.56
C ARG A 1200 -18.82 -24.55 3.44
N ALA A 1201 -17.53 -24.48 3.73
CA ALA A 1201 -16.53 -24.31 2.68
C ALA A 1201 -16.50 -25.52 1.75
N THR A 1202 -16.63 -26.74 2.26
CA THR A 1202 -16.73 -27.93 1.41
C THR A 1202 -18.03 -27.89 0.60
N GLU A 1203 -19.17 -27.54 1.17
CA GLU A 1203 -20.43 -27.36 0.43
C GLU A 1203 -20.25 -26.37 -0.73
N MET A 1204 -19.63 -25.21 -0.47
CA MET A 1204 -19.37 -24.19 -1.48
C MET A 1204 -18.48 -24.74 -2.59
N MET A 1205 -17.35 -25.34 -2.25
CA MET A 1205 -16.40 -25.82 -3.25
C MET A 1205 -16.99 -26.94 -4.10
N ARG A 1206 -17.66 -27.91 -3.47
CA ARG A 1206 -18.27 -29.04 -4.16
C ARG A 1206 -19.45 -28.62 -5.04
N LYS A 1207 -20.22 -27.58 -4.69
CA LYS A 1207 -21.22 -27.02 -5.61
C LYS A 1207 -20.59 -26.22 -6.74
N ASN A 1208 -19.63 -25.36 -6.46
CA ASN A 1208 -18.96 -24.56 -7.46
C ASN A 1208 -18.21 -25.38 -8.52
N ILE A 1209 -17.62 -26.51 -8.16
CA ILE A 1209 -17.02 -27.44 -9.12
C ILE A 1209 -18.07 -28.09 -10.00
N THR A 1210 -19.08 -28.73 -9.39
CA THR A 1210 -20.12 -29.49 -10.09
C THR A 1210 -21.08 -28.66 -10.90
N LEU A 1211 -21.09 -27.33 -10.74
CA LEU A 1211 -21.98 -26.39 -11.42
C LEU A 1211 -22.15 -26.66 -12.92
N LEU A 1212 -21.10 -27.11 -13.59
CA LEU A 1212 -21.14 -27.36 -15.01
C LEU A 1212 -22.06 -28.52 -15.41
N ILE A 1213 -22.41 -29.43 -14.49
CA ILE A 1213 -23.43 -30.48 -14.71
C ILE A 1213 -24.86 -29.95 -14.55
N ARG A 1214 -25.05 -28.84 -13.82
CA ARG A 1214 -26.35 -28.16 -13.64
C ARG A 1214 -26.61 -27.12 -14.71
N ILE A 1215 -25.59 -26.39 -15.16
CA ILE A 1215 -25.67 -25.42 -16.26
C ILE A 1215 -25.83 -26.10 -17.63
N LEU A 1216 -25.26 -27.29 -17.86
CA LEU A 1216 -25.39 -28.05 -19.12
C LEU A 1216 -26.11 -29.40 -18.95
N PRO A 1217 -27.40 -29.44 -18.59
CA PRO A 1217 -28.09 -30.69 -18.31
C PRO A 1217 -28.27 -31.53 -19.58
N LEU A 1218 -28.15 -32.85 -19.46
CA LEU A 1218 -28.31 -33.83 -20.55
C LEU A 1218 -29.77 -34.09 -20.97
N ASP A 1219 -30.76 -33.50 -20.32
CA ASP A 1219 -32.17 -33.93 -20.29
C ASP A 1219 -32.97 -33.53 -21.55
N CYS A 1220 -32.43 -33.80 -22.74
CA CYS A 1220 -32.88 -33.24 -24.02
C CYS A 1220 -32.92 -31.69 -23.98
N ASN A 1221 -32.13 -31.12 -23.05
CA ASN A 1221 -31.89 -29.70 -22.77
C ASN A 1221 -33.18 -28.95 -22.41
N ARG A 1222 -33.78 -29.29 -21.26
CA ARG A 1222 -35.15 -28.95 -20.86
C ARG A 1222 -36.18 -29.28 -21.96
N ASP A 1223 -36.11 -30.50 -22.47
CA ASP A 1223 -36.99 -31.08 -23.49
C ASP A 1223 -37.08 -30.33 -24.86
N LYS A 1224 -36.13 -29.44 -25.16
CA LYS A 1224 -36.09 -28.66 -26.41
C LYS A 1224 -35.57 -29.52 -27.57
N ARG A 1225 -36.49 -30.25 -28.20
CA ARG A 1225 -36.24 -31.08 -29.40
C ARG A 1225 -35.91 -30.28 -30.65
N GLU A 1226 -36.09 -28.96 -30.64
CA GLU A 1226 -35.36 -28.05 -31.53
C GLU A 1226 -34.28 -27.32 -30.73
N ILE A 1227 -33.02 -27.54 -31.11
CA ILE A 1227 -31.83 -26.87 -30.60
C ILE A 1227 -31.65 -25.51 -31.30
N LEU A 1228 -31.06 -24.52 -30.62
CA LEU A 1228 -31.04 -23.11 -31.01
C LEU A 1228 -30.59 -22.86 -32.46
N SER A 1229 -31.48 -22.26 -33.25
CA SER A 1229 -31.18 -21.67 -34.55
C SER A 1229 -30.23 -20.49 -34.34
N MET A 1230 -28.99 -20.60 -34.82
CA MET A 1230 -27.98 -19.53 -34.69
C MET A 1230 -27.72 -18.74 -35.98
N GLU A 1231 -28.38 -19.10 -37.06
CA GLU A 1231 -28.59 -18.22 -38.20
C GLU A 1231 -29.19 -16.90 -37.71
N ASN A 1232 -28.62 -15.76 -38.12
CA ASN A 1232 -28.98 -14.40 -37.67
C ASN A 1232 -28.89 -14.13 -36.15
N LEU A 1233 -28.28 -15.00 -35.35
CA LEU A 1233 -28.18 -14.81 -33.91
C LEU A 1233 -27.18 -13.73 -33.52
N SER A 1234 -27.53 -12.91 -32.53
CA SER A 1234 -26.68 -11.91 -31.93
C SER A 1234 -26.37 -12.27 -30.48
N ILE A 1235 -25.09 -12.41 -30.15
CA ILE A 1235 -24.66 -12.93 -28.86
C ILE A 1235 -24.97 -11.97 -27.73
N THR A 1236 -24.96 -10.65 -27.97
CA THR A 1236 -25.43 -9.69 -26.97
C THR A 1236 -26.92 -9.76 -26.69
N GLU A 1237 -27.74 -10.19 -27.66
CA GLU A 1237 -29.19 -10.34 -27.45
C GLU A 1237 -29.51 -11.62 -26.67
N LEU A 1238 -28.81 -12.70 -26.96
CA LEU A 1238 -28.83 -13.89 -26.13
C LEU A 1238 -28.36 -13.56 -24.70
N SER A 1239 -27.28 -12.81 -24.54
CA SER A 1239 -26.82 -12.34 -23.22
C SER A 1239 -27.85 -11.47 -22.50
N LYS A 1240 -28.58 -10.59 -23.20
CA LYS A 1240 -29.69 -9.82 -22.61
C LYS A 1240 -30.82 -10.73 -22.13
N TYR A 1241 -31.26 -11.67 -22.98
CA TYR A 1241 -32.35 -12.59 -22.69
C TYR A 1241 -32.05 -13.48 -21.48
N VAL A 1242 -30.82 -13.97 -21.36
CA VAL A 1242 -30.38 -14.78 -20.22
C VAL A 1242 -30.33 -13.98 -18.93
N ARG A 1243 -29.72 -12.80 -18.91
CA ARG A 1243 -29.68 -12.00 -17.68
C ARG A 1243 -31.07 -11.59 -17.23
N GLU A 1244 -32.01 -11.35 -18.13
CA GLU A 1244 -33.42 -11.10 -17.84
C GLU A 1244 -34.15 -12.34 -17.34
N ARG A 1245 -34.07 -13.45 -18.07
CA ARG A 1245 -34.69 -14.72 -17.69
C ARG A 1245 -34.23 -15.18 -16.32
N SER A 1246 -32.96 -15.00 -16.02
CA SER A 1246 -32.36 -15.40 -14.75
C SER A 1246 -32.91 -14.63 -13.57
N TRP A 1247 -33.53 -13.47 -13.77
CA TRP A 1247 -34.27 -12.74 -12.74
C TRP A 1247 -35.79 -12.77 -12.92
N SER A 1248 -36.29 -13.23 -14.07
CA SER A 1248 -37.66 -13.03 -14.56
C SER A 1248 -38.12 -11.56 -14.61
N LEU A 1249 -37.19 -10.61 -14.60
CA LEU A 1249 -37.47 -9.21 -14.84
C LEU A 1249 -37.81 -9.00 -16.32
N SER A 1250 -38.87 -8.25 -16.60
CA SER A 1250 -39.37 -8.08 -17.97
C SER A 1250 -38.40 -7.31 -18.85
N ASN A 1251 -37.75 -6.27 -18.33
CA ASN A 1251 -36.60 -5.61 -18.96
C ASN A 1251 -35.52 -5.29 -17.93
N ILE A 1252 -34.26 -5.56 -18.28
CA ILE A 1252 -33.07 -5.08 -17.61
C ILE A 1252 -32.27 -4.22 -18.61
N VAL A 1253 -31.81 -3.06 -18.16
CA VAL A 1253 -31.34 -1.97 -19.02
C VAL A 1253 -29.88 -1.62 -18.70
N GLY A 1254 -29.12 -1.17 -19.69
CA GLY A 1254 -27.83 -0.51 -19.50
C GLY A 1254 -26.62 -1.42 -19.27
N VAL A 1255 -26.79 -2.58 -18.65
CA VAL A 1255 -25.67 -3.51 -18.41
C VAL A 1255 -25.28 -4.33 -19.63
N THR A 1256 -26.16 -4.46 -20.62
CA THR A 1256 -26.11 -5.47 -21.68
C THR A 1256 -25.13 -5.16 -22.81
N SER A 1257 -24.08 -4.37 -22.57
CA SER A 1257 -23.16 -3.87 -23.59
C SER A 1257 -22.38 -4.98 -24.29
N PRO A 1258 -22.10 -4.92 -25.61
CA PRO A 1258 -21.56 -6.04 -26.37
C PRO A 1258 -20.09 -6.28 -26.07
N SER A 1259 -19.68 -7.49 -26.40
CA SER A 1259 -18.32 -7.99 -26.48
C SER A 1259 -17.62 -7.46 -27.72
N ILE A 1260 -16.69 -6.52 -27.57
CA ILE A 1260 -15.98 -5.93 -28.70
C ILE A 1260 -15.30 -6.99 -29.55
N MET A 1261 -14.66 -7.95 -28.92
CA MET A 1261 -13.94 -9.05 -29.55
C MET A 1261 -14.79 -9.91 -30.49
N TYR A 1262 -16.10 -10.00 -30.29
CA TYR A 1262 -17.00 -10.72 -31.18
C TYR A 1262 -17.63 -9.83 -32.24
N THR A 1263 -17.95 -8.58 -31.93
CA THR A 1263 -18.51 -7.69 -32.95
C THR A 1263 -17.49 -7.34 -34.03
N MET A 1264 -16.24 -7.03 -33.68
CA MET A 1264 -15.22 -6.64 -34.67
C MET A 1264 -14.73 -7.81 -35.51
N ASP A 1265 -15.03 -7.81 -36.80
CA ASP A 1265 -14.26 -8.53 -37.80
C ASP A 1265 -12.96 -7.77 -38.09
N ILE A 1266 -11.86 -8.49 -38.34
CA ILE A 1266 -10.54 -7.89 -38.52
C ILE A 1266 -10.03 -8.17 -39.92
N LYS A 1267 -9.62 -7.12 -40.64
CA LYS A 1267 -9.09 -7.21 -42.00
C LYS A 1267 -7.84 -6.33 -42.14
N TYR A 1268 -6.97 -6.64 -43.10
CA TYR A 1268 -5.64 -6.01 -43.22
C TYR A 1268 -5.45 -5.10 -44.44
N THR A 1269 -6.44 -4.99 -45.33
CA THR A 1269 -6.47 -4.03 -46.46
C THR A 1269 -7.88 -3.45 -46.64
N THR A 1270 -7.98 -2.17 -47.01
CA THR A 1270 -9.25 -1.45 -47.24
C THR A 1270 -9.88 -1.82 -48.59
N SER A 1271 -10.83 -2.76 -48.57
CA SER A 1271 -11.67 -3.14 -49.73
C SER A 1271 -12.74 -2.09 -50.06
N THR A 1272 -13.61 -2.39 -51.01
CA THR A 1272 -14.79 -1.59 -51.42
C THR A 1272 -15.75 -1.21 -50.27
N ILE A 1273 -15.71 -1.94 -49.15
CA ILE A 1273 -16.41 -1.61 -47.90
C ILE A 1273 -16.01 -0.23 -47.36
N SER A 1274 -14.71 0.14 -47.45
CA SER A 1274 -14.11 1.42 -47.01
C SER A 1274 -14.67 1.95 -45.68
N SER A 1275 -14.75 1.08 -44.66
CA SER A 1275 -15.52 1.27 -43.43
C SER A 1275 -14.84 0.60 -42.23
N GLY A 1276 -15.23 0.96 -41.01
CA GLY A 1276 -14.66 0.42 -39.77
C GLY A 1276 -13.75 1.38 -38.99
N ILE A 1277 -13.11 0.89 -37.95
CA ILE A 1277 -12.13 1.63 -37.15
C ILE A 1277 -10.76 1.21 -37.64
N ILE A 1278 -9.92 2.15 -38.05
CA ILE A 1278 -8.60 1.87 -38.60
C ILE A 1278 -7.55 2.22 -37.55
N ILE A 1279 -6.65 1.26 -37.32
CA ILE A 1279 -5.51 1.35 -36.41
C ILE A 1279 -4.24 1.15 -37.24
N GLU A 1280 -3.28 2.04 -37.10
CA GLU A 1280 -2.13 2.14 -37.97
C GLU A 1280 -0.82 2.28 -37.20
N LYS A 1281 0.22 1.63 -37.70
CA LYS A 1281 1.59 1.74 -37.20
C LYS A 1281 2.20 3.05 -37.67
N TYR A 1282 2.51 3.94 -36.73
CA TYR A 1282 3.25 5.18 -36.93
C TYR A 1282 4.77 5.02 -36.68
N ASN A 1283 5.19 3.98 -35.99
CA ASN A 1283 6.59 3.55 -35.99
C ASN A 1283 7.07 3.01 -37.37
N VAL A 1284 8.34 3.24 -37.70
CA VAL A 1284 8.90 3.05 -39.04
C VAL A 1284 9.17 1.60 -39.40
N ASN A 1285 9.78 0.83 -38.49
CA ASN A 1285 10.33 -0.50 -38.75
C ASN A 1285 9.33 -1.65 -38.58
N SER A 1286 9.70 -2.87 -38.94
CA SER A 1286 8.75 -3.97 -39.13
C SER A 1286 8.30 -4.62 -37.82
N LEU A 1287 9.20 -4.82 -36.87
CA LEU A 1287 8.90 -5.17 -35.47
C LEU A 1287 8.54 -3.90 -34.69
N THR A 1288 7.80 -4.02 -33.59
CA THR A 1288 7.51 -2.86 -32.74
C THR A 1288 7.41 -3.12 -31.24
N ARG A 1289 7.57 -4.35 -30.76
CA ARG A 1289 7.78 -4.61 -29.33
C ARG A 1289 9.11 -4.00 -28.86
N GLY A 1290 9.12 -3.35 -27.71
CA GLY A 1290 10.33 -2.79 -27.10
C GLY A 1290 10.87 -1.55 -27.82
N GLU A 1291 10.01 -0.77 -28.45
CA GLU A 1291 10.36 0.42 -29.23
C GLU A 1291 9.22 1.43 -29.08
N ARG A 1292 9.48 2.73 -29.23
CA ARG A 1292 8.49 3.79 -28.93
C ARG A 1292 8.22 4.65 -30.14
N GLY A 1293 6.95 5.06 -30.31
CA GLY A 1293 6.49 5.84 -31.44
C GLY A 1293 6.33 7.33 -31.16
N PRO A 1294 5.79 8.09 -32.13
CA PRO A 1294 5.64 9.53 -31.99
C PRO A 1294 4.35 9.97 -31.28
N THR A 1295 3.36 9.09 -31.13
CA THR A 1295 2.01 9.40 -30.62
C THR A 1295 2.00 9.54 -29.09
N LYS A 1296 1.06 10.30 -28.50
CA LYS A 1296 0.86 10.25 -27.04
C LYS A 1296 0.43 8.83 -26.62
N PRO A 1297 0.83 8.31 -25.45
CA PRO A 1297 0.41 6.99 -24.98
C PRO A 1297 -1.10 6.95 -24.79
N TRP A 1298 -1.64 5.75 -24.58
CA TRP A 1298 -3.06 5.51 -24.46
C TRP A 1298 -3.41 4.74 -23.19
N VAL A 1299 -4.33 5.35 -22.47
CA VAL A 1299 -5.24 4.75 -21.51
C VAL A 1299 -6.59 5.32 -21.94
N GLY A 1300 -7.69 4.57 -21.87
CA GLY A 1300 -8.87 4.94 -22.63
C GLY A 1300 -9.96 5.26 -21.65
N SER A 1301 -10.52 6.44 -21.78
CA SER A 1301 -11.12 7.15 -20.66
C SER A 1301 -12.51 7.57 -21.10
N SER A 1302 -13.46 7.56 -20.18
CA SER A 1302 -14.84 7.32 -20.54
C SER A 1302 -15.63 8.58 -20.27
N THR A 1303 -16.35 9.02 -21.31
CA THR A 1303 -16.81 10.40 -21.42
C THR A 1303 -17.58 10.80 -20.17
N GLN A 1304 -17.06 11.80 -19.47
CA GLN A 1304 -17.37 12.05 -18.08
C GLN A 1304 -18.84 12.43 -17.91
N GLU A 1305 -19.33 12.29 -16.69
CA GLU A 1305 -20.74 12.48 -16.36
C GLU A 1305 -21.05 13.98 -16.22
N LYS A 1306 -21.03 14.68 -17.36
CA LYS A 1306 -20.94 16.14 -17.51
C LYS A 1306 -21.91 16.88 -16.57
N LYS A 1307 -21.39 17.79 -15.74
CA LYS A 1307 -22.12 18.40 -14.62
C LYS A 1307 -21.61 19.79 -14.29
N THR A 1308 -22.43 20.59 -13.61
CA THR A 1308 -22.00 21.86 -13.00
C THR A 1308 -21.91 21.78 -11.48
N MET A 1309 -20.76 22.09 -10.91
CA MET A 1309 -20.59 22.26 -9.47
C MET A 1309 -21.17 23.63 -9.04
N PRO A 1310 -22.14 23.71 -8.12
CA PRO A 1310 -22.73 24.98 -7.70
C PRO A 1310 -21.82 25.72 -6.69
N VAL A 1311 -21.99 27.04 -6.59
CA VAL A 1311 -21.20 27.88 -5.67
C VAL A 1311 -21.65 27.62 -4.22
N TYR A 1312 -20.82 26.90 -3.47
CA TYR A 1312 -20.89 26.75 -2.02
C TYR A 1312 -19.48 26.53 -1.46
N ASN A 1313 -19.26 26.76 -0.17
CA ASN A 1313 -17.96 26.57 0.48
C ASN A 1313 -17.63 25.08 0.61
N ARG A 1314 -17.04 24.50 -0.44
CA ARG A 1314 -16.84 23.06 -0.63
C ARG A 1314 -16.20 22.35 0.56
N GLN A 1315 -15.25 22.98 1.23
CA GLN A 1315 -14.42 22.35 2.27
C GLN A 1315 -15.17 22.11 3.58
N VAL A 1316 -16.29 22.80 3.79
CA VAL A 1316 -17.14 22.70 4.98
C VAL A 1316 -17.72 21.29 5.15
N LEU A 1317 -17.80 20.48 4.08
CA LEU A 1317 -18.36 19.13 4.07
C LEU A 1317 -17.26 18.08 3.97
N THR A 1318 -17.24 17.17 4.93
CA THR A 1318 -16.30 16.04 4.98
C THR A 1318 -16.47 15.12 3.80
N LYS A 1319 -15.42 14.44 3.35
CA LYS A 1319 -15.52 13.49 2.21
C LYS A 1319 -16.65 12.47 2.44
N LYS A 1320 -16.80 11.97 3.67
CA LYS A 1320 -17.80 10.98 4.09
C LYS A 1320 -19.27 11.42 3.83
N GLN A 1321 -19.53 12.71 3.61
CA GLN A 1321 -20.86 13.20 3.21
C GLN A 1321 -20.85 14.02 1.92
N ARG A 1322 -19.70 14.56 1.52
CA ARG A 1322 -19.55 15.24 0.24
C ARG A 1322 -19.64 14.27 -0.92
N ASP A 1323 -19.34 12.99 -0.73
CA ASP A 1323 -19.66 11.94 -1.73
C ASP A 1323 -21.10 11.43 -1.63
N GLN A 1324 -21.73 11.45 -0.45
CA GLN A 1324 -23.16 11.18 -0.29
C GLN A 1324 -24.01 12.18 -1.09
N ILE A 1325 -23.61 13.46 -1.16
CA ILE A 1325 -24.29 14.47 -1.96
C ILE A 1325 -24.20 14.16 -3.45
N ASP A 1326 -23.09 13.60 -3.94
CA ASP A 1326 -23.02 13.21 -5.36
C ASP A 1326 -23.85 11.96 -5.66
N LEU A 1327 -23.90 10.97 -4.78
CA LEU A 1327 -24.81 9.83 -4.95
C LEU A 1327 -26.28 10.29 -5.00
N LEU A 1328 -26.69 11.18 -4.10
CA LEU A 1328 -28.02 11.80 -4.13
C LEU A 1328 -28.27 12.57 -5.43
N ALA A 1329 -27.28 13.31 -5.94
CA ALA A 1329 -27.36 14.03 -7.21
C ALA A 1329 -27.49 13.10 -8.41
N LYS A 1330 -26.81 11.95 -8.40
CA LYS A 1330 -26.98 10.89 -9.40
C LYS A 1330 -28.42 10.40 -9.40
N LEU A 1331 -28.99 10.09 -8.24
CA LEU A 1331 -30.39 9.68 -8.15
C LEU A 1331 -31.33 10.75 -8.70
N ASP A 1332 -31.04 12.03 -8.48
CA ASP A 1332 -31.87 13.13 -8.96
C ASP A 1332 -31.97 13.19 -10.49
N TRP A 1333 -30.95 12.78 -11.25
CA TRP A 1333 -30.98 12.82 -12.73
C TRP A 1333 -31.20 11.47 -13.40
N VAL A 1334 -30.79 10.36 -12.78
CA VAL A 1334 -31.12 9.00 -13.23
C VAL A 1334 -32.63 8.78 -13.08
N TYR A 1335 -33.12 8.86 -11.85
CA TYR A 1335 -34.52 8.66 -11.50
C TYR A 1335 -35.32 9.96 -11.51
N ALA A 1336 -34.98 10.91 -12.38
CA ALA A 1336 -35.82 12.10 -12.57
C ALA A 1336 -37.23 11.73 -13.05
N SER A 1337 -37.33 10.66 -13.83
CA SER A 1337 -38.54 10.24 -14.53
C SER A 1337 -39.50 9.38 -13.70
N ILE A 1338 -39.19 8.98 -12.45
CA ILE A 1338 -40.10 8.12 -11.67
C ILE A 1338 -41.39 8.82 -11.28
N ASP A 1339 -42.44 8.05 -11.02
CA ASP A 1339 -43.75 8.55 -10.56
C ASP A 1339 -43.68 9.39 -9.27
N ASN A 1340 -42.59 9.29 -8.52
CA ASN A 1340 -42.48 9.78 -7.15
C ASN A 1340 -41.14 10.42 -6.80
N LYS A 1341 -40.52 11.16 -7.73
CA LYS A 1341 -39.16 11.72 -7.55
C LYS A 1341 -39.03 12.52 -6.24
N ASP A 1342 -40.04 13.33 -5.94
CA ASP A 1342 -40.03 14.28 -4.83
C ASP A 1342 -40.04 13.61 -3.46
N GLU A 1343 -40.91 12.62 -3.21
CA GLU A 1343 -40.91 11.91 -1.93
C GLU A 1343 -39.69 11.00 -1.80
N PHE A 1344 -39.24 10.40 -2.90
CA PHE A 1344 -38.05 9.55 -2.94
C PHE A 1344 -36.79 10.31 -2.56
N MET A 1345 -36.60 11.51 -3.12
CA MET A 1345 -35.48 12.35 -2.72
C MET A 1345 -35.67 12.96 -1.34
N GLU A 1346 -36.90 13.27 -0.91
CA GLU A 1346 -37.17 13.84 0.41
C GLU A 1346 -36.80 12.88 1.54
N GLU A 1347 -37.32 11.65 1.55
CA GLU A 1347 -37.00 10.71 2.64
C GLU A 1347 -35.58 10.14 2.56
N LEU A 1348 -34.92 10.18 1.38
CA LEU A 1348 -33.47 9.99 1.29
C LEU A 1348 -32.71 11.16 1.93
N SER A 1349 -32.99 12.41 1.53
CA SER A 1349 -32.25 13.59 1.98
C SER A 1349 -32.45 13.91 3.45
N ILE A 1350 -33.67 13.74 3.99
CA ILE A 1350 -33.90 13.86 5.43
C ILE A 1350 -33.25 12.70 6.19
N GLY A 1351 -33.01 11.57 5.53
CA GLY A 1351 -32.29 10.43 6.08
C GLY A 1351 -30.78 10.63 6.10
N THR A 1352 -30.14 10.56 4.93
CA THR A 1352 -28.68 10.45 4.79
C THR A 1352 -27.93 11.77 4.80
N LEU A 1353 -28.57 12.89 4.46
CA LEU A 1353 -28.00 14.24 4.60
C LEU A 1353 -28.54 14.99 5.82
N GLY A 1354 -29.74 14.69 6.28
CA GLY A 1354 -30.41 15.42 7.36
C GLY A 1354 -30.97 16.78 6.96
N LEU A 1355 -31.26 16.98 5.67
CA LEU A 1355 -31.81 18.22 5.11
C LEU A 1355 -33.09 17.95 4.32
N THR A 1356 -34.03 18.89 4.31
CA THR A 1356 -35.17 18.85 3.37
C THR A 1356 -34.68 18.97 1.94
N TYR A 1357 -35.37 18.32 1.00
CA TYR A 1357 -34.90 18.16 -0.38
C TYR A 1357 -34.56 19.48 -1.07
N GLU A 1358 -35.45 20.47 -1.05
CA GLU A 1358 -35.25 21.75 -1.72
C GLU A 1358 -34.08 22.56 -1.12
N LYS A 1359 -33.68 22.30 0.13
CA LYS A 1359 -32.52 22.94 0.77
C LYS A 1359 -31.23 22.17 0.52
N ALA A 1360 -31.31 20.86 0.29
CA ALA A 1360 -30.18 20.06 -0.15
C ALA A 1360 -29.89 20.19 -1.65
N LYS A 1361 -30.89 20.44 -2.49
CA LYS A 1361 -30.78 20.56 -3.95
C LYS A 1361 -29.75 21.61 -4.37
N LYS A 1362 -29.58 22.67 -3.57
CA LYS A 1362 -28.54 23.70 -3.74
C LYS A 1362 -27.13 23.11 -3.82
N LEU A 1363 -26.87 22.02 -3.10
CA LEU A 1363 -25.57 21.36 -2.97
C LEU A 1363 -25.31 20.30 -4.04
N PHE A 1364 -26.35 19.80 -4.73
CA PHE A 1364 -26.19 18.75 -5.72
C PHE A 1364 -25.53 19.32 -6.97
N PRO A 1365 -24.52 18.67 -7.57
CA PRO A 1365 -24.18 18.91 -8.96
C PRO A 1365 -25.40 18.76 -9.85
N GLN A 1366 -25.54 19.61 -10.85
CA GLN A 1366 -26.65 19.56 -11.81
C GLN A 1366 -26.12 18.99 -13.11
N TYR A 1367 -26.68 17.87 -13.55
CA TYR A 1367 -26.07 17.02 -14.58
C TYR A 1367 -26.52 17.41 -15.99
N LEU A 1368 -25.57 17.82 -16.83
CA LEU A 1368 -25.83 18.37 -18.17
C LEU A 1368 -25.96 17.29 -19.25
N SER A 1369 -25.34 16.13 -19.04
CA SER A 1369 -25.39 15.03 -19.99
C SER A 1369 -26.81 14.46 -20.12
N VAL A 1370 -27.21 14.02 -21.32
CA VAL A 1370 -28.58 13.54 -21.53
C VAL A 1370 -28.81 12.13 -20.97
N ASN A 1371 -27.85 11.22 -21.12
CA ASN A 1371 -28.08 9.78 -21.13
C ASN A 1371 -27.27 9.01 -20.09
N TYR A 1372 -27.86 8.85 -18.91
CA TYR A 1372 -27.34 8.08 -17.78
C TYR A 1372 -27.09 6.60 -18.05
N LEU A 1373 -27.58 6.05 -19.16
CA LEU A 1373 -27.18 4.71 -19.57
C LEU A 1373 -25.78 4.70 -20.20
N HIS A 1374 -25.47 5.72 -20.99
CA HIS A 1374 -24.22 5.78 -21.73
C HIS A 1374 -23.12 6.45 -20.91
N ARG A 1375 -23.51 7.34 -19.98
CA ARG A 1375 -22.58 8.12 -19.14
C ARG A 1375 -23.11 8.23 -17.71
N LEU A 1376 -22.62 7.37 -16.84
CA LEU A 1376 -22.85 7.40 -15.38
C LEU A 1376 -21.56 6.90 -14.72
N THR A 1377 -21.27 7.33 -13.50
CA THR A 1377 -20.15 6.81 -12.71
C THR A 1377 -20.61 6.19 -11.40
N VAL A 1378 -20.24 4.93 -11.17
CA VAL A 1378 -20.38 4.16 -9.92
C VAL A 1378 -19.40 3.00 -9.94
N SER A 1379 -19.03 2.46 -8.77
CA SER A 1379 -18.04 1.39 -8.63
C SER A 1379 -18.25 0.18 -9.54
N SER A 1380 -19.51 -0.18 -9.80
CA SER A 1380 -19.90 -1.33 -10.64
C SER A 1380 -19.66 -1.15 -12.14
N ARG A 1381 -19.32 0.04 -12.61
CA ARG A 1381 -19.10 0.38 -14.02
C ARG A 1381 -17.63 0.76 -14.24
N PRO A 1382 -16.89 0.23 -15.23
CA PRO A 1382 -15.48 0.58 -15.44
C PRO A 1382 -15.28 2.08 -15.62
N CYS A 1383 -14.31 2.69 -14.94
CA CYS A 1383 -13.97 4.10 -15.16
C CYS A 1383 -13.18 4.30 -16.45
N GLU A 1384 -12.16 3.47 -16.68
CA GLU A 1384 -11.22 3.56 -17.80
C GLU A 1384 -10.86 2.15 -18.31
N PHE A 1385 -10.48 2.02 -19.56
CA PHE A 1385 -10.50 0.80 -20.37
C PHE A 1385 -9.12 0.48 -21.02
N PRO A 1386 -8.04 0.36 -20.24
CA PRO A 1386 -6.71 0.13 -20.79
C PRO A 1386 -6.67 -1.14 -21.64
N ALA A 1387 -5.79 -1.11 -22.63
CA ALA A 1387 -5.49 -2.25 -23.49
C ALA A 1387 -4.58 -3.27 -22.78
N SER A 1388 -4.65 -4.55 -23.18
CA SER A 1388 -3.79 -5.66 -22.71
C SER A 1388 -2.41 -5.63 -23.36
N ILE A 1389 -1.77 -4.49 -23.21
CA ILE A 1389 -0.49 -4.06 -23.74
C ILE A 1389 0.09 -3.13 -22.66
N PRO A 1390 1.41 -3.03 -22.47
CA PRO A 1390 1.96 -2.00 -21.60
C PRO A 1390 1.80 -0.63 -22.26
N ALA A 1391 1.53 0.40 -21.45
CA ALA A 1391 1.12 1.72 -21.92
C ALA A 1391 2.08 2.31 -22.96
N TYR A 1392 3.39 2.20 -22.72
CA TYR A 1392 4.41 2.75 -23.62
C TYR A 1392 4.21 2.32 -25.07
N ARG A 1393 3.75 1.09 -25.32
CA ARG A 1393 3.75 0.57 -26.68
C ARG A 1393 2.61 1.14 -27.51
N THR A 1394 1.55 1.60 -26.88
CA THR A 1394 0.45 2.25 -27.58
C THR A 1394 0.93 3.45 -28.42
N THR A 1395 2.04 4.11 -28.06
CA THR A 1395 2.63 5.22 -28.79
C THR A 1395 3.03 4.89 -30.23
N ASN A 1396 3.32 3.63 -30.52
CA ASN A 1396 3.64 3.16 -31.87
C ASN A 1396 2.46 3.25 -32.83
N TYR A 1397 1.26 3.46 -32.32
CA TYR A 1397 0.05 3.37 -33.12
C TYR A 1397 -0.82 4.61 -33.03
N HIS A 1398 -1.54 4.86 -34.11
CA HIS A 1398 -2.55 5.89 -34.22
C HIS A 1398 -3.88 5.24 -34.58
N PHE A 1399 -4.98 5.77 -34.04
CA PHE A 1399 -6.31 5.20 -34.16
C PHE A 1399 -7.29 6.23 -34.75
N ASP A 1400 -8.18 5.79 -35.63
CA ASP A 1400 -9.10 6.69 -36.31
C ASP A 1400 -10.46 6.01 -36.53
N THR A 1401 -11.49 6.58 -35.93
CA THR A 1401 -12.85 6.06 -35.94
C THR A 1401 -13.71 6.65 -37.05
N SER A 1402 -13.19 7.55 -37.89
CA SER A 1402 -14.00 8.24 -38.89
C SER A 1402 -14.77 7.30 -39.84
N PRO A 1403 -14.20 6.18 -40.35
CA PRO A 1403 -14.91 5.35 -41.31
C PRO A 1403 -16.11 4.60 -40.69
N ILE A 1404 -16.03 4.19 -39.42
CA ILE A 1404 -17.16 3.58 -38.69
C ILE A 1404 -18.30 4.56 -38.45
N ASN A 1405 -17.98 5.83 -38.19
CA ASN A 1405 -18.98 6.81 -37.78
C ASN A 1405 -20.03 7.07 -38.85
N ARG A 1406 -19.72 6.92 -40.15
CA ARG A 1406 -20.73 6.96 -41.20
C ARG A 1406 -21.84 5.93 -40.98
N ILE A 1407 -21.51 4.65 -40.84
CA ILE A 1407 -22.55 3.62 -40.76
C ILE A 1407 -23.26 3.61 -39.40
N LEU A 1408 -22.50 3.84 -38.33
CA LEU A 1408 -23.05 3.98 -36.99
C LEU A 1408 -23.91 5.23 -36.82
N THR A 1409 -23.66 6.34 -37.52
CA THR A 1409 -24.57 7.50 -37.49
C THR A 1409 -25.87 7.21 -38.24
N GLU A 1410 -25.84 6.69 -39.46
CA GLU A 1410 -27.03 6.59 -40.31
C GLU A 1410 -27.68 5.20 -40.45
N LYS A 1411 -27.26 4.22 -39.65
CA LYS A 1411 -28.10 3.10 -39.21
C LYS A 1411 -28.78 3.37 -37.85
N TYR A 1412 -28.29 4.32 -37.05
CA TYR A 1412 -28.79 4.59 -35.69
C TYR A 1412 -29.17 6.05 -35.45
N GLY A 1413 -29.49 6.80 -36.51
CA GLY A 1413 -30.18 8.10 -36.41
C GLY A 1413 -29.50 9.15 -35.52
N ASP A 1414 -28.17 9.19 -35.47
CA ASP A 1414 -27.39 10.07 -34.59
C ASP A 1414 -27.85 10.00 -33.11
N GLU A 1415 -28.06 8.78 -32.63
CA GLU A 1415 -28.47 8.46 -31.25
C GLU A 1415 -27.44 7.52 -30.61
N ASP A 1416 -27.28 7.57 -29.30
CA ASP A 1416 -26.32 6.73 -28.58
C ASP A 1416 -26.54 5.23 -28.82
N ILE A 1417 -25.45 4.49 -28.90
CA ILE A 1417 -25.46 3.04 -29.13
C ILE A 1417 -24.71 2.31 -28.03
N ASP A 1418 -25.24 1.13 -27.72
CA ASP A 1418 -24.77 0.20 -26.71
C ASP A 1418 -23.45 -0.40 -27.22
N ILE A 1419 -22.35 0.32 -27.03
CA ILE A 1419 -20.95 -0.06 -27.28
C ILE A 1419 -20.03 0.90 -26.51
N VAL A 1420 -18.78 0.51 -26.28
CA VAL A 1420 -17.74 1.43 -25.79
C VAL A 1420 -16.62 1.53 -26.82
N PHE A 1421 -16.46 2.70 -27.42
CA PHE A 1421 -15.36 2.91 -28.37
C PHE A 1421 -14.00 2.76 -27.71
N GLN A 1422 -13.84 3.08 -26.42
CA GLN A 1422 -12.59 2.91 -25.69
C GLN A 1422 -12.09 1.47 -25.74
N ASN A 1423 -12.97 0.46 -25.69
CA ASN A 1423 -12.55 -0.92 -25.96
C ASN A 1423 -12.44 -1.23 -27.45
N CYS A 1424 -13.11 -0.54 -28.36
CA CYS A 1424 -12.85 -0.73 -29.79
C CYS A 1424 -11.43 -0.28 -30.18
N ILE A 1425 -10.94 0.79 -29.58
CA ILE A 1425 -9.56 1.22 -29.69
C ILE A 1425 -8.64 0.27 -28.93
N SER A 1426 -8.89 -0.02 -27.65
CA SER A 1426 -8.01 -0.89 -26.86
C SER A 1426 -7.93 -2.31 -27.40
N PHE A 1427 -9.01 -2.84 -27.98
CA PHE A 1427 -8.93 -4.10 -28.71
C PHE A 1427 -8.03 -3.96 -29.93
N GLY A 1428 -8.10 -2.85 -30.65
CA GLY A 1428 -7.20 -2.56 -31.76
C GLY A 1428 -5.73 -2.50 -31.36
N LEU A 1429 -5.38 -1.71 -30.35
CA LEU A 1429 -3.98 -1.54 -29.93
C LEU A 1429 -3.38 -2.85 -29.40
N SER A 1430 -4.17 -3.70 -28.75
CA SER A 1430 -3.71 -5.02 -28.32
C SER A 1430 -3.68 -6.03 -29.44
N LEU A 1431 -4.66 -6.03 -30.33
CA LEU A 1431 -4.62 -6.89 -31.50
C LEU A 1431 -3.41 -6.58 -32.36
N MET A 1432 -2.98 -5.32 -32.42
CA MET A 1432 -1.72 -4.90 -33.05
C MET A 1432 -0.47 -5.47 -32.39
N SER A 1433 -0.55 -5.86 -31.12
CA SER A 1433 0.54 -6.52 -30.40
C SER A 1433 0.50 -8.03 -30.51
N VAL A 1434 -0.68 -8.65 -30.34
CA VAL A 1434 -0.86 -10.11 -30.39
C VAL A 1434 -0.65 -10.67 -31.79
N VAL A 1435 -1.02 -9.92 -32.83
CA VAL A 1435 -0.81 -10.30 -34.22
C VAL A 1435 0.68 -10.29 -34.57
N GLU A 1436 1.48 -9.43 -33.94
CA GLU A 1436 2.94 -9.43 -34.10
C GLU A 1436 3.54 -10.69 -33.51
N GLN A 1437 3.23 -10.97 -32.25
CA GLN A 1437 3.76 -12.11 -31.51
C GLN A 1437 3.57 -13.43 -32.26
N PHE A 1438 2.42 -13.64 -32.91
CA PHE A 1438 2.16 -14.87 -33.66
C PHE A 1438 2.69 -14.91 -35.09
N THR A 1439 3.15 -13.78 -35.65
CA THR A 1439 3.55 -13.73 -37.08
C THR A 1439 4.94 -13.16 -37.36
N ASN A 1440 5.55 -12.53 -36.36
CA ASN A 1440 6.84 -11.85 -36.39
C ASN A 1440 6.94 -10.63 -37.34
N VAL A 1441 5.82 -9.99 -37.65
CA VAL A 1441 5.74 -8.66 -38.29
C VAL A 1441 4.63 -7.88 -37.60
N CYS A 1442 4.81 -6.62 -37.21
CA CYS A 1442 3.71 -5.77 -36.80
C CYS A 1442 3.02 -5.23 -38.06
N PRO A 1443 1.76 -5.59 -38.38
CA PRO A 1443 1.13 -5.26 -39.65
C PRO A 1443 0.88 -3.76 -39.73
N ASN A 1444 1.14 -3.16 -40.89
CA ASN A 1444 1.12 -1.71 -41.05
C ASN A 1444 -0.24 -1.10 -40.70
N ARG A 1445 -1.34 -1.71 -41.16
CA ARG A 1445 -2.72 -1.29 -40.90
C ARG A 1445 -3.58 -2.47 -40.47
N ILE A 1446 -4.49 -2.27 -39.51
CA ILE A 1446 -5.64 -3.15 -39.30
C ILE A 1446 -6.92 -2.33 -39.42
N ILE A 1447 -7.96 -2.93 -39.95
CA ILE A 1447 -9.30 -2.40 -40.03
C ILE A 1447 -10.19 -3.29 -39.15
N LEU A 1448 -11.00 -2.68 -38.29
CA LEU A 1448 -11.99 -3.35 -37.47
C LEU A 1448 -13.39 -2.99 -37.97
N ILE A 1449 -14.17 -3.97 -38.41
CA ILE A 1449 -15.48 -3.79 -39.01
C ILE A 1449 -16.56 -4.38 -38.10
N PRO A 1450 -17.54 -3.61 -37.61
CA PRO A 1450 -18.53 -4.13 -36.68
C PRO A 1450 -19.52 -5.08 -37.36
N LYS A 1451 -19.78 -6.23 -36.73
CA LYS A 1451 -21.03 -6.98 -36.88
C LYS A 1451 -22.12 -6.15 -36.19
N LEU A 1452 -22.92 -5.45 -36.98
CA LEU A 1452 -23.90 -4.48 -36.51
C LEU A 1452 -25.03 -5.13 -35.70
N ASN A 1453 -25.24 -6.44 -35.87
CA ASN A 1453 -26.17 -7.26 -35.09
C ASN A 1453 -25.97 -7.15 -33.57
N GLU A 1454 -24.75 -6.86 -33.14
CA GLU A 1454 -24.36 -6.71 -31.74
C GLU A 1454 -24.60 -5.31 -31.16
N ILE A 1455 -25.05 -4.36 -31.97
CA ILE A 1455 -25.16 -2.95 -31.59
C ILE A 1455 -26.63 -2.54 -31.56
N HIS A 1456 -27.09 -2.09 -30.39
CA HIS A 1456 -28.49 -1.69 -30.14
C HIS A 1456 -28.57 -0.27 -29.62
N LEU A 1457 -29.69 0.43 -29.87
CA LEU A 1457 -29.88 1.79 -29.39
C LEU A 1457 -29.91 1.81 -27.86
N MET A 1458 -29.15 2.70 -27.26
CA MET A 1458 -29.01 2.84 -25.82
C MET A 1458 -29.90 3.96 -25.27
N LYS A 1459 -31.18 3.96 -25.64
CA LYS A 1459 -32.12 5.03 -25.28
C LYS A 1459 -32.47 5.00 -23.78
N PRO A 1460 -32.33 6.11 -23.05
CA PRO A 1460 -32.75 6.21 -21.66
C PRO A 1460 -34.28 6.11 -21.51
N PRO A 1461 -34.83 5.27 -20.59
CA PRO A 1461 -36.27 5.05 -20.43
C PRO A 1461 -36.92 5.96 -19.39
N ILE A 1462 -38.25 6.12 -19.45
CA ILE A 1462 -39.04 6.66 -18.34
C ILE A 1462 -39.17 5.57 -17.28
N PHE A 1463 -38.66 5.79 -16.07
CA PHE A 1463 -38.73 4.83 -14.98
C PHE A 1463 -40.12 4.82 -14.33
N THR A 1464 -41.14 4.42 -15.07
CA THR A 1464 -42.50 4.28 -14.54
C THR A 1464 -42.58 3.28 -13.39
N GLY A 1465 -43.34 3.62 -12.35
CA GLY A 1465 -43.46 2.89 -11.10
C GLY A 1465 -43.17 3.76 -9.87
N ASP A 1466 -43.64 3.34 -8.70
CA ASP A 1466 -43.51 4.09 -7.46
C ASP A 1466 -42.50 3.43 -6.50
N VAL A 1467 -41.55 4.19 -5.96
CA VAL A 1467 -40.65 3.69 -4.91
C VAL A 1467 -41.42 3.44 -3.63
N ASP A 1468 -41.08 2.39 -2.90
CA ASP A 1468 -41.74 2.04 -1.64
C ASP A 1468 -41.17 2.85 -0.43
N ILE A 1469 -41.72 4.05 -0.22
CA ILE A 1469 -41.17 5.05 0.71
C ILE A 1469 -41.15 4.60 2.18
N HIS A 1470 -42.10 3.75 2.59
CA HIS A 1470 -42.03 3.13 3.92
C HIS A 1470 -40.85 2.17 4.02
N LYS A 1471 -40.64 1.30 3.03
CA LYS A 1471 -39.53 0.35 3.03
C LYS A 1471 -38.18 1.08 2.99
N LEU A 1472 -38.11 2.20 2.29
CA LEU A 1472 -36.99 3.14 2.33
C LEU A 1472 -36.74 3.69 3.74
N LYS A 1473 -37.76 4.18 4.46
CA LYS A 1473 -37.60 4.59 5.86
C LYS A 1473 -37.14 3.43 6.76
N GLN A 1474 -37.65 2.22 6.57
CA GLN A 1474 -37.27 1.08 7.40
C GLN A 1474 -35.80 0.72 7.26
N VAL A 1475 -35.25 0.77 6.05
CA VAL A 1475 -33.82 0.57 5.82
C VAL A 1475 -32.99 1.60 6.59
N ILE A 1476 -33.38 2.87 6.51
CA ILE A 1476 -32.67 3.97 7.17
C ILE A 1476 -32.76 3.88 8.69
N GLN A 1477 -33.92 3.50 9.24
CA GLN A 1477 -34.06 3.33 10.68
C GLN A 1477 -33.28 2.14 11.23
N LYS A 1478 -33.39 0.94 10.63
CA LYS A 1478 -32.72 -0.25 11.18
C LYS A 1478 -31.20 -0.11 11.13
N GLN A 1479 -30.71 0.54 10.08
CA GLN A 1479 -29.34 0.95 9.87
C GLN A 1479 -28.77 2.11 10.71
N HIS A 1480 -29.53 2.86 11.54
CA HIS A 1480 -29.26 4.27 11.90
C HIS A 1480 -27.78 4.58 12.16
N MET A 1481 -27.10 3.74 12.94
CA MET A 1481 -25.71 3.85 13.36
C MET A 1481 -24.73 4.00 12.21
N PHE A 1482 -24.98 3.35 11.06
CA PHE A 1482 -24.11 3.43 9.89
C PHE A 1482 -24.32 4.69 9.03
N LEU A 1483 -25.32 5.54 9.29
CA LEU A 1483 -25.53 6.72 8.45
C LEU A 1483 -24.30 7.66 8.46
N PRO A 1484 -23.90 8.27 7.33
CA PRO A 1484 -22.99 9.40 7.33
C PRO A 1484 -23.59 10.57 8.13
N ASP A 1485 -22.75 11.44 8.70
CA ASP A 1485 -23.24 12.45 9.63
C ASP A 1485 -24.25 13.43 9.00
N LYS A 1486 -25.29 13.82 9.75
CA LYS A 1486 -26.31 14.78 9.31
C LYS A 1486 -25.75 16.20 9.29
N ILE A 1487 -26.07 16.98 8.26
CA ILE A 1487 -25.73 18.40 8.18
C ILE A 1487 -26.60 19.14 9.20
N SER A 1488 -25.96 19.63 10.25
CA SER A 1488 -26.54 20.53 11.25
C SER A 1488 -26.69 21.93 10.67
N LEU A 1489 -27.67 22.72 11.11
CA LEU A 1489 -27.77 24.11 10.62
C LEU A 1489 -26.53 24.92 11.01
N THR A 1490 -25.88 24.57 12.12
CA THR A 1490 -24.56 25.06 12.51
C THR A 1490 -23.51 24.95 11.40
N GLN A 1491 -23.55 23.86 10.62
CA GLN A 1491 -22.66 23.60 9.48
C GLN A 1491 -23.23 24.14 8.17
N TYR A 1492 -24.56 24.18 8.02
CA TYR A 1492 -25.21 24.59 6.79
C TYR A 1492 -25.10 26.09 6.48
N VAL A 1493 -25.16 26.96 7.50
CA VAL A 1493 -25.02 28.40 7.28
C VAL A 1493 -23.61 28.75 6.79
N GLU A 1494 -22.58 28.13 7.34
CA GLU A 1494 -21.16 28.31 6.96
C GLU A 1494 -20.88 27.84 5.52
N LEU A 1495 -21.59 26.79 5.10
CA LEU A 1495 -21.52 26.18 3.78
C LEU A 1495 -22.09 27.06 2.65
N PHE A 1496 -23.02 27.97 2.94
CA PHE A 1496 -23.89 28.63 1.94
C PHE A 1496 -24.55 27.61 1.00
N ILE B 131 13.41 62.98 11.40
CA ILE B 131 13.16 61.54 11.69
C ILE B 131 14.45 60.74 11.86
N THR B 132 15.39 60.70 10.89
CA THR B 132 16.46 59.67 10.82
C THR B 132 17.26 59.45 12.11
N ALA B 133 17.53 60.52 12.86
CA ALA B 133 18.27 60.45 14.12
C ALA B 133 17.59 59.59 15.20
N ARG B 134 16.26 59.46 15.17
CA ARG B 134 15.47 58.54 16.00
C ARG B 134 15.35 57.14 15.38
N LEU B 135 15.18 57.05 14.06
CA LEU B 135 15.07 55.78 13.33
C LEU B 135 16.36 54.95 13.40
N ASP B 136 17.52 55.61 13.42
CA ASP B 136 18.85 55.00 13.61
C ASP B 136 18.88 54.03 14.80
N ARG B 137 18.23 54.43 15.90
CA ARG B 137 18.13 53.67 17.15
C ARG B 137 17.33 52.38 16.98
N ILE B 138 16.35 52.37 16.07
CA ILE B 138 15.35 51.30 15.87
C ILE B 138 15.87 50.24 14.92
N ASP B 139 16.35 50.62 13.74
CA ASP B 139 16.87 49.67 12.74
C ASP B 139 18.14 48.97 13.24
N GLU B 140 18.94 49.64 14.07
CA GLU B 140 20.01 49.01 14.84
C GLU B 140 19.47 47.88 15.72
N LYS B 141 18.42 48.13 16.50
CA LYS B 141 17.86 47.15 17.44
C LYS B 141 17.10 46.03 16.77
N LEU B 142 16.51 46.26 15.60
CA LEU B 142 16.00 45.17 14.78
C LEU B 142 17.15 44.32 14.23
N SER B 143 18.33 44.86 13.90
CA SER B 143 19.50 44.05 13.51
C SER B 143 20.12 43.27 14.67
N GLU B 144 20.09 43.82 15.89
CA GLU B 144 20.58 43.17 17.11
C GLU B 144 19.61 42.12 17.67
N ILE B 145 18.33 42.16 17.30
CA ILE B 145 17.42 41.03 17.48
C ILE B 145 17.61 40.02 16.34
N LEU B 146 17.39 40.41 15.08
CA LEU B 146 17.29 39.46 13.98
C LEU B 146 18.61 38.70 13.74
N GLY B 147 19.75 39.35 13.92
CA GLY B 147 21.07 38.72 13.86
C GLY B 147 21.36 37.71 14.99
N MET B 148 20.66 37.82 16.13
CA MET B 148 20.63 36.76 17.15
C MET B 148 19.73 35.62 16.72
N LEU B 149 18.52 35.88 16.23
CA LEU B 149 17.58 34.84 15.82
C LEU B 149 18.14 33.97 14.68
N HIS B 150 18.79 34.56 13.67
CA HIS B 150 19.54 33.81 12.65
C HIS B 150 20.77 33.06 13.19
N THR B 151 21.18 33.26 14.43
CA THR B 151 22.30 32.56 15.09
C THR B 151 21.85 31.77 16.33
N LEU B 152 20.58 31.38 16.42
CA LEU B 152 20.05 30.48 17.45
C LEU B 152 20.01 29.05 16.94
N VAL B 153 20.45 28.13 17.79
CA VAL B 153 20.37 26.68 17.61
C VAL B 153 19.33 26.11 18.54
N VAL B 154 18.44 25.27 17.99
CA VAL B 154 17.44 24.50 18.71
C VAL B 154 17.98 23.09 18.81
N ALA B 155 18.13 22.58 20.03
CA ALA B 155 18.41 21.20 20.32
C ALA B 155 17.11 20.52 20.74
N SER B 156 16.79 19.42 20.06
CA SER B 156 15.62 18.59 20.33
C SER B 156 15.46 18.22 21.81
N ALA B 157 14.23 17.98 22.23
CA ALA B 157 13.95 17.19 23.43
C ALA B 157 14.63 15.82 23.33
N GLY B 158 14.97 15.24 24.47
CA GLY B 158 15.74 13.99 24.47
C GLY B 158 15.74 13.30 25.81
N PRO B 159 16.37 12.12 25.94
CA PRO B 159 16.55 11.48 27.23
C PRO B 159 17.53 12.28 28.10
N THR B 160 17.19 12.46 29.38
CA THR B 160 18.10 13.05 30.36
C THR B 160 19.34 12.18 30.53
N SER B 161 20.44 12.79 31.00
CA SER B 161 21.60 12.07 31.53
C SER B 161 21.19 11.01 32.56
N ALA B 162 21.84 9.86 32.50
CA ALA B 162 21.49 8.68 33.30
C ALA B 162 19.99 8.26 33.17
N ARG B 163 19.37 8.57 32.01
CA ARG B 163 18.11 7.98 31.50
C ARG B 163 16.87 8.19 32.38
N ASP B 164 16.90 9.11 33.33
CA ASP B 164 15.72 9.44 34.16
C ASP B 164 14.89 10.56 33.52
N GLY B 165 13.93 10.20 32.68
CA GLY B 165 12.94 11.10 32.10
C GLY B 165 13.43 11.94 30.93
N ILE B 166 12.49 12.61 30.29
CA ILE B 166 12.76 13.51 29.17
C ILE B 166 13.37 14.82 29.67
N ARG B 167 14.06 15.47 28.76
CA ARG B 167 14.84 16.69 28.89
C ARG B 167 14.31 17.58 27.78
N ASP B 168 14.29 18.87 28.01
CA ASP B 168 13.34 19.82 27.43
C ASP B 168 14.13 20.63 26.40
N ALA B 169 13.47 21.22 25.41
CA ALA B 169 14.09 21.45 24.12
C ALA B 169 14.65 22.87 24.19
N MET B 170 15.90 22.97 23.75
CA MET B 170 16.82 23.97 24.27
C MET B 170 17.36 24.85 23.18
N ILE B 171 17.32 26.13 23.49
CA ILE B 171 17.55 27.24 22.58
C ILE B 171 18.78 27.99 23.04
N GLY B 172 19.79 28.10 22.19
CA GLY B 172 21.06 28.71 22.57
C GLY B 172 21.75 29.36 21.40
N LEU B 173 22.66 30.29 21.69
CA LEU B 173 23.49 30.88 20.66
C LEU B 173 24.40 29.82 20.05
N ARG B 174 24.70 29.98 18.76
CA ARG B 174 25.47 29.03 17.95
C ARG B 174 26.76 28.60 18.62
N GLU B 175 27.56 29.52 19.16
CA GLU B 175 28.81 29.22 19.86
C GLU B 175 28.63 28.52 21.20
N GLU B 176 27.45 28.66 21.84
CA GLU B 176 27.16 28.04 23.13
C GLU B 176 26.68 26.60 22.97
N MET B 177 25.87 26.35 21.94
CA MET B 177 25.43 25.01 21.55
C MET B 177 26.51 24.21 20.85
N ILE B 178 27.38 24.83 20.06
CA ILE B 178 28.57 24.15 19.51
C ILE B 178 29.49 23.74 20.67
N GLU B 179 29.69 24.58 21.69
CA GLU B 179 30.51 24.20 22.86
C GLU B 179 29.86 23.10 23.73
N LYS B 180 28.52 23.04 23.84
CA LYS B 180 27.84 21.91 24.50
C LYS B 180 28.10 20.58 23.81
N ILE B 181 28.10 20.55 22.48
CA ILE B 181 28.49 19.34 21.72
C ILE B 181 29.99 19.08 21.89
N ARG B 182 30.81 20.12 21.70
CA ARG B 182 32.25 20.20 22.02
C ARG B 182 32.78 19.63 23.35
N THR B 183 32.08 19.84 24.47
CA THR B 183 32.38 19.28 25.80
C THR B 183 31.61 17.99 26.13
N GLU B 184 30.83 17.45 25.18
CA GLU B 184 30.01 16.23 25.32
C GLU B 184 28.87 16.36 26.36
N ALA B 185 28.36 17.56 26.62
CA ALA B 185 27.27 17.80 27.57
C ALA B 185 25.89 17.31 27.05
N LEU B 186 25.71 17.20 25.74
CA LEU B 186 24.51 16.68 25.08
C LEU B 186 24.85 15.41 24.30
N MET B 187 24.00 14.40 24.39
CA MET B 187 24.28 13.05 23.89
C MET B 187 23.82 12.91 22.43
N THR B 188 24.80 12.71 21.55
CA THR B 188 24.66 12.68 20.09
C THR B 188 25.79 11.86 19.48
N ASN B 189 25.64 11.48 18.20
CA ASN B 189 26.58 10.62 17.47
C ASN B 189 26.95 11.24 16.11
N ASP B 190 28.15 10.93 15.59
CA ASP B 190 28.84 11.72 14.55
C ASP B 190 29.09 13.18 14.97
N ARG B 191 29.35 13.44 16.27
CA ARG B 191 29.39 14.80 16.85
C ARG B 191 30.38 15.76 16.18
N LEU B 192 31.44 15.25 15.54
CA LEU B 192 32.35 16.04 14.72
C LEU B 192 31.61 16.69 13.53
N GLU B 193 30.75 15.94 12.85
CA GLU B 193 29.87 16.48 11.81
C GLU B 193 28.79 17.39 12.38
N ALA B 194 28.20 17.10 13.54
CA ALA B 194 27.22 18.01 14.14
C ALA B 194 27.84 19.39 14.43
N MET B 195 29.06 19.45 15.01
CA MET B 195 29.80 20.70 15.17
C MET B 195 30.09 21.38 13.83
N ALA B 196 30.71 20.66 12.89
CA ALA B 196 31.14 21.20 11.61
C ALA B 196 29.99 21.65 10.70
N ARG B 197 28.79 21.09 10.88
CA ARG B 197 27.55 21.42 10.15
C ARG B 197 26.76 22.54 10.82
N LEU B 198 26.83 22.69 12.15
CA LEU B 198 26.32 23.88 12.85
C LEU B 198 27.16 25.12 12.56
N ARG B 199 28.47 24.99 12.37
CA ARG B 199 29.30 26.02 11.73
C ARG B 199 29.00 26.16 10.24
N ASN B 200 29.41 27.25 9.63
CA ASN B 200 29.33 27.44 8.17
C ASN B 200 30.54 26.80 7.48
N GLU B 201 30.62 25.47 7.54
CA GLU B 201 31.79 24.65 7.16
C GLU B 201 31.38 23.34 6.46
N GLU B 202 32.32 22.68 5.78
CA GLU B 202 32.14 21.36 5.15
C GLU B 202 32.91 20.28 5.92
N SER B 203 32.24 19.22 6.37
CA SER B 203 32.81 18.11 7.16
C SER B 203 33.49 17.03 6.31
N GLU B 204 34.44 16.28 6.85
CA GLU B 204 35.20 15.28 6.09
C GLU B 204 34.36 14.09 5.59
N LYS B 205 33.47 13.52 6.40
CA LYS B 205 32.61 12.40 5.96
C LYS B 205 31.55 12.84 4.94
N MET B 206 30.98 14.05 5.04
CA MET B 206 30.19 14.66 3.97
C MET B 206 30.99 14.96 2.69
N ALA B 207 32.22 15.50 2.79
CA ALA B 207 33.08 15.80 1.65
C ALA B 207 33.54 14.54 0.92
N LYS B 208 33.72 13.43 1.66
CA LYS B 208 33.94 12.08 1.12
C LYS B 208 32.75 11.66 0.27
N ASP B 209 31.53 11.76 0.79
CA ASP B 209 30.30 11.25 0.16
C ASP B 209 29.76 12.14 -0.99
N THR B 210 29.64 13.45 -0.79
CA THR B 210 29.18 14.42 -1.82
C THR B 210 30.21 14.72 -2.91
N SER B 211 31.36 14.06 -2.90
CA SER B 211 32.47 14.24 -3.85
C SER B 211 32.03 14.02 -5.30
N ASP B 212 32.78 14.56 -6.26
CA ASP B 212 32.57 14.27 -7.68
C ASP B 212 32.86 12.80 -8.00
N GLU B 213 34.10 12.38 -7.86
CA GLU B 213 34.54 10.99 -7.92
C GLU B 213 34.52 10.39 -6.53
N VAL B 214 34.04 9.15 -6.37
CA VAL B 214 33.94 8.48 -5.06
C VAL B 214 34.96 7.35 -4.97
N SER B 215 35.78 7.35 -3.92
CA SER B 215 36.93 6.45 -3.77
C SER B 215 36.51 5.06 -3.30
N LEU B 216 37.11 4.03 -3.88
CA LEU B 216 36.98 2.66 -3.39
C LEU B 216 37.69 2.53 -2.03
N ASN B 217 37.00 2.01 -1.02
CA ASN B 217 37.59 1.54 0.23
C ASN B 217 38.42 0.26 -0.05
N PRO B 218 39.41 -0.13 0.78
CA PRO B 218 40.42 -1.11 0.38
C PRO B 218 39.91 -2.48 -0.05
N THR B 219 38.85 -3.00 0.57
CA THR B 219 38.26 -4.30 0.18
C THR B 219 37.49 -4.20 -1.14
N SER B 220 36.75 -3.14 -1.42
CA SER B 220 36.16 -2.96 -2.76
C SER B 220 37.20 -2.71 -3.83
N GLU B 221 38.34 -2.13 -3.47
CA GLU B 221 39.45 -1.87 -4.38
C GLU B 221 40.23 -3.15 -4.73
N LYS B 222 40.18 -4.17 -3.87
CA LYS B 222 40.55 -5.56 -4.21
C LYS B 222 39.50 -6.18 -5.12
N LEU B 223 38.22 -6.17 -4.72
CA LEU B 223 37.14 -6.85 -5.44
C LEU B 223 37.06 -6.45 -6.90
N ASN B 224 37.17 -5.17 -7.22
CA ASN B 224 37.05 -4.65 -8.57
C ASN B 224 37.97 -5.39 -9.56
N ASN B 225 39.21 -5.75 -9.17
CA ASN B 225 40.16 -6.41 -10.06
C ASN B 225 39.67 -7.77 -10.58
N LEU B 226 38.88 -8.50 -9.78
CA LEU B 226 38.27 -9.75 -10.16
C LEU B 226 37.12 -9.55 -11.17
N LEU B 227 36.41 -8.42 -11.13
CA LEU B 227 35.33 -8.10 -12.08
C LEU B 227 35.84 -7.61 -13.45
N GLU B 228 37.06 -7.13 -13.55
CA GLU B 228 37.72 -6.84 -14.83
C GLU B 228 38.10 -8.12 -15.58
N ASN C 130 8.84 60.70 1.92
CA ASN C 130 9.84 59.60 1.89
C ASN C 130 9.65 58.58 3.00
N ILE C 131 9.55 58.97 4.28
CA ILE C 131 9.85 58.13 5.48
C ILE C 131 9.17 56.76 5.55
N THR C 132 8.02 56.56 4.91
CA THR C 132 7.45 55.22 4.63
C THR C 132 8.47 54.23 4.04
N ALA C 133 9.37 54.65 3.15
CA ALA C 133 10.36 53.77 2.53
C ALA C 133 11.38 53.23 3.54
N ARG C 134 11.85 54.06 4.50
CA ARG C 134 12.73 53.56 5.58
C ARG C 134 11.95 52.69 6.57
N LEU C 135 10.63 52.90 6.66
CA LEU C 135 9.71 52.20 7.56
C LEU C 135 9.19 50.85 7.00
N ASP C 136 9.08 50.69 5.68
CA ASP C 136 8.92 49.38 5.02
C ASP C 136 10.13 48.47 5.24
N ARG C 137 11.32 49.07 5.25
CA ARG C 137 12.57 48.39 5.63
C ARG C 137 12.60 48.01 7.11
N ILE C 138 11.83 48.67 7.97
CA ILE C 138 11.58 48.22 9.35
C ILE C 138 10.59 47.07 9.37
N ASP C 139 9.46 47.18 8.68
CA ASP C 139 8.36 46.22 8.81
C ASP C 139 8.73 44.81 8.28
N GLU C 140 9.41 44.73 7.14
CA GLU C 140 9.82 43.43 6.59
C GLU C 140 10.91 42.75 7.46
N LYS C 141 11.59 43.47 8.36
CA LYS C 141 12.46 42.90 9.41
C LYS C 141 11.69 42.59 10.70
N LEU C 142 10.74 43.44 11.08
CA LEU C 142 9.91 43.28 12.26
C LEU C 142 8.99 42.07 12.15
N SER C 143 8.50 41.77 10.95
CA SER C 143 7.69 40.59 10.65
C SER C 143 8.52 39.32 10.43
N GLU C 144 9.75 39.42 9.94
CA GLU C 144 10.71 38.32 9.92
C GLU C 144 11.02 37.83 11.36
N ILE C 145 11.02 38.73 12.34
CA ILE C 145 11.10 38.40 13.77
C ILE C 145 9.87 37.64 14.27
N LEU C 146 8.66 37.96 13.80
CA LEU C 146 7.44 37.23 14.17
C LEU C 146 7.56 35.76 13.74
N GLY C 147 7.98 35.49 12.50
CA GLY C 147 8.18 34.13 12.00
C GLY C 147 9.17 33.30 12.82
N MET C 148 10.31 33.88 13.17
CA MET C 148 11.35 33.22 13.95
C MET C 148 10.88 32.91 15.38
N LEU C 149 10.31 33.89 16.07
CA LEU C 149 9.84 33.67 17.44
C LEU C 149 8.60 32.79 17.52
N HIS C 150 7.70 32.86 16.54
CA HIS C 150 6.53 31.99 16.49
C HIS C 150 6.92 30.55 16.20
N THR C 151 7.85 30.33 15.27
CA THR C 151 8.40 28.98 15.06
C THR C 151 9.06 28.46 16.32
N LEU C 152 9.75 29.31 17.08
CA LEU C 152 10.34 28.92 18.36
C LEU C 152 9.27 28.54 19.40
N VAL C 153 8.10 29.20 19.44
CA VAL C 153 6.98 28.80 20.30
C VAL C 153 6.40 27.46 19.90
N VAL C 154 6.16 27.20 18.61
CA VAL C 154 5.67 25.88 18.19
C VAL C 154 6.68 24.78 18.50
N ALA C 155 7.95 24.98 18.15
CA ALA C 155 9.05 24.06 18.43
C ALA C 155 9.30 23.88 19.93
N SER C 156 9.08 24.90 20.77
CA SER C 156 9.24 24.78 22.23
C SER C 156 8.08 24.03 22.91
N ALA C 157 6.91 23.91 22.28
CA ALA C 157 5.70 23.28 22.83
C ALA C 157 5.70 21.74 22.75
N GLY C 158 6.86 21.13 23.03
CA GLY C 158 7.19 19.74 22.73
C GLY C 158 6.61 18.68 23.65
N PRO C 159 7.09 17.41 23.55
CA PRO C 159 6.63 16.31 24.36
C PRO C 159 6.61 16.60 25.85
N THR C 160 7.61 17.28 26.39
CA THR C 160 7.60 17.59 27.83
C THR C 160 6.68 18.76 28.22
N SER C 161 6.15 19.54 27.28
CA SER C 161 5.01 20.41 27.59
C SER C 161 3.72 19.60 27.77
N ALA C 162 3.49 18.56 26.96
CA ALA C 162 2.34 17.67 27.11
C ALA C 162 2.46 16.77 28.35
N ARG C 163 3.67 16.37 28.76
CA ARG C 163 3.93 15.73 30.07
C ARG C 163 3.42 16.61 31.21
N ASP C 164 3.79 17.90 31.19
CA ASP C 164 3.35 18.87 32.18
C ASP C 164 1.93 19.41 31.91
N GLY C 165 1.28 19.01 30.82
CA GLY C 165 -0.06 19.48 30.46
C GLY C 165 -0.15 20.97 30.16
N ILE C 166 0.97 21.60 29.76
CA ILE C 166 1.07 23.03 29.46
C ILE C 166 0.63 23.36 28.04
N ARG C 167 0.80 22.46 27.07
CA ARG C 167 0.93 22.79 25.64
C ARG C 167 -0.06 23.81 25.10
N ASP C 168 -1.34 23.66 25.44
CA ASP C 168 -2.44 24.50 24.98
C ASP C 168 -2.34 25.97 25.43
N ALA C 169 -1.55 26.26 26.46
CA ALA C 169 -1.23 27.62 26.91
C ALA C 169 -0.20 28.34 26.04
N MET C 170 0.69 27.58 25.40
CA MET C 170 1.73 28.10 24.52
C MET C 170 1.21 28.39 23.12
N ILE C 171 0.42 27.48 22.58
CA ILE C 171 -0.11 27.55 21.21
C ILE C 171 -1.51 28.18 21.13
N GLY C 172 -2.22 28.26 22.25
CA GLY C 172 -3.59 28.78 22.40
C GLY C 172 -4.67 27.74 22.13
N LEU C 173 -5.83 27.88 22.77
CA LEU C 173 -7.02 27.07 22.56
C LEU C 173 -7.52 27.24 21.12
N ARG C 174 -8.10 26.18 20.52
CA ARG C 174 -8.52 26.10 19.12
C ARG C 174 -9.98 25.70 18.99
N GLU C 175 -10.56 26.02 17.84
CA GLU C 175 -11.99 26.03 17.56
C GLU C 175 -12.75 24.82 18.12
N GLU C 176 -12.32 23.59 17.86
CA GLU C 176 -13.06 22.38 18.25
C GLU C 176 -13.08 22.16 19.76
N MET C 177 -12.15 22.73 20.52
CA MET C 177 -12.17 22.70 21.99
C MET C 177 -12.86 23.93 22.60
N ILE C 178 -12.73 25.10 21.98
CA ILE C 178 -13.47 26.30 22.38
C ILE C 178 -14.97 26.07 22.18
N GLU C 179 -15.35 25.44 21.07
CA GLU C 179 -16.70 24.96 20.78
C GLU C 179 -17.19 23.98 21.83
N LYS C 180 -16.38 22.98 22.20
CA LYS C 180 -16.70 22.08 23.31
C LYS C 180 -16.93 22.84 24.61
N ILE C 181 -16.11 23.81 24.97
CA ILE C 181 -16.33 24.66 26.16
C ILE C 181 -17.67 25.41 26.09
N ARG C 182 -18.19 25.73 24.91
CA ARG C 182 -19.54 26.33 24.80
C ARG C 182 -20.66 25.33 25.05
N THR C 183 -20.47 24.05 24.73
CA THR C 183 -21.45 23.00 25.09
C THR C 183 -21.44 22.75 26.60
N GLU C 184 -20.28 22.81 27.26
CA GLU C 184 -20.21 22.77 28.73
C GLU C 184 -20.86 24.02 29.36
N ALA C 185 -20.77 25.18 28.71
CA ALA C 185 -21.49 26.41 29.09
C ALA C 185 -23.02 26.33 28.95
N LEU C 186 -23.57 25.19 28.52
CA LEU C 186 -24.99 25.00 28.25
C LEU C 186 -25.47 23.61 28.71
N ASN D 130 0.55 56.82 5.21
CA ASN D 130 1.01 57.81 6.21
C ASN D 130 1.41 57.11 7.50
N ILE D 131 2.42 57.64 8.19
CA ILE D 131 2.91 57.09 9.48
C ILE D 131 1.84 56.94 10.56
N THR D 132 0.80 57.78 10.51
CA THR D 132 -0.31 57.72 11.48
C THR D 132 -1.05 56.39 11.46
N ALA D 133 -1.00 55.65 10.34
CA ALA D 133 -1.45 54.25 10.30
C ALA D 133 -0.30 53.29 10.65
N ARG D 134 0.87 53.44 10.02
CA ARG D 134 1.99 52.48 10.12
C ARG D 134 2.44 52.25 11.55
N LEU D 135 2.61 53.33 12.31
CA LEU D 135 3.16 53.28 13.66
C LEU D 135 2.18 52.71 14.69
N ASP D 136 0.94 52.37 14.32
CA ASP D 136 0.03 51.54 15.14
C ASP D 136 -0.08 50.07 14.65
N ARG D 137 0.26 49.79 13.38
CA ARG D 137 0.54 48.42 12.92
C ARG D 137 1.79 47.89 13.64
N ILE D 138 2.88 48.65 13.53
CA ILE D 138 4.17 48.38 14.14
C ILE D 138 4.03 48.20 15.65
N ASP D 139 3.24 49.04 16.35
CA ASP D 139 3.02 48.87 17.79
C ASP D 139 2.39 47.53 18.14
N GLU D 140 1.44 47.01 17.34
CA GLU D 140 0.83 45.71 17.61
C GLU D 140 1.72 44.52 17.29
N LYS D 141 2.55 44.56 16.23
CA LYS D 141 3.59 43.55 16.03
C LYS D 141 4.53 43.49 17.24
N LEU D 142 4.97 44.66 17.73
CA LEU D 142 5.75 44.80 18.96
C LEU D 142 4.96 44.45 20.24
N SER D 143 3.64 44.24 20.18
CA SER D 143 2.88 43.65 21.29
C SER D 143 2.90 42.12 21.19
N GLU D 144 2.65 41.55 20.02
CA GLU D 144 2.64 40.11 19.80
C GLU D 144 4.01 39.46 19.96
N ILE D 145 5.09 40.09 19.49
CA ILE D 145 6.46 39.69 19.80
C ILE D 145 6.69 39.62 21.31
N LEU D 146 6.21 40.62 22.05
CA LEU D 146 6.46 40.71 23.48
C LEU D 146 5.61 39.68 24.25
N GLY D 147 4.42 39.36 23.74
CA GLY D 147 3.59 38.26 24.21
C GLY D 147 4.16 36.86 23.89
N MET D 148 4.77 36.66 22.73
CA MET D 148 5.46 35.39 22.38
C MET D 148 6.66 35.18 23.29
N LEU D 149 7.48 36.22 23.50
CA LEU D 149 8.61 36.13 24.42
C LEU D 149 8.17 35.90 25.85
N HIS D 150 7.07 36.52 26.30
CA HIS D 150 6.43 36.17 27.57
C HIS D 150 5.92 34.72 27.64
N THR D 151 5.56 34.06 26.54
CA THR D 151 5.34 32.60 26.55
C THR D 151 6.65 31.84 26.70
N LEU D 152 7.65 32.13 25.87
CA LEU D 152 8.90 31.37 25.86
C LEU D 152 9.67 31.46 27.17
N VAL D 153 9.76 32.65 27.77
CA VAL D 153 10.55 32.84 28.99
C VAL D 153 9.92 32.16 30.21
N VAL D 154 8.60 31.90 30.20
CA VAL D 154 7.95 31.09 31.24
C VAL D 154 7.95 29.59 30.91
N ALA D 155 7.88 29.21 29.64
CA ALA D 155 8.09 27.81 29.21
C ALA D 155 9.55 27.36 29.43
N SER D 156 10.51 28.30 29.44
CA SER D 156 11.92 28.00 29.73
C SER D 156 12.19 27.62 31.20
N ALA D 157 11.33 28.04 32.14
CA ALA D 157 11.43 27.69 33.55
C ALA D 157 11.09 26.20 33.81
N GLY D 158 11.80 25.56 34.75
CA GLY D 158 11.69 24.11 35.06
C GLY D 158 10.94 23.63 36.33
N PRO D 159 10.90 24.34 37.48
CA PRO D 159 10.48 23.75 38.74
C PRO D 159 8.96 23.48 38.83
N THR D 160 8.57 22.63 39.78
CA THR D 160 7.17 22.19 39.99
C THR D 160 6.22 23.37 40.25
N SER D 161 6.64 24.39 41.00
CA SER D 161 5.86 25.63 41.21
C SER D 161 5.66 26.44 39.92
N ALA D 162 6.70 26.63 39.11
CA ALA D 162 6.61 27.34 37.84
C ALA D 162 5.76 26.61 36.78
N ARG D 163 5.79 25.26 36.79
CA ARG D 163 4.99 24.39 35.91
C ARG D 163 3.55 24.20 36.41
N ASP D 164 3.29 24.40 37.69
CA ASP D 164 1.94 24.44 38.27
C ASP D 164 1.18 25.74 37.93
N GLY D 165 1.79 26.92 38.15
CA GLY D 165 1.11 28.23 38.01
C GLY D 165 0.56 28.54 36.62
N ILE D 166 1.13 27.90 35.60
CA ILE D 166 0.65 27.93 34.20
C ILE D 166 -0.52 26.98 33.95
N ARG D 167 -0.54 25.76 34.51
CA ARG D 167 -1.63 24.79 34.34
C ARG D 167 -2.92 25.26 35.01
N ASP D 168 -2.82 25.69 36.27
CA ASP D 168 -3.94 26.23 37.03
C ASP D 168 -4.47 27.55 36.46
N ALA D 169 -3.65 28.29 35.71
CA ALA D 169 -4.13 29.43 34.95
C ALA D 169 -4.98 29.03 33.73
N MET D 170 -4.68 27.94 33.02
CA MET D 170 -5.58 27.43 31.95
C MET D 170 -6.87 26.83 32.50
N ILE D 171 -6.81 26.14 33.64
CA ILE D 171 -7.99 25.62 34.33
C ILE D 171 -8.88 26.79 34.82
N GLY D 172 -8.28 27.86 35.34
CA GLY D 172 -8.96 29.11 35.64
C GLY D 172 -9.53 29.81 34.41
N LEU D 173 -8.78 29.85 33.29
CA LEU D 173 -9.21 30.44 32.03
C LEU D 173 -10.40 29.69 31.42
N ARG D 174 -10.45 28.36 31.49
CA ARG D 174 -11.64 27.60 31.12
C ARG D 174 -12.84 27.97 32.01
N GLU D 175 -12.64 28.05 33.32
CA GLU D 175 -13.68 28.46 34.28
C GLU D 175 -14.17 29.91 34.07
N GLU D 176 -13.31 30.80 33.59
CA GLU D 176 -13.69 32.17 33.20
C GLU D 176 -14.35 32.23 31.82
N MET D 177 -13.91 31.42 30.85
CA MET D 177 -14.53 31.33 29.53
C MET D 177 -15.93 30.72 29.59
N ILE D 178 -16.12 29.64 30.35
CA ILE D 178 -17.43 28.99 30.50
C ILE D 178 -18.42 29.93 31.19
N GLU D 179 -18.00 30.62 32.25
CA GLU D 179 -18.82 31.61 32.96
C GLU D 179 -19.04 32.89 32.15
N LYS D 180 -18.15 33.25 31.21
CA LYS D 180 -18.39 34.31 30.22
C LYS D 180 -19.50 33.88 29.27
N ILE D 181 -19.38 32.72 28.63
CA ILE D 181 -20.37 32.28 27.64
C ILE D 181 -21.73 31.97 28.29
N ARG D 182 -21.79 31.58 29.57
CA ARG D 182 -23.04 31.48 30.33
C ARG D 182 -23.83 32.80 30.45
N THR D 183 -23.22 33.96 30.19
CA THR D 183 -23.93 35.26 30.08
C THR D 183 -24.64 35.49 28.75
N GLU D 184 -24.42 34.62 27.74
CA GLU D 184 -24.72 34.92 26.33
C GLU D 184 -25.00 33.65 25.54
N ILE E 131 5.54 62.79 15.84
CA ILE E 131 6.30 61.55 15.54
C ILE E 131 7.23 61.08 16.65
N THR E 132 8.01 61.94 17.30
CA THR E 132 9.15 61.54 18.16
C THR E 132 8.78 60.50 19.21
N ALA E 133 7.70 60.73 19.96
CA ALA E 133 7.31 59.85 21.06
C ALA E 133 6.94 58.45 20.57
N ARG E 134 6.41 58.31 19.35
CA ARG E 134 6.07 57.02 18.72
C ARG E 134 7.31 56.15 18.58
N LEU E 135 8.39 56.73 18.06
CA LEU E 135 9.65 56.06 17.84
C LEU E 135 10.41 55.81 19.16
N ASP E 136 10.30 56.69 20.15
CA ASP E 136 10.83 56.40 21.50
C ASP E 136 10.06 55.29 22.22
N ARG E 137 8.73 55.23 22.06
CA ARG E 137 7.87 54.14 22.54
C ARG E 137 8.22 52.81 21.87
N ILE E 138 8.50 52.83 20.57
CA ILE E 138 9.01 51.69 19.81
C ILE E 138 10.39 51.27 20.35
N ASP E 139 11.33 52.20 20.53
CA ASP E 139 12.66 51.92 21.11
C ASP E 139 12.57 51.31 22.51
N GLU E 140 11.66 51.81 23.37
CA GLU E 140 11.38 51.25 24.69
C GLU E 140 10.82 49.82 24.64
N LYS E 141 9.82 49.55 23.81
CA LYS E 141 9.29 48.19 23.63
C LYS E 141 10.35 47.26 23.03
N LEU E 142 11.19 47.73 22.11
CA LEU E 142 12.37 46.98 21.64
C LEU E 142 13.39 46.72 22.76
N SER E 143 13.66 47.68 23.67
CA SER E 143 14.61 47.48 24.78
C SER E 143 14.15 46.42 25.80
N GLU E 144 12.85 46.16 25.88
CA GLU E 144 12.33 44.98 26.58
C GLU E 144 12.57 43.71 25.75
N ILE E 145 12.31 43.73 24.45
CA ILE E 145 12.41 42.54 23.57
C ILE E 145 13.84 41.99 23.52
N LEU E 146 14.86 42.84 23.45
CA LEU E 146 16.27 42.43 23.58
C LEU E 146 16.55 41.80 24.95
N GLY E 147 16.01 42.35 26.03
CA GLY E 147 16.19 41.81 27.38
C GLY E 147 15.47 40.48 27.60
N MET E 148 14.25 40.34 27.11
CA MET E 148 13.48 39.10 27.14
C MET E 148 14.18 37.99 26.34
N LEU E 149 14.65 38.30 25.14
CA LEU E 149 15.40 37.39 24.28
C LEU E 149 16.75 36.98 24.88
N HIS E 150 17.52 37.91 25.45
CA HIS E 150 18.74 37.56 26.19
C HIS E 150 18.42 36.68 27.40
N THR E 151 17.32 36.96 28.10
CA THR E 151 16.87 36.14 29.23
C THR E 151 16.56 34.71 28.79
N LEU E 152 15.85 34.54 27.66
CA LEU E 152 15.54 33.26 27.05
C LEU E 152 16.79 32.40 26.77
N VAL E 153 17.87 32.99 26.25
CA VAL E 153 19.12 32.28 25.99
C VAL E 153 19.78 31.81 27.29
N VAL E 154 19.81 32.66 28.32
CA VAL E 154 20.35 32.31 29.65
C VAL E 154 19.49 31.26 30.35
N ALA E 155 18.17 31.36 30.21
CA ALA E 155 17.18 30.44 30.78
C ALA E 155 17.16 29.04 30.15
N SER E 156 17.93 28.81 29.08
CA SER E 156 18.14 27.50 28.46
C SER E 156 18.68 26.42 29.41
N ALA E 157 19.41 26.82 30.47
CA ALA E 157 20.07 25.93 31.41
C ALA E 157 19.06 25.11 32.23
N ARG E 174 4.38 35.90 32.90
CA ARG E 174 3.30 34.91 32.88
C ARG E 174 1.93 35.54 32.68
N GLU E 175 1.60 36.58 33.43
CA GLU E 175 0.28 37.21 33.39
C GLU E 175 0.01 37.89 32.04
N GLU E 176 1.06 38.39 31.37
CA GLU E 176 0.99 38.92 30.01
C GLU E 176 0.69 37.82 28.98
N MET E 177 1.10 36.57 29.24
CA MET E 177 0.70 35.40 28.45
C MET E 177 -0.75 34.98 28.70
N ILE E 178 -1.20 34.91 29.96
CA ILE E 178 -2.60 34.54 30.22
C ILE E 178 -3.56 35.55 29.54
N GLU E 179 -3.17 36.83 29.47
CA GLU E 179 -3.86 37.86 28.67
C GLU E 179 -3.68 37.71 27.14
N LYS E 180 -2.56 37.16 26.65
CA LYS E 180 -2.43 36.75 25.24
C LYS E 180 -3.50 35.74 24.89
N ILE E 181 -3.66 34.69 25.70
CA ILE E 181 -4.63 33.61 25.41
C ILE E 181 -6.06 34.06 25.67
N ARG E 182 -6.33 34.79 26.77
CA ARG E 182 -7.67 35.31 27.09
C ARG E 182 -8.23 36.26 26.03
N THR E 183 -7.37 37.06 25.39
CA THR E 183 -7.78 37.86 24.23
C THR E 183 -8.03 36.98 23.02
N GLU E 184 -7.12 36.08 22.64
CA GLU E 184 -7.29 35.28 21.42
C GLU E 184 -8.45 34.28 21.48
N ALA E 185 -8.66 33.60 22.62
CA ALA E 185 -9.70 32.57 22.74
C ALA E 185 -11.12 33.15 22.68
N LEU E 186 -11.32 34.41 23.08
CA LEU E 186 -12.62 35.09 22.96
C LEU E 186 -12.75 35.91 21.66
N MET E 187 -11.64 36.39 21.07
CA MET E 187 -11.66 36.87 19.68
C MET E 187 -12.04 35.72 18.71
N THR E 188 -11.62 34.49 19.03
CA THR E 188 -12.06 33.24 18.37
C THR E 188 -13.53 32.94 18.68
N ASN E 189 -13.93 32.92 19.97
CA ASN E 189 -15.29 32.54 20.39
C ASN E 189 -16.40 33.40 19.77
N ASP E 190 -16.17 34.69 19.51
CA ASP E 190 -17.12 35.57 18.81
C ASP E 190 -17.40 35.16 17.35
N ARG E 191 -16.48 34.43 16.69
CA ARG E 191 -16.66 33.92 15.32
C ARG E 191 -17.59 32.69 15.27
N LEU E 192 -17.60 31.88 16.33
CA LEU E 192 -18.63 30.86 16.55
C LEU E 192 -20.00 31.49 16.84
N GLU E 193 -20.06 32.50 17.72
CA GLU E 193 -21.32 33.18 18.04
C GLU E 193 -21.93 33.89 16.83
N ALA E 194 -21.09 34.43 15.93
CA ALA E 194 -21.53 35.04 14.67
C ALA E 194 -22.28 34.05 13.78
N MET E 195 -21.78 32.81 13.65
CA MET E 195 -22.49 31.74 12.93
C MET E 195 -23.71 31.24 13.71
N ALA E 196 -23.63 31.12 15.03
CA ALA E 196 -24.76 30.76 15.87
C ALA E 196 -25.88 31.81 15.90
N ARG E 197 -25.61 33.06 15.49
CA ARG E 197 -26.60 34.12 15.20
C ARG E 197 -27.25 33.99 13.81
N LEU E 198 -26.52 33.48 12.81
CA LEU E 198 -27.06 33.18 11.48
C LEU E 198 -27.93 31.90 11.48
N ARG E 199 -27.61 30.93 12.33
CA ARG E 199 -28.34 29.68 12.55
C ARG E 199 -29.85 29.95 12.78
#